data_4WXX
#
_entry.id   4WXX
#
_cell.length_a   138.568
_cell.length_b   138.568
_cell.length_c   221.536
_cell.angle_alpha   90.00
_cell.angle_beta   90.00
_cell.angle_gamma   90.00
#
_symmetry.space_group_name_H-M   'P 43'
#
loop_
_entity.id
_entity.type
_entity.pdbx_description
1 polymer 'DNA (cytosine-5)-methyltransferase 1'
2 non-polymer 'ZINC ION'
3 non-polymer S-ADENOSYL-L-HOMOCYSTEINE
4 water water
#
_entity_poly.entity_id   1
_entity_poly.type   'polypeptide(L)'
_entity_poly.pdbx_seq_one_letter_code
;SPKCIQCGQYLDDPDLKYGQHPPDAVDEPQMLTNEKLSIFDANESGFESYEALPQHKLTCFSVYCKHGHLCPIDTGLIEK
NIELFFSGSAKPIYDDDPSLEGGVNGKNLGPINEWWITGFDGGEKALIGFSTSFAEYILMDPSPEYAPIFGLMQEKIYIS
KIVVEFLQSNSDSTYEDLINKIETTVPPSGLNLNRFTEDSLLRHAQFVVEQVESYDEAGDSDEQPIFLTPCMRDLIKLAG
VTLGQRRAQARRQTIRHSTREKDRGPTKATTTKLVYQIFDTFFAEQIEKDDREDKENAFKRRRCGVCEVCQQPECGKCKA
CKDMVKFGGSGRSKQACQERRCPNMAMKEADDDEEVDDNIPEMPSPKKMHQGKKKKQNKNRISWVGEAVKTDGKKSYYKK
VCIDAETLEVGDCVSVIPDDSSKPLYLARVTALWEDSSNGQMFHAHWFCAGTDTVLGATSDPLELFLVDECEDMQLSYIH
SKVKVIYKAPSENWAMEGGMDPESLLEGDDGKTYFYQLWYDQDYARFESPPKTQPTEDNKFKFCVSCARLAEMRQKEIPR
VLEQLEDLDSRVLYYSATKNGILYRVGDGVYLPPEAFTFNIKLSSPVKRPRKEPVDEDLYPEHYRKYSDYIKGSNLDAPE
PYRIGRIKEIFCPKKSNGRPNETDIKIRVNKFYRPENTHKSTPASYHADINLLYWSDEEAVVDFKAVQGRCTVEYGEDLP
ECVQVYSMGGPNRFYFLEAYNAKSKSFEDPPNHARSPGNKGKGKGKGKGKPKSQACEPSEPEIEIKLPKLRTLDVFSGCG
GLSEGFHQAGISDTLWAIEMWDPAAQAFRLNNPGSTVFTEDCNILLKLVMAGETTNSRGQRLPQKGDVEMLCGGPPCQGF
SGMNRFNSRTYSKFKNSLVVSFLSYCDYYRPRFFLLENVRNFVSFKRSMVLKLTLRCLVRMGYQCTFGVLQAGQYGVAQT
RRRAIILAAAPGEKLPLFPEPLHVFAPRACQLSVVVDDKKFVSNITRLSSGPFRTITVRDTMSDLPEVRNGASALEISYN
GEPQSWFQRQLRGAQYQPILRDHICKDMSALVAARMRHIPLAPGSDWRDLPNIEVRLSDGTMARKLRYTHHDRKNGRSSS
GALRGVCSCVEAGKACDPAARQFNTLIPWCLPHTGNRHNHWAGLYGRLEWDGFFSTTVTNPEPMGKQGRVLHPEQHRVVS
VRECARSQGFPDTYRLFGNILDKHRQVGNAVPPPLAKAIGLEIKLCMLAKALTRVW
;
_entity_poly.pdbx_strand_id   A,B
#
loop_
_chem_comp.id
_chem_comp.type
_chem_comp.name
_chem_comp.formula
ZN non-polymer 'ZINC ION' 'Zn 2'
#
# COMPACT_ATOMS: atom_id res chain seq x y z
N PRO A 2 12.59 -85.98 -11.41
CA PRO A 2 12.73 -87.33 -10.83
C PRO A 2 13.05 -87.28 -9.35
N LYS A 3 12.03 -87.18 -8.51
CA LYS A 3 12.22 -87.13 -7.07
C LYS A 3 11.58 -88.34 -6.38
N CYS A 4 11.93 -88.57 -5.12
CA CYS A 4 11.33 -89.64 -4.34
C CYS A 4 9.91 -89.28 -3.95
N ILE A 5 9.03 -90.27 -3.92
CA ILE A 5 7.63 -90.04 -3.56
C ILE A 5 7.50 -89.72 -2.08
N GLN A 6 8.44 -90.20 -1.29
CA GLN A 6 8.45 -89.94 0.15
C GLN A 6 9.17 -88.62 0.45
N CYS A 7 10.49 -88.67 0.54
CA CYS A 7 11.27 -87.46 0.73
C CYS A 7 11.38 -86.68 -0.57
N GLY A 8 11.57 -85.37 -0.47
CA GLY A 8 11.59 -84.52 -1.65
C GLY A 8 12.86 -84.61 -2.48
N GLN A 9 13.82 -85.39 -2.02
CA GLN A 9 15.13 -85.49 -2.67
C GLN A 9 15.05 -86.05 -4.08
N TYR A 10 15.93 -85.57 -4.95
CA TYR A 10 16.00 -86.04 -6.33
C TYR A 10 16.69 -87.40 -6.42
N LEU A 11 16.04 -88.34 -7.09
CA LEU A 11 16.57 -89.69 -7.25
C LEU A 11 17.92 -89.68 -7.96
N ASP A 12 17.99 -88.92 -9.06
CA ASP A 12 19.24 -88.75 -9.78
C ASP A 12 19.94 -87.48 -9.32
N ASP A 13 21.12 -87.63 -8.71
CA ASP A 13 21.96 -86.49 -8.33
C ASP A 13 21.29 -85.63 -7.23
N PRO A 14 22.06 -84.71 -6.60
CA PRO A 14 23.50 -84.44 -6.77
C PRO A 14 24.35 -85.48 -6.06
N ASP A 15 24.22 -85.57 -4.73
CA ASP A 15 24.96 -86.54 -3.93
C ASP A 15 24.03 -87.25 -2.95
N LEU A 16 23.24 -88.20 -3.45
CA LEU A 16 22.36 -88.97 -2.57
C LEU A 16 23.15 -90.05 -1.82
N LYS A 17 22.47 -90.72 -0.89
CA LYS A 17 23.09 -91.78 -0.10
C LYS A 17 22.04 -92.71 0.49
N TYR A 18 22.42 -93.98 0.64
CA TYR A 18 21.50 -94.98 1.19
C TYR A 18 22.03 -95.53 2.50
N GLY A 19 21.26 -96.43 3.13
CA GLY A 19 21.61 -96.96 4.43
C GLY A 19 22.45 -98.22 4.40
N GLN A 20 23.12 -98.51 5.51
CA GLN A 20 23.96 -99.69 5.61
C GLN A 20 23.83 -100.32 7.00
N HIS A 21 23.38 -101.56 7.03
CA HIS A 21 23.18 -102.29 8.28
C HIS A 21 24.02 -103.56 8.32
N PRO A 22 24.52 -103.94 9.51
CA PRO A 22 25.36 -105.13 9.71
C PRO A 22 24.88 -106.46 9.09
N PRO A 23 23.55 -106.77 9.06
CA PRO A 23 22.37 -106.12 9.64
C PRO A 23 21.81 -106.86 10.85
N ASP A 24 20.96 -106.20 11.63
CA ASP A 24 20.36 -106.84 12.82
C ASP A 24 18.87 -106.53 13.03
N ALA A 25 18.49 -106.24 14.28
CA ALA A 25 17.08 -106.14 14.66
C ALA A 25 16.44 -104.76 14.49
N VAL A 26 15.11 -104.77 14.50
CA VAL A 26 14.22 -103.60 14.42
C VAL A 26 13.46 -103.35 15.75
N ASP A 27 12.91 -102.15 15.94
CA ASP A 27 12.32 -101.67 17.21
C ASP A 27 11.28 -102.62 17.81
N GLU A 28 11.31 -102.67 19.16
CA GLU A 28 10.51 -103.50 20.08
C GLU A 28 11.44 -104.50 20.79
N PRO A 29 12.41 -105.09 20.06
CA PRO A 29 13.58 -105.66 20.73
C PRO A 29 14.39 -104.67 21.61
N GLN A 30 13.70 -104.06 22.56
CA GLN A 30 14.32 -103.26 23.62
C GLN A 30 14.53 -104.15 24.84
N MET A 31 15.35 -105.18 24.66
CA MET A 31 15.45 -106.24 25.66
C MET A 31 16.88 -106.58 26.07
N LEU A 32 17.84 -106.43 25.15
CA LEU A 32 19.21 -106.88 25.38
C LEU A 32 19.82 -106.32 26.67
N THR A 33 20.11 -105.03 26.67
CA THR A 33 20.64 -104.36 27.86
C THR A 33 19.64 -103.31 28.33
N ASN A 34 18.88 -102.77 27.37
CA ASN A 34 17.93 -101.70 27.64
C ASN A 34 16.89 -102.06 28.70
N GLU A 35 16.35 -103.27 28.61
CA GLU A 35 15.43 -103.75 29.64
C GLU A 35 16.16 -103.92 30.95
N LYS A 36 15.66 -103.28 32.01
CA LYS A 36 16.30 -103.36 33.32
C LYS A 36 15.34 -102.94 34.43
N ALA A 52 7.50 -90.98 31.80
CA ALA A 52 6.51 -91.97 31.42
C ALA A 52 7.12 -93.02 30.48
N LEU A 53 7.69 -92.55 29.38
CA LEU A 53 8.32 -93.45 28.41
C LEU A 53 9.77 -93.74 28.76
N PRO A 54 10.29 -94.89 28.32
CA PRO A 54 11.71 -95.23 28.51
C PRO A 54 12.62 -94.31 27.71
N GLN A 55 13.86 -94.17 28.16
CA GLN A 55 14.86 -93.37 27.46
C GLN A 55 16.18 -94.11 27.32
N HIS A 56 16.77 -94.02 26.13
CA HIS A 56 18.08 -94.63 25.89
C HIS A 56 18.93 -93.71 25.02
N LYS A 57 20.18 -94.09 24.81
CA LYS A 57 21.05 -93.36 23.92
C LYS A 57 21.20 -94.10 22.59
N LEU A 58 21.60 -93.38 21.56
CA LEU A 58 21.74 -93.97 20.23
C LEU A 58 22.95 -93.38 19.51
N THR A 59 23.94 -94.21 19.23
CA THR A 59 25.14 -93.76 18.54
C THR A 59 25.26 -94.43 17.17
N CYS A 60 26.12 -93.86 16.32
CA CYS A 60 26.29 -94.31 14.94
C CYS A 60 24.93 -94.39 14.24
N PHE A 61 24.18 -93.30 14.34
CA PHE A 61 22.80 -93.27 13.86
C PHE A 61 22.68 -92.80 12.41
N SER A 62 21.54 -93.07 11.81
CA SER A 62 21.24 -92.64 10.45
C SER A 62 19.74 -92.53 10.25
N VAL A 63 19.29 -91.41 9.69
CA VAL A 63 17.87 -91.21 9.42
C VAL A 63 17.56 -91.44 7.95
N TYR A 64 16.42 -92.04 7.64
CA TYR A 64 16.05 -92.31 6.26
C TYR A 64 14.54 -92.42 6.05
N CYS A 65 14.12 -92.35 4.78
CA CYS A 65 12.72 -92.48 4.41
C CYS A 65 12.37 -93.94 4.17
N LYS A 66 11.18 -94.18 3.63
CA LYS A 66 10.70 -95.54 3.38
C LYS A 66 11.44 -96.19 2.22
N HIS A 67 12.14 -95.39 1.43
CA HIS A 67 12.89 -95.91 0.29
C HIS A 67 14.39 -95.95 0.56
N GLY A 68 14.80 -95.52 1.74
CA GLY A 68 16.16 -95.68 2.18
C GLY A 68 17.14 -94.59 1.76
N HIS A 69 16.65 -93.38 1.55
CA HIS A 69 17.52 -92.24 1.29
C HIS A 69 17.87 -91.56 2.61
N LEU A 70 19.14 -91.20 2.80
CA LEU A 70 19.53 -90.48 4.00
C LEU A 70 18.93 -89.08 3.99
N CYS A 71 18.01 -88.83 4.92
CA CYS A 71 17.27 -87.57 4.95
C CYS A 71 17.61 -86.71 6.16
N PRO A 72 17.60 -85.37 5.97
CA PRO A 72 17.66 -84.45 7.10
C PRO A 72 16.30 -84.37 7.80
N ILE A 73 16.31 -84.16 9.11
CA ILE A 73 15.07 -84.17 9.89
C ILE A 73 14.54 -82.75 10.14
N ASP A 74 15.11 -81.78 9.45
CA ASP A 74 14.82 -80.37 9.75
C ASP A 74 14.25 -79.58 8.59
N THR A 75 13.69 -80.26 7.60
CA THR A 75 13.14 -79.57 6.43
C THR A 75 11.61 -79.70 6.35
N GLY A 76 11.01 -80.23 7.41
CA GLY A 76 9.55 -80.26 7.51
C GLY A 76 8.89 -81.54 7.06
N LEU A 77 9.68 -82.58 6.83
CA LEU A 77 9.15 -83.87 6.38
C LEU A 77 8.27 -84.52 7.44
N ILE A 78 8.74 -84.49 8.69
CA ILE A 78 8.02 -85.07 9.81
C ILE A 78 6.67 -84.39 10.03
N GLU A 79 6.65 -83.07 9.90
CA GLU A 79 5.46 -82.28 10.16
C GLU A 79 4.47 -82.31 9.01
N LYS A 80 4.94 -82.78 7.85
CA LYS A 80 4.07 -82.99 6.69
C LYS A 80 3.57 -84.43 6.74
N ASN A 81 3.95 -85.11 7.82
CA ASN A 81 3.53 -86.48 8.14
C ASN A 81 4.15 -87.52 7.25
N ILE A 82 5.23 -87.16 6.56
CA ILE A 82 6.05 -88.15 5.88
C ILE A 82 6.86 -88.90 6.92
N GLU A 83 6.71 -90.22 6.96
CA GLU A 83 7.33 -91.03 7.99
C GLU A 83 8.84 -91.19 7.79
N LEU A 84 9.60 -90.60 8.71
CA LEU A 84 11.06 -90.76 8.70
C LEU A 84 11.48 -91.82 9.72
N PHE A 85 12.25 -92.79 9.26
CA PHE A 85 12.74 -93.84 10.14
C PHE A 85 14.23 -93.67 10.37
N PHE A 86 14.79 -94.45 11.29
CA PHE A 86 16.21 -94.33 11.62
C PHE A 86 16.80 -95.62 12.16
N SER A 87 18.13 -95.68 12.19
CA SER A 87 18.85 -96.86 12.66
C SER A 87 20.02 -96.45 13.54
N GLY A 88 20.83 -97.44 13.93
CA GLY A 88 21.96 -97.20 14.80
C GLY A 88 22.01 -98.20 15.95
N SER A 89 22.94 -98.01 16.86
CA SER A 89 23.08 -98.92 18.01
C SER A 89 22.62 -98.24 19.29
N ALA A 90 21.65 -98.85 19.96
CA ALA A 90 21.11 -98.29 21.20
C ALA A 90 22.00 -98.63 22.39
N LYS A 91 22.04 -97.74 23.36
CA LYS A 91 22.85 -97.92 24.56
C LYS A 91 22.04 -97.59 25.81
N PRO A 92 22.47 -98.08 26.99
CA PRO A 92 21.84 -97.63 28.23
C PRO A 92 21.96 -96.11 28.40
N ILE A 93 20.95 -95.50 29.00
CA ILE A 93 20.88 -94.04 29.05
C ILE A 93 22.06 -93.41 29.79
N TYR A 94 22.65 -94.15 30.74
CA TYR A 94 23.74 -93.62 31.54
C TYR A 94 25.09 -93.73 30.83
N ASP A 95 25.09 -94.35 29.65
CA ASP A 95 26.32 -94.53 28.90
C ASP A 95 26.77 -93.22 28.25
N ASP A 96 28.07 -92.94 28.29
CA ASP A 96 28.63 -91.73 27.71
C ASP A 96 29.61 -92.06 26.60
N ASP A 97 29.87 -93.35 26.41
CA ASP A 97 30.79 -93.82 25.40
C ASP A 97 30.08 -93.98 24.06
N PRO A 98 30.52 -93.21 23.04
CA PRO A 98 29.91 -93.21 21.71
C PRO A 98 30.42 -94.31 20.78
N SER A 99 31.07 -95.32 21.35
CA SER A 99 31.99 -96.16 20.58
C SER A 99 31.47 -97.47 19.98
N LEU A 100 30.19 -97.78 20.23
CA LEU A 100 29.46 -98.94 19.63
C LEU A 100 29.70 -100.24 20.42
N GLU A 101 30.66 -100.19 21.35
CA GLU A 101 31.33 -101.38 21.89
C GLU A 101 30.48 -102.66 22.16
N GLY A 102 29.41 -102.62 22.96
CA GLY A 102 28.90 -101.43 23.63
C GLY A 102 27.40 -101.30 23.53
N GLY A 103 26.87 -101.41 22.31
CA GLY A 103 25.46 -101.21 22.07
C GLY A 103 24.77 -102.30 21.28
N VAL A 104 23.44 -102.20 21.22
CA VAL A 104 22.62 -103.14 20.48
C VAL A 104 22.15 -102.52 19.16
N ASN A 105 22.53 -103.17 18.06
CA ASN A 105 22.21 -102.67 16.73
C ASN A 105 20.73 -102.75 16.43
N GLY A 106 20.15 -101.58 16.20
CA GLY A 106 18.77 -101.48 15.78
C GLY A 106 18.62 -100.97 14.36
N LYS A 107 17.43 -101.17 13.81
CA LYS A 107 17.09 -100.80 12.45
C LYS A 107 15.68 -100.24 12.46
N ASN A 108 15.22 -99.81 11.29
CA ASN A 108 13.89 -99.24 10.99
C ASN A 108 13.13 -98.72 12.20
N LEU A 109 13.82 -97.97 13.06
CA LEU A 109 13.20 -97.45 14.26
C LEU A 109 12.29 -96.29 13.90
N GLY A 110 11.16 -96.17 14.58
CA GLY A 110 10.26 -95.06 14.34
C GLY A 110 8.85 -95.45 13.92
N PRO A 111 8.17 -94.58 13.16
CA PRO A 111 8.67 -93.30 12.63
C PRO A 111 8.84 -92.22 13.70
N ILE A 112 9.68 -91.23 13.41
CA ILE A 112 9.96 -90.16 14.36
C ILE A 112 8.75 -89.26 14.59
N ASN A 113 8.42 -89.04 15.85
CA ASN A 113 7.33 -88.15 16.23
C ASN A 113 7.85 -86.74 16.46
N GLU A 114 8.39 -86.50 17.66
CA GLU A 114 9.05 -85.24 17.94
C GLU A 114 10.55 -85.37 17.74
N TRP A 115 11.21 -84.23 17.54
CA TRP A 115 12.65 -84.14 17.68
C TRP A 115 12.96 -82.80 18.31
N TRP A 116 13.93 -82.76 19.21
CA TRP A 116 14.22 -81.53 19.93
C TRP A 116 15.69 -81.45 20.34
N ILE A 117 16.13 -80.24 20.64
CA ILE A 117 17.49 -80.02 21.12
C ILE A 117 17.53 -80.10 22.63
N THR A 118 18.25 -81.09 23.15
CA THR A 118 18.32 -81.31 24.59
C THR A 118 19.35 -80.39 25.24
N GLY A 119 20.05 -79.61 24.42
CA GLY A 119 21.06 -78.70 24.90
C GLY A 119 22.35 -78.79 24.12
N PHE A 120 23.37 -78.08 24.59
CA PHE A 120 24.68 -78.08 23.95
C PHE A 120 25.75 -78.61 24.88
N ASP A 121 26.68 -79.40 24.34
CA ASP A 121 27.84 -79.80 25.13
C ASP A 121 28.88 -78.69 25.09
N GLY A 122 30.08 -78.97 25.59
CA GLY A 122 31.14 -78.00 25.59
C GLY A 122 32.35 -78.45 24.80
N GLY A 123 32.36 -78.15 23.50
CA GLY A 123 31.29 -77.43 22.85
C GLY A 123 31.63 -77.13 21.39
N GLU A 124 30.65 -76.67 20.63
CA GLU A 124 29.28 -76.47 21.11
C GLU A 124 28.29 -77.25 20.27
N LYS A 125 28.48 -78.57 20.19
CA LYS A 125 27.60 -79.43 19.42
C LYS A 125 26.22 -79.53 20.07
N ALA A 126 25.17 -79.33 19.28
CA ALA A 126 23.80 -79.46 19.78
C ALA A 126 23.46 -80.92 20.00
N LEU A 127 22.78 -81.21 21.11
CA LEU A 127 22.43 -82.57 21.47
C LEU A 127 20.94 -82.83 21.21
N ILE A 128 20.66 -83.62 20.18
CA ILE A 128 19.31 -83.83 19.70
C ILE A 128 18.72 -85.15 20.22
N GLY A 129 17.42 -85.15 20.52
CA GLY A 129 16.72 -86.35 20.94
C GLY A 129 15.54 -86.71 20.05
N PHE A 130 15.37 -88.00 19.78
CA PHE A 130 14.23 -88.50 19.03
C PHE A 130 13.13 -88.99 19.98
N SER A 131 11.98 -89.35 19.41
CA SER A 131 10.91 -89.96 20.17
C SER A 131 10.03 -90.80 19.26
N THR A 132 10.04 -92.11 19.49
CA THR A 132 9.16 -93.02 18.76
C THR A 132 7.88 -93.25 19.57
N SER A 133 7.03 -94.14 19.07
CA SER A 133 5.82 -94.51 19.79
C SER A 133 6.19 -95.40 20.98
N PHE A 134 7.41 -95.92 20.96
CA PHE A 134 7.90 -96.82 22.00
C PHE A 134 8.70 -96.06 23.06
N ALA A 135 9.87 -95.56 22.67
CA ALA A 135 10.79 -94.93 23.62
C ALA A 135 11.31 -93.59 23.12
N GLU A 136 12.26 -93.03 23.87
CA GLU A 136 12.93 -91.79 23.48
C GLU A 136 14.43 -92.04 23.37
N TYR A 137 15.08 -91.33 22.45
CA TYR A 137 16.48 -91.60 22.14
C TYR A 137 17.32 -90.33 22.10
N ILE A 138 18.33 -90.26 22.96
CA ILE A 138 19.28 -89.15 22.95
C ILE A 138 20.48 -89.52 22.10
N LEU A 139 20.70 -88.77 21.02
CA LEU A 139 21.72 -89.11 20.04
C LEU A 139 23.13 -88.83 20.53
N MET A 140 24.10 -89.54 19.94
CA MET A 140 25.50 -89.34 20.26
C MET A 140 26.28 -88.96 19.01
N ASP A 141 27.01 -89.92 18.45
CA ASP A 141 27.72 -89.69 17.19
C ASP A 141 26.96 -90.31 16.03
N PRO A 142 26.95 -89.63 14.87
CA PRO A 142 26.29 -90.16 13.68
C PRO A 142 27.13 -91.22 12.99
N SER A 143 26.49 -92.06 12.17
CA SER A 143 27.21 -93.02 11.35
C SER A 143 28.03 -92.25 10.33
N PRO A 144 29.14 -92.84 9.85
CA PRO A 144 29.99 -92.17 8.86
C PRO A 144 29.22 -91.80 7.59
N GLU A 145 28.15 -92.55 7.31
CA GLU A 145 27.30 -92.27 6.16
C GLU A 145 26.46 -91.02 6.40
N TYR A 146 25.95 -90.88 7.62
CA TYR A 146 25.04 -89.79 7.97
C TYR A 146 25.76 -88.58 8.53
N ALA A 147 27.08 -88.70 8.67
CA ALA A 147 27.90 -87.61 9.22
C ALA A 147 27.74 -86.26 8.51
N PRO A 148 27.76 -86.22 7.16
CA PRO A 148 27.63 -84.90 6.53
C PRO A 148 26.25 -84.27 6.70
N ILE A 149 25.20 -85.08 6.66
CA ILE A 149 23.84 -84.58 6.85
C ILE A 149 23.68 -83.99 8.25
N PHE A 150 24.21 -84.70 9.24
CA PHE A 150 24.14 -84.28 10.62
C PHE A 150 25.00 -83.02 10.85
N GLY A 151 26.03 -82.86 10.04
CA GLY A 151 26.91 -81.71 10.13
C GLY A 151 26.24 -80.43 9.67
N LEU A 152 25.39 -80.54 8.65
CA LEU A 152 24.65 -79.40 8.14
C LEU A 152 23.59 -78.95 9.14
N MET A 153 22.89 -79.92 9.73
CA MET A 153 21.91 -79.64 10.77
C MET A 153 22.60 -79.02 11.98
N GLN A 154 23.82 -79.47 12.23
CA GLN A 154 24.64 -78.93 13.29
C GLN A 154 25.01 -77.48 12.98
N GLU A 155 25.21 -77.20 11.69
CA GLU A 155 25.55 -75.86 11.23
C GLU A 155 24.34 -74.94 11.27
N LYS A 156 23.18 -75.49 10.91
CA LYS A 156 21.92 -74.74 10.95
C LYS A 156 21.63 -74.21 12.35
N ILE A 157 21.72 -75.10 13.33
CA ILE A 157 21.37 -74.79 14.71
C ILE A 157 22.29 -73.74 15.32
N TYR A 158 23.60 -73.89 15.10
CA TYR A 158 24.56 -72.96 15.67
C TYR A 158 24.42 -71.56 15.08
N ILE A 159 24.34 -71.50 13.76
CA ILE A 159 24.20 -70.22 13.05
C ILE A 159 22.93 -69.50 13.49
N SER A 160 21.83 -70.24 13.60
CA SER A 160 20.55 -69.68 14.03
C SER A 160 20.64 -69.15 15.46
N LYS A 161 21.43 -69.82 16.30
CA LYS A 161 21.59 -69.39 17.68
C LYS A 161 22.37 -68.08 17.77
N ILE A 162 23.37 -67.96 16.90
CA ILE A 162 24.19 -66.74 16.85
C ILE A 162 23.36 -65.56 16.37
N VAL A 163 22.54 -65.79 15.36
CA VAL A 163 21.68 -64.75 14.80
C VAL A 163 20.72 -64.19 15.84
N VAL A 164 20.02 -65.10 16.53
CA VAL A 164 19.06 -64.71 17.57
C VAL A 164 19.72 -63.86 18.65
N GLU A 165 20.85 -64.34 19.16
CA GLU A 165 21.58 -63.61 20.20
C GLU A 165 22.12 -62.29 19.66
N PHE A 166 22.42 -62.25 18.37
CA PHE A 166 22.91 -61.04 17.73
C PHE A 166 21.82 -59.99 17.60
N LEU A 167 20.63 -60.44 17.21
CA LEU A 167 19.50 -59.54 17.00
C LEU A 167 18.98 -58.96 18.33
N GLN A 168 19.22 -59.67 19.42
CA GLN A 168 18.81 -59.20 20.74
C GLN A 168 19.69 -58.05 21.22
N SER A 169 20.91 -57.97 20.68
CA SER A 169 21.88 -56.97 21.10
C SER A 169 21.65 -55.63 20.41
N ASN A 170 20.99 -55.67 19.26
CA ASN A 170 20.77 -54.46 18.47
C ASN A 170 19.61 -54.66 17.49
N SER A 171 18.65 -53.74 17.52
CA SER A 171 17.46 -53.85 16.67
C SER A 171 17.60 -53.06 15.38
N ASP A 172 18.77 -52.48 15.16
CA ASP A 172 18.98 -51.60 14.01
C ASP A 172 20.00 -52.13 13.02
N SER A 173 20.62 -53.27 13.36
CA SER A 173 21.70 -53.83 12.55
C SER A 173 21.28 -54.12 11.11
N THR A 174 22.14 -53.74 10.17
CA THR A 174 21.84 -53.90 8.75
C THR A 174 22.36 -55.23 8.23
N TYR A 175 22.12 -55.50 6.94
CA TYR A 175 22.49 -56.75 6.31
C TYR A 175 24.00 -57.01 6.39
N GLU A 176 24.79 -55.96 6.15
CA GLU A 176 26.24 -56.08 6.16
C GLU A 176 26.78 -56.24 7.58
N ASP A 177 26.02 -55.75 8.56
CA ASP A 177 26.36 -55.97 9.97
C ASP A 177 26.20 -57.44 10.32
N LEU A 178 25.13 -58.05 9.81
CA LEU A 178 24.83 -59.44 10.06
C LEU A 178 25.89 -60.37 9.48
N ILE A 179 26.27 -60.12 8.23
CA ILE A 179 27.31 -60.90 7.56
C ILE A 179 28.62 -60.86 8.32
N ASN A 180 29.00 -59.66 8.76
CA ASN A 180 30.23 -59.48 9.53
C ASN A 180 30.22 -60.27 10.82
N LYS A 181 29.05 -60.35 11.46
CA LYS A 181 28.89 -61.13 12.68
C LYS A 181 29.11 -62.61 12.38
N ILE A 182 28.49 -63.08 11.30
CA ILE A 182 28.62 -64.47 10.88
C ILE A 182 30.06 -64.82 10.51
N GLU A 183 30.72 -63.92 9.80
CA GLU A 183 32.08 -64.15 9.32
C GLU A 183 33.12 -64.11 10.43
N THR A 184 32.83 -63.39 11.50
CA THR A 184 33.77 -63.28 12.61
C THR A 184 33.47 -64.31 13.70
N THR A 185 32.39 -65.05 13.51
CA THR A 185 32.03 -66.10 14.46
C THR A 185 32.83 -67.37 14.19
N VAL A 186 33.60 -67.80 15.18
CA VAL A 186 34.40 -69.00 15.06
C VAL A 186 33.52 -70.25 15.14
N PRO A 187 33.47 -71.02 14.05
CA PRO A 187 32.67 -72.25 14.02
C PRO A 187 33.19 -73.27 15.02
N PRO A 188 32.27 -73.97 15.71
CA PRO A 188 32.65 -74.98 16.71
C PRO A 188 33.51 -76.09 16.10
N SER A 189 34.31 -76.75 16.94
CA SER A 189 35.23 -77.77 16.47
C SER A 189 34.50 -78.99 15.89
N GLY A 190 33.26 -79.18 16.32
CA GLY A 190 32.43 -80.27 15.80
C GLY A 190 32.30 -80.21 14.30
N LEU A 191 32.15 -78.98 13.78
CA LEU A 191 32.20 -78.76 12.35
C LEU A 191 33.64 -78.53 11.92
N ASN A 192 34.06 -79.19 10.85
CA ASN A 192 35.43 -79.04 10.39
C ASN A 192 35.59 -77.85 9.45
N LEU A 193 34.78 -76.82 9.67
CA LEU A 193 34.95 -75.54 9.00
C LEU A 193 35.84 -74.66 9.87
N ASN A 194 36.60 -73.78 9.25
CA ASN A 194 37.42 -72.84 10.00
C ASN A 194 36.88 -71.42 9.90
N ARG A 195 35.78 -71.27 9.17
CA ARG A 195 35.12 -69.97 9.02
C ARG A 195 33.71 -70.12 8.43
N PHE A 196 32.82 -69.21 8.84
CA PHE A 196 31.52 -69.09 8.20
C PHE A 196 31.59 -68.02 7.12
N THR A 197 30.64 -68.05 6.19
CA THR A 197 30.57 -67.04 5.14
C THR A 197 29.14 -66.56 4.93
N GLU A 198 28.97 -65.63 4.00
CA GLU A 198 27.64 -65.15 3.62
C GLU A 198 26.83 -66.32 3.06
N ASP A 199 27.51 -67.19 2.33
CA ASP A 199 26.87 -68.36 1.75
C ASP A 199 26.34 -69.30 2.82
N SER A 200 27.02 -69.33 3.97
CA SER A 200 26.60 -70.17 5.09
C SER A 200 25.24 -69.73 5.62
N LEU A 201 24.99 -68.42 5.57
CA LEU A 201 23.73 -67.88 6.06
C LEU A 201 22.60 -68.10 5.05
N LEU A 202 22.88 -67.79 3.79
CA LEU A 202 21.89 -67.97 2.72
C LEU A 202 21.54 -69.44 2.54
N ARG A 203 22.50 -70.30 2.82
CA ARG A 203 22.32 -71.75 2.77
C ARG A 203 21.22 -72.20 3.71
N HIS A 204 21.19 -71.62 4.91
CA HIS A 204 20.26 -72.04 5.95
C HIS A 204 19.27 -70.94 6.32
N ALA A 205 19.00 -70.04 5.37
CA ALA A 205 18.14 -68.88 5.63
C ALA A 205 16.76 -69.28 6.13
N GLN A 206 16.15 -70.28 5.50
CA GLN A 206 14.82 -70.72 5.87
C GLN A 206 14.75 -71.20 7.32
N PHE A 207 15.70 -72.04 7.71
CA PHE A 207 15.73 -72.57 9.07
C PHE A 207 16.02 -71.47 10.09
N VAL A 208 16.99 -70.63 9.78
CA VAL A 208 17.42 -69.56 10.69
C VAL A 208 16.27 -68.60 10.99
N VAL A 209 15.58 -68.14 9.95
CA VAL A 209 14.45 -67.22 10.12
C VAL A 209 13.32 -67.86 10.93
N GLU A 210 13.10 -69.14 10.72
CA GLU A 210 12.09 -69.88 11.47
C GLU A 210 12.39 -69.86 12.97
N GLN A 211 13.66 -70.02 13.31
CA GLN A 211 14.09 -69.93 14.70
C GLN A 211 13.92 -68.51 15.20
N VAL A 212 14.27 -67.56 14.34
CA VAL A 212 14.13 -66.14 14.64
C VAL A 212 12.66 -65.79 14.89
N GLU A 213 11.77 -66.32 14.07
CA GLU A 213 10.34 -66.13 14.26
C GLU A 213 9.85 -66.73 15.57
N SER A 214 10.33 -67.94 15.88
CA SER A 214 9.87 -68.66 17.05
C SER A 214 10.38 -68.06 18.36
N TYR A 215 11.38 -67.19 18.26
CA TYR A 215 11.87 -66.47 19.43
C TYR A 215 10.82 -65.50 19.92
N ASP A 216 10.17 -64.81 18.98
CA ASP A 216 9.12 -63.85 19.29
C ASP A 216 7.83 -64.52 19.72
N GLU A 217 7.40 -65.52 18.95
CA GLU A 217 6.13 -66.20 19.19
C GLU A 217 6.04 -66.70 20.63
N ALA A 218 7.17 -67.12 21.18
CA ALA A 218 7.23 -67.57 22.56
C ALA A 218 7.04 -66.42 23.54
N GLY A 219 7.65 -65.27 23.21
CA GLY A 219 7.60 -64.11 24.10
C GLY A 219 6.83 -62.94 23.53
N ASP A 220 5.54 -62.88 23.82
CA ASP A 220 4.66 -61.89 23.21
C ASP A 220 4.69 -60.53 23.92
N SER A 221 4.67 -59.46 23.12
CA SER A 221 4.77 -58.11 23.65
C SER A 221 4.11 -57.12 22.70
N ASP A 222 4.51 -55.86 22.79
CA ASP A 222 4.01 -54.84 21.86
C ASP A 222 5.17 -54.31 21.02
N GLU A 223 6.38 -54.60 21.46
CA GLU A 223 7.59 -54.17 20.77
C GLU A 223 7.75 -54.89 19.44
N GLN A 224 8.58 -54.33 18.56
CA GLN A 224 8.86 -54.90 17.25
C GLN A 224 9.43 -56.30 17.38
N PRO A 225 8.84 -57.27 16.65
CA PRO A 225 9.38 -58.64 16.65
C PRO A 225 10.79 -58.68 16.09
N ILE A 226 11.56 -59.67 16.53
CA ILE A 226 12.98 -59.75 16.26
C ILE A 226 13.30 -59.99 14.78
N PHE A 227 12.30 -60.42 14.01
CA PHE A 227 12.52 -60.73 12.60
C PHE A 227 12.31 -59.52 11.68
N LEU A 228 11.85 -58.42 12.26
CA LEU A 228 11.66 -57.20 11.47
C LEU A 228 12.89 -56.31 11.53
N THR A 229 13.97 -56.85 12.11
CA THR A 229 15.28 -56.21 12.06
C THR A 229 15.69 -56.10 10.60
N PRO A 230 16.19 -54.92 10.18
CA PRO A 230 16.58 -54.65 8.79
C PRO A 230 17.36 -55.77 8.11
N CYS A 231 18.34 -56.34 8.81
CA CYS A 231 19.15 -57.41 8.23
C CYS A 231 18.32 -58.66 7.96
N MET A 232 17.36 -58.94 8.84
CA MET A 232 16.49 -60.09 8.68
C MET A 232 15.53 -59.88 7.52
N ARG A 233 14.99 -58.67 7.41
CA ARG A 233 14.05 -58.35 6.34
C ARG A 233 14.70 -58.46 4.96
N ASP A 234 15.97 -58.07 4.89
CA ASP A 234 16.72 -58.18 3.63
C ASP A 234 17.04 -59.63 3.32
N LEU A 235 17.35 -60.41 4.37
CA LEU A 235 17.64 -61.83 4.22
C LEU A 235 16.41 -62.59 3.73
N ILE A 236 15.25 -62.24 4.28
CA ILE A 236 13.98 -62.86 3.90
C ILE A 236 13.62 -62.52 2.45
N LYS A 237 14.15 -61.39 1.97
CA LYS A 237 13.91 -60.97 0.59
C LYS A 237 14.96 -61.52 -0.37
N LEU A 238 16.23 -61.42 0.02
CA LEU A 238 17.33 -61.91 -0.79
C LEU A 238 17.16 -63.41 -1.02
N ALA A 239 17.32 -64.19 0.04
CA ALA A 239 16.91 -65.58 0.02
C ALA A 239 15.39 -65.61 0.02
N GLY A 240 14.80 -66.66 -0.55
CA GLY A 240 13.35 -66.73 -0.64
C GLY A 240 12.68 -67.41 0.53
N VAL A 241 12.75 -66.78 1.69
CA VAL A 241 12.24 -67.37 2.93
C VAL A 241 10.72 -67.28 3.04
N THR A 242 10.09 -68.42 3.33
CA THR A 242 8.66 -68.46 3.58
C THR A 242 8.38 -68.22 5.06
N LEU A 243 7.57 -67.21 5.35
CA LEU A 243 7.32 -66.80 6.74
C LEU A 243 6.07 -67.45 7.34
N GLY A 244 6.03 -67.48 8.67
CA GLY A 244 4.84 -67.91 9.39
C GLY A 244 4.59 -69.40 9.44
N GLN A 245 5.42 -70.12 10.20
CA GLN A 245 5.23 -71.56 10.38
C GLN A 245 6.09 -72.15 11.49
N ARG A 246 5.45 -72.97 12.33
CA ARG A 246 6.07 -73.92 13.28
C ARG A 246 7.04 -73.35 14.34
N ARG A 247 7.02 -74.00 15.50
CA ARG A 247 7.89 -73.64 16.63
C ARG A 247 7.82 -74.72 17.71
N ALA A 248 8.66 -75.75 17.58
CA ALA A 248 8.51 -76.95 18.39
C ALA A 248 9.76 -77.39 19.18
N GLN A 249 10.91 -76.86 18.81
CA GLN A 249 12.20 -77.44 19.22
C GLN A 249 12.62 -77.20 20.67
N ALA A 250 11.86 -76.39 21.39
CA ALA A 250 12.34 -75.79 22.65
C ALA A 250 12.56 -76.74 23.84
N ARG A 251 11.54 -77.54 24.17
CA ARG A 251 11.41 -78.20 25.47
C ARG A 251 11.17 -77.15 26.56
N ARG A 252 10.00 -76.50 26.47
CA ARG A 252 9.64 -75.36 27.29
C ARG A 252 10.63 -74.20 27.12
N GLN A 253 10.48 -73.17 27.95
CA GLN A 253 11.29 -71.95 27.89
C GLN A 253 11.13 -71.21 26.57
N THR A 267 21.19 -43.70 26.72
CA THR A 267 20.23 -43.68 25.62
C THR A 267 18.99 -42.87 25.99
N LYS A 268 19.06 -42.22 27.14
CA LYS A 268 17.99 -41.33 27.61
C LYS A 268 18.49 -39.89 27.65
N ALA A 269 17.71 -38.98 27.07
CA ALA A 269 18.18 -37.62 26.81
C ALA A 269 18.37 -36.76 28.06
N THR A 270 19.49 -36.04 28.09
CA THR A 270 19.72 -34.98 29.06
C THR A 270 19.15 -33.69 28.50
N THR A 271 18.19 -33.10 29.22
CA THR A 271 17.46 -31.96 28.68
C THR A 271 17.45 -30.74 29.58
N THR A 272 17.25 -29.57 28.98
CA THR A 272 16.96 -28.36 29.73
C THR A 272 15.45 -28.33 29.96
N LYS A 273 15.01 -27.52 30.92
CA LYS A 273 13.60 -27.42 31.25
C LYS A 273 12.76 -27.03 30.04
N LEU A 274 13.27 -26.07 29.27
CA LEU A 274 12.57 -25.56 28.10
C LEU A 274 12.36 -26.63 27.04
N VAL A 275 13.43 -27.35 26.69
CA VAL A 275 13.35 -28.39 25.68
C VAL A 275 12.47 -29.55 26.13
N TYR A 276 12.65 -29.98 27.38
CA TYR A 276 11.83 -31.04 27.95
C TYR A 276 10.35 -30.68 27.91
N GLN A 277 10.05 -29.45 28.32
CA GLN A 277 8.68 -28.95 28.38
C GLN A 277 7.99 -28.98 27.02
N ILE A 278 8.76 -28.70 25.97
CA ILE A 278 8.22 -28.69 24.61
C ILE A 278 7.76 -30.07 24.17
N PHE A 279 8.61 -31.07 24.36
CA PHE A 279 8.31 -32.44 23.93
C PHE A 279 7.39 -33.15 24.91
N ASP A 280 7.35 -32.68 26.15
CA ASP A 280 6.47 -33.27 27.15
C ASP A 280 5.04 -32.80 26.95
N THR A 281 4.88 -31.51 26.68
CA THR A 281 3.55 -30.94 26.43
C THR A 281 2.97 -31.47 25.13
N PHE A 282 3.83 -31.66 24.13
CA PHE A 282 3.37 -32.22 22.86
C PHE A 282 2.86 -33.63 23.07
N PHE A 283 3.55 -34.39 23.93
CA PHE A 283 3.08 -35.71 24.27
C PHE A 283 1.67 -35.53 24.79
N ALA A 284 1.54 -35.05 26.03
CA ALA A 284 0.24 -34.90 26.71
C ALA A 284 -0.93 -34.40 25.86
N GLU A 285 -0.64 -33.53 24.89
CA GLU A 285 -1.70 -32.96 24.05
C GLU A 285 -1.86 -33.72 22.73
N GLN A 286 -1.02 -34.71 22.51
CA GLN A 286 -1.09 -35.56 21.32
C GLN A 286 -0.61 -36.99 21.59
N ILE A 287 -1.37 -37.78 22.37
CA ILE A 287 -0.91 -39.14 22.75
C ILE A 287 -1.67 -40.22 22.00
N GLU A 288 -2.99 -40.24 22.07
CA GLU A 288 -3.77 -41.29 21.41
C GLU A 288 -3.62 -41.37 19.88
N LYS A 289 -4.21 -42.42 19.29
CA LYS A 289 -4.17 -42.66 17.85
C LYS A 289 -4.80 -41.52 17.05
N LYS A 300 -3.29 -49.79 3.57
CA LYS A 300 -3.90 -50.36 4.77
C LYS A 300 -3.30 -51.73 5.09
N ARG A 301 -3.64 -52.70 4.25
CA ARG A 301 -3.14 -54.08 4.29
C ARG A 301 -3.75 -54.93 5.39
N ARG A 302 -3.80 -56.23 5.10
CA ARG A 302 -4.49 -57.20 5.93
C ARG A 302 -3.67 -58.49 5.95
N ARG A 303 -4.05 -59.42 6.82
CA ARG A 303 -3.33 -60.69 6.92
C ARG A 303 -3.39 -61.45 5.60
N CYS A 304 -2.31 -62.16 5.28
CA CYS A 304 -2.23 -62.88 4.02
C CYS A 304 -3.30 -63.98 3.96
N GLY A 305 -3.60 -64.56 5.11
CA GLY A 305 -4.65 -65.57 5.22
C GLY A 305 -4.24 -66.94 4.71
N VAL A 306 -3.01 -67.05 4.22
CA VAL A 306 -2.54 -68.29 3.61
C VAL A 306 -1.46 -68.96 4.44
N CYS A 307 -0.68 -68.16 5.17
CA CYS A 307 0.38 -68.71 6.01
C CYS A 307 -0.23 -69.47 7.19
N GLU A 308 0.55 -70.36 7.77
CA GLU A 308 0.07 -71.23 8.86
C GLU A 308 -0.31 -70.43 10.10
N VAL A 309 0.32 -69.28 10.29
CA VAL A 309 -0.01 -68.40 11.41
C VAL A 309 -1.44 -67.88 11.27
N CYS A 310 -1.84 -67.57 10.04
CA CYS A 310 -3.18 -67.09 9.77
C CYS A 310 -4.22 -68.20 9.86
N GLN A 311 -3.77 -69.44 9.69
CA GLN A 311 -4.68 -70.58 9.65
C GLN A 311 -4.84 -71.24 11.02
N GLN A 312 -4.21 -70.65 12.04
CA GLN A 312 -4.37 -71.13 13.40
C GLN A 312 -5.53 -70.40 14.09
N PRO A 313 -6.33 -71.14 14.86
CA PRO A 313 -7.44 -70.55 15.61
C PRO A 313 -6.94 -69.63 16.71
N GLU A 314 -7.79 -68.74 17.20
CA GLU A 314 -7.43 -67.85 18.30
C GLU A 314 -7.17 -68.66 19.56
N CYS A 315 -6.00 -68.47 20.16
CA CYS A 315 -5.57 -69.29 21.29
C CYS A 315 -6.48 -69.12 22.49
N GLY A 316 -6.44 -67.94 23.12
CA GLY A 316 -7.29 -67.66 24.26
C GLY A 316 -6.53 -67.46 25.54
N LYS A 317 -5.20 -67.49 25.47
CA LYS A 317 -4.36 -67.38 26.65
C LYS A 317 -3.67 -66.02 26.74
N CYS A 318 -3.71 -65.26 25.66
CA CYS A 318 -3.04 -63.96 25.63
C CYS A 318 -3.99 -62.83 26.05
N LYS A 319 -3.42 -61.66 26.31
CA LYS A 319 -4.18 -60.50 26.75
C LYS A 319 -5.16 -60.03 25.67
N ALA A 320 -4.79 -60.24 24.41
CA ALA A 320 -5.64 -59.85 23.30
C ALA A 320 -6.91 -60.67 23.25
N CYS A 321 -6.76 -61.99 23.45
CA CYS A 321 -7.91 -62.89 23.42
C CYS A 321 -8.71 -62.82 24.71
N LYS A 322 -8.05 -62.49 25.81
CA LYS A 322 -8.73 -62.33 27.10
C LYS A 322 -9.58 -61.07 27.12
N ASP A 323 -9.31 -60.18 26.17
CA ASP A 323 -10.06 -58.92 26.07
C ASP A 323 -11.08 -59.00 24.94
N MET A 324 -11.55 -60.21 24.66
CA MET A 324 -12.54 -60.39 23.60
C MET A 324 -13.92 -60.70 24.18
N VAL A 325 -14.94 -60.11 23.58
CA VAL A 325 -16.32 -60.32 24.02
C VAL A 325 -16.72 -61.79 23.93
N LYS A 326 -16.26 -62.45 22.87
CA LYS A 326 -16.49 -63.88 22.71
C LYS A 326 -15.61 -64.67 23.66
N PHE A 327 -16.02 -64.71 24.93
CA PHE A 327 -15.27 -65.38 26.00
C PHE A 327 -13.85 -64.83 26.13
N GLY A 328 -13.69 -63.80 26.96
CA GLY A 328 -14.80 -63.23 27.71
C GLY A 328 -14.45 -61.88 28.33
N GLY A 329 -13.84 -61.01 27.52
CA GLY A 329 -13.43 -59.70 27.99
C GLY A 329 -14.36 -58.60 27.54
N SER A 330 -13.91 -57.35 27.67
CA SER A 330 -14.71 -56.20 27.29
C SER A 330 -14.89 -56.11 25.79
N GLY A 331 -13.79 -56.20 25.05
CA GLY A 331 -13.83 -56.10 23.60
C GLY A 331 -13.42 -54.72 23.13
N ARG A 332 -12.68 -54.01 23.98
CA ARG A 332 -12.32 -52.63 23.72
C ARG A 332 -11.07 -52.50 22.86
N SER A 333 -10.03 -53.26 23.22
CA SER A 333 -8.75 -53.22 22.52
C SER A 333 -8.92 -53.57 21.05
N LYS A 334 -9.78 -54.53 20.77
CA LYS A 334 -10.05 -55.01 19.41
C LYS A 334 -8.78 -55.48 18.72
N GLN A 335 -7.84 -55.98 19.51
CA GLN A 335 -6.58 -56.49 18.99
C GLN A 335 -6.71 -57.95 18.59
N ALA A 336 -6.08 -58.31 17.48
CA ALA A 336 -6.11 -59.68 17.00
C ALA A 336 -5.36 -60.60 17.97
N CYS A 337 -5.65 -61.90 17.88
CA CYS A 337 -5.01 -62.90 18.74
C CYS A 337 -3.48 -62.78 18.70
N GLN A 338 -2.86 -62.85 19.88
CA GLN A 338 -1.41 -62.70 19.99
C GLN A 338 -0.67 -63.78 19.21
N GLU A 339 -1.31 -64.92 19.03
CA GLU A 339 -0.72 -66.04 18.31
C GLU A 339 -1.23 -66.09 16.87
N ARG A 340 -1.54 -64.93 16.30
CA ARG A 340 -2.13 -64.87 14.97
C ARG A 340 -1.72 -63.65 14.15
N ARG A 341 -0.67 -62.95 14.57
CA ARG A 341 -0.20 -61.79 13.82
C ARG A 341 0.58 -62.23 12.58
N CYS A 342 0.01 -61.94 11.41
CA CYS A 342 0.60 -62.35 10.15
C CYS A 342 1.94 -61.67 9.88
N PRO A 343 3.01 -62.47 9.75
CA PRO A 343 4.35 -61.96 9.49
C PRO A 343 4.49 -61.39 8.07
N ASN A 344 3.73 -61.93 7.13
CA ASN A 344 3.71 -61.40 5.77
C ASN A 344 3.15 -59.99 5.75
N MET A 345 2.08 -59.78 6.51
CA MET A 345 1.46 -58.47 6.67
C MET A 345 2.42 -57.53 7.40
N ALA A 346 3.19 -58.08 8.33
CA ALA A 346 4.16 -57.31 9.11
C ALA A 346 5.25 -56.74 8.21
N MET A 347 5.72 -57.56 7.27
CA MET A 347 6.76 -57.15 6.34
C MET A 347 6.32 -55.99 5.47
N LYS A 348 5.09 -56.07 4.98
CA LYS A 348 4.55 -55.04 4.11
C LYS A 348 4.33 -53.73 4.85
N GLU A 349 3.94 -53.82 6.12
CA GLU A 349 3.78 -52.63 6.94
C GLU A 349 5.13 -51.99 7.22
N ALA A 350 6.16 -52.83 7.32
CA ALA A 350 7.53 -52.35 7.49
C ALA A 350 8.02 -51.68 6.22
N ASP A 351 7.61 -52.23 5.07
CA ASP A 351 7.95 -51.64 3.78
C ASP A 351 7.27 -50.30 3.59
N ASP A 352 6.00 -50.22 3.96
CA ASP A 352 5.23 -48.98 3.86
C ASP A 352 5.80 -47.91 4.79
N ASP A 353 6.33 -48.34 5.92
CA ASP A 353 6.89 -47.41 6.90
C ASP A 353 8.18 -46.77 6.41
N GLU A 354 8.87 -47.46 5.50
CA GLU A 354 10.11 -46.94 4.94
C GLU A 354 9.86 -46.09 3.70
N GLU A 355 8.62 -46.11 3.22
CA GLU A 355 8.26 -45.36 2.02
C GLU A 355 7.79 -43.95 2.33
N VAL A 356 8.18 -43.01 1.48
CA VAL A 356 7.64 -41.66 1.53
C VAL A 356 6.34 -41.65 0.73
N ASP A 357 5.22 -41.45 1.41
CA ASP A 357 3.91 -41.56 0.78
C ASP A 357 3.14 -40.23 0.83
N ASP A 358 3.32 -39.39 -0.20
CA ASP A 358 4.23 -39.65 -1.31
C ASP A 358 4.80 -38.34 -1.85
N ASN A 359 5.61 -38.45 -2.89
CA ASN A 359 6.12 -37.27 -3.58
C ASN A 359 5.16 -36.87 -4.70
N ILE A 360 4.00 -36.36 -4.31
CA ILE A 360 2.96 -35.95 -5.26
C ILE A 360 3.48 -34.88 -6.21
N PRO A 361 3.36 -35.15 -7.53
CA PRO A 361 3.81 -34.31 -8.64
C PRO A 361 3.57 -32.83 -8.39
N GLU A 362 2.29 -32.46 -8.34
CA GLU A 362 1.88 -31.10 -8.04
C GLU A 362 0.57 -31.16 -7.25
N MET A 363 0.51 -30.66 -6.00
CA MET A 363 1.55 -29.90 -5.28
C MET A 363 2.13 -28.72 -6.05
N PRO A 364 1.28 -27.76 -6.46
CA PRO A 364 1.81 -26.53 -7.04
C PRO A 364 2.42 -25.63 -5.97
N SER A 365 2.56 -24.32 -6.22
CA SER A 365 3.21 -23.39 -5.27
C SER A 365 2.22 -22.84 -4.24
N PRO A 366 2.70 -22.61 -3.00
CA PRO A 366 1.82 -22.11 -1.93
C PRO A 366 1.22 -20.75 -2.24
N LYS A 367 -0.12 -20.69 -2.29
CA LYS A 367 -0.84 -19.47 -2.65
C LYS A 367 -0.76 -18.46 -1.51
N LYS A 368 -0.90 -17.18 -1.84
CA LYS A 368 -0.90 -16.14 -0.81
C LYS A 368 -2.10 -16.32 0.10
N MET A 369 -1.83 -16.38 1.41
CA MET A 369 -2.88 -16.60 2.40
C MET A 369 -3.88 -15.44 2.40
N HIS A 370 -5.03 -15.67 3.02
C HIS A 370 -6.52 -13.10 1.38
N GLN A 371 -6.21 -14.08 0.54
CA GLN A 371 -6.45 -13.99 -0.89
C GLN A 371 -7.84 -13.42 -1.22
N GLY A 372 -8.88 -14.18 -0.88
CA GLY A 372 -10.24 -13.88 -1.30
C GLY A 372 -10.93 -12.69 -0.67
N LYS A 373 -12.25 -12.66 -0.80
CA LYS A 373 -13.08 -11.59 -0.27
C LYS A 373 -13.19 -11.56 1.26
N LYS A 374 -13.46 -10.36 1.78
CA LYS A 374 -13.62 -10.14 3.21
C LYS A 374 -15.03 -9.63 3.49
N LYS A 375 -15.50 -9.82 4.72
CA LYS A 375 -16.83 -9.40 5.12
C LYS A 375 -16.87 -7.92 5.48
N LYS A 376 -17.72 -7.17 4.78
CA LYS A 376 -17.96 -5.78 5.13
C LYS A 376 -18.75 -5.73 6.43
N GLN A 377 -18.14 -5.16 7.47
CA GLN A 377 -18.75 -5.11 8.79
C GLN A 377 -19.76 -3.98 8.89
N ASN A 378 -20.70 -4.12 9.82
CA ASN A 378 -21.72 -3.09 10.02
C ASN A 378 -21.53 -2.32 11.32
N LYS A 379 -20.43 -1.58 11.40
CA LYS A 379 -20.19 -0.68 12.52
C LYS A 379 -21.08 0.55 12.37
N ASN A 380 -21.32 1.24 13.48
CA ASN A 380 -22.21 2.39 13.45
C ASN A 380 -21.55 3.62 12.82
N ARG A 381 -20.49 4.10 13.45
CA ARG A 381 -19.85 5.33 13.00
C ARG A 381 -18.33 5.22 12.92
N ILE A 382 -17.76 5.76 11.86
CA ILE A 382 -16.31 5.80 11.69
C ILE A 382 -15.86 7.25 11.49
N SER A 383 -15.12 7.78 12.45
CA SER A 383 -14.74 9.19 12.44
C SER A 383 -13.23 9.37 12.58
N TRP A 384 -12.68 10.34 11.84
CA TRP A 384 -11.27 10.67 11.96
C TRP A 384 -11.01 11.42 13.28
N VAL A 385 -9.76 11.41 13.72
CA VAL A 385 -9.38 12.12 14.95
C VAL A 385 -8.22 13.07 14.66
N GLY A 386 -8.30 14.28 15.21
CA GLY A 386 -7.38 15.33 14.83
C GLY A 386 -7.67 15.66 13.39
N GLU A 387 -6.68 16.16 12.66
CA GLU A 387 -6.85 16.38 11.24
C GLU A 387 -5.63 15.90 10.44
N ALA A 388 -5.74 15.98 9.11
CA ALA A 388 -4.79 15.37 8.20
C ALA A 388 -3.32 15.67 8.53
N VAL A 389 -2.56 14.59 8.74
CA VAL A 389 -1.13 14.70 9.00
C VAL A 389 -0.41 15.07 7.70
N LYS A 390 -0.87 14.49 6.60
CA LYS A 390 -0.26 14.75 5.28
C LYS A 390 -1.33 14.82 4.19
N THR A 391 -1.08 15.65 3.19
CA THR A 391 -2.01 15.82 2.07
C THR A 391 -1.31 15.66 0.72
N ASP A 392 -1.86 14.82 -0.13
CA ASP A 392 -1.19 14.61 -1.41
C ASP A 392 -2.18 14.23 -2.49
N LYS A 394 -3.91 10.61 -4.46
CA LYS A 394 -5.03 11.30 -5.07
C LYS A 394 -5.74 12.11 -4.03
N LYS A 395 -5.26 13.32 -3.77
CA LYS A 395 -5.86 14.17 -2.76
C LYS A 395 -6.05 13.36 -1.49
N SER A 396 -5.27 12.28 -1.39
CA SER A 396 -5.25 11.44 -0.21
C SER A 396 -4.92 12.28 1.01
N TYR A 397 -5.72 12.14 2.07
CA TYR A 397 -5.48 12.87 3.30
C TYR A 397 -5.19 11.90 4.44
N TYR A 398 -3.91 11.68 4.70
CA TYR A 398 -3.47 10.75 5.74
C TYR A 398 -3.82 11.26 7.12
N LYS A 399 -4.48 10.41 7.91
CA LYS A 399 -4.84 10.75 9.27
C LYS A 399 -4.03 9.92 10.25
N LYS A 400 -4.16 10.22 11.54
CA LYS A 400 -3.33 9.60 12.55
C LYS A 400 -4.13 8.68 13.47
N VAL A 401 -5.36 9.08 13.78
CA VAL A 401 -6.24 8.31 14.66
C VAL A 401 -7.66 8.29 14.10
N CYS A 402 -8.44 7.27 14.44
CA CYS A 402 -9.85 7.20 14.03
C CYS A 402 -10.71 6.45 15.05
N ILE A 403 -12.00 6.75 15.09
CA ILE A 403 -12.92 6.19 16.08
C ILE A 403 -13.97 5.25 15.49
N ASP A 404 -14.10 4.05 16.08
CA ASP A 404 -15.14 3.09 15.71
C ASP A 404 -15.99 2.71 16.92
N ALA A 405 -16.04 3.62 17.90
CA ALA A 405 -16.43 3.37 19.31
C ALA A 405 -15.22 2.79 20.05
N GLU A 406 -14.21 2.41 19.27
CA GLU A 406 -12.86 2.16 19.78
C GLU A 406 -11.95 3.18 19.11
N THR A 407 -10.70 3.26 19.55
CA THR A 407 -9.77 4.17 18.92
C THR A 407 -8.61 3.41 18.27
N LEU A 408 -8.21 3.85 17.09
CA LEU A 408 -7.16 3.18 16.32
C LEU A 408 -6.08 4.15 15.89
N GLU A 409 -4.83 3.78 16.12
CA GLU A 409 -3.69 4.55 15.65
C GLU A 409 -2.87 3.72 14.68
N VAL A 410 -2.00 4.37 13.93
CA VAL A 410 -1.04 3.65 13.08
C VAL A 410 -0.12 2.85 13.99
N GLY A 411 -0.02 1.55 13.72
CA GLY A 411 0.79 0.68 14.56
C GLY A 411 -0.07 -0.28 15.36
N ASP A 412 -1.35 0.05 15.53
CA ASP A 412 -2.28 -0.83 16.20
C ASP A 412 -2.58 -2.04 15.33
N CYS A 413 -3.18 -3.07 15.91
CA CYS A 413 -3.53 -4.27 15.18
C CYS A 413 -5.02 -4.52 15.21
N VAL A 414 -5.57 -4.94 14.07
CA VAL A 414 -6.99 -5.19 13.94
C VAL A 414 -7.29 -6.58 13.43
N SER A 415 -8.55 -6.99 13.56
CA SER A 415 -9.00 -8.27 13.02
C SER A 415 -9.91 -8.04 11.83
N VAL A 416 -9.81 -8.92 10.83
CA VAL A 416 -10.63 -8.83 9.65
C VAL A 416 -11.23 -10.20 9.34
N ILE A 417 -12.54 -10.22 9.08
CA ILE A 417 -13.24 -11.48 8.82
C ILE A 417 -13.31 -11.80 7.34
N PRO A 418 -12.78 -12.96 6.95
CA PRO A 418 -12.95 -13.43 5.58
C PRO A 418 -14.35 -13.98 5.41
N ASP A 419 -14.90 -13.97 4.19
CA ASP A 419 -16.23 -14.52 3.98
C ASP A 419 -16.16 -16.06 4.04
N ASP A 420 -14.94 -16.56 4.13
CA ASP A 420 -14.63 -17.86 4.75
C ASP A 420 -14.79 -19.07 3.86
N SER A 421 -13.73 -19.87 3.81
CA SER A 421 -13.75 -21.16 3.15
C SER A 421 -13.40 -22.20 4.21
N SER A 422 -12.16 -22.16 4.65
CA SER A 422 -11.72 -22.86 5.85
C SER A 422 -11.09 -21.80 6.73
N LYS A 423 -11.20 -20.56 6.24
CA LYS A 423 -10.44 -19.42 6.75
C LYS A 423 -10.80 -19.02 8.17
N PRO A 424 -9.76 -18.78 8.99
CA PRO A 424 -9.86 -18.26 10.36
C PRO A 424 -9.94 -16.74 10.36
N LEU A 425 -9.90 -16.14 11.55
CA LEU A 425 -9.83 -14.69 11.66
C LEU A 425 -8.52 -14.18 11.10
N TYR A 426 -8.58 -13.09 10.33
CA TYR A 426 -7.37 -12.47 9.80
C TYR A 426 -6.90 -11.36 10.72
N LEU A 427 -5.59 -11.33 10.98
CA LEU A 427 -5.02 -10.29 11.84
C LEU A 427 -3.97 -9.50 11.07
N ALA A 428 -3.99 -8.18 11.23
CA ALA A 428 -3.07 -7.32 10.51
C ALA A 428 -2.71 -6.09 11.33
N ARG A 429 -1.57 -5.49 10.99
CA ARG A 429 -1.15 -4.25 11.62
C ARG A 429 -1.55 -3.06 10.76
N VAL A 430 -2.19 -2.07 11.38
CA VAL A 430 -2.55 -0.85 10.68
C VAL A 430 -1.29 -0.03 10.43
N THR A 431 -0.87 0.04 9.17
CA THR A 431 0.36 0.72 8.84
C THR A 431 0.11 2.13 8.33
N ALA A 432 -1.14 2.42 7.96
CA ALA A 432 -1.50 3.73 7.45
C ALA A 432 -3.00 3.97 7.52
N LEU A 433 -3.40 5.23 7.71
CA LEU A 433 -4.80 5.62 7.71
C LEU A 433 -5.00 6.86 6.84
N TRP A 434 -5.84 6.75 5.83
CA TRP A 434 -6.08 7.88 4.94
C TRP A 434 -7.47 7.87 4.34
N GLU A 435 -7.93 9.05 3.91
CA GLU A 435 -9.18 9.16 3.20
C GLU A 435 -8.93 9.54 1.74
N ASP A 436 -9.24 8.62 0.84
CA ASP A 436 -9.13 8.89 -0.58
C ASP A 436 -10.36 9.66 -1.03
N SER A 437 -10.21 10.50 -2.05
CA SER A 437 -11.33 11.30 -2.53
C SER A 437 -12.19 10.52 -3.52
N SER A 438 -11.74 9.32 -3.86
CA SER A 438 -12.48 8.45 -4.78
C SER A 438 -12.93 7.20 -4.04
N ASN A 439 -11.97 6.53 -3.41
CA ASN A 439 -12.28 5.45 -2.49
C ASN A 439 -12.83 6.04 -1.20
N GLY A 440 -13.23 5.20 -0.26
CA GLY A 440 -13.77 5.69 0.98
C GLY A 440 -12.69 5.99 2.01
N GLN A 441 -12.98 5.68 3.27
CA GLN A 441 -11.99 5.78 4.33
C GLN A 441 -11.14 4.52 4.32
N MET A 442 -9.83 4.68 4.25
CA MET A 442 -8.95 3.54 3.97
C MET A 442 -7.88 3.31 5.04
N PHE A 443 -7.43 2.06 5.12
CA PHE A 443 -6.25 1.71 5.90
C PHE A 443 -5.47 0.64 5.15
N HIS A 444 -4.17 0.59 5.38
CA HIS A 444 -3.34 -0.44 4.76
C HIS A 444 -3.02 -1.52 5.79
N ALA A 445 -3.28 -2.77 5.43
CA ALA A 445 -3.15 -3.88 6.38
C ALA A 445 -1.94 -4.75 6.08
N HIS A 446 -0.99 -4.77 7.02
CA HIS A 446 0.14 -5.70 6.93
C HIS A 446 -0.23 -6.99 7.66
N TRP A 447 -0.46 -8.05 6.90
CA TRP A 447 -1.02 -9.29 7.45
C TRP A 447 -0.06 -10.05 8.36
N PHE A 448 -0.61 -10.56 9.45
CA PHE A 448 0.07 -11.56 10.27
C PHE A 448 -0.23 -12.94 9.72
N CYS A 449 0.63 -13.91 10.01
CA CYS A 449 0.36 -15.29 9.66
C CYS A 449 0.25 -16.14 10.92
N ALA A 450 -0.86 -16.86 11.04
CA ALA A 450 -1.06 -17.77 12.16
C ALA A 450 0.00 -18.87 12.12
N GLY A 451 0.48 -19.26 13.30
CA GLY A 451 1.54 -20.25 13.41
C GLY A 451 1.21 -21.59 12.78
N THR A 452 -0.06 -21.99 12.86
CA THR A 452 -0.50 -23.27 12.32
C THR A 452 -0.48 -23.29 10.80
N ASP A 453 -0.50 -22.11 10.19
CA ASP A 453 -0.48 -22.00 8.73
C ASP A 453 0.95 -22.09 8.20
N THR A 454 1.91 -21.98 9.10
CA THR A 454 3.32 -22.15 8.74
C THR A 454 3.66 -23.64 8.69
N VAL A 455 4.93 -23.95 8.49
CA VAL A 455 5.37 -25.34 8.43
C VAL A 455 5.22 -26.01 9.79
N LEU A 456 5.19 -25.20 10.85
CA LEU A 456 5.07 -25.72 12.21
C LEU A 456 3.80 -26.54 12.42
N GLY A 457 2.72 -26.14 11.76
CA GLY A 457 1.45 -26.84 11.87
C GLY A 457 0.83 -26.73 13.25
N ALA A 458 0.20 -27.82 13.69
CA ALA A 458 -0.51 -27.83 14.96
C ALA A 458 0.42 -27.89 16.17
N THR A 459 1.73 -27.97 15.91
CA THR A 459 2.71 -27.96 16.99
C THR A 459 2.93 -26.54 17.50
N SER A 460 2.40 -25.58 16.76
CA SER A 460 2.58 -24.16 17.08
C SER A 460 1.71 -23.70 18.24
N ASP A 461 2.23 -22.73 18.98
CA ASP A 461 1.44 -22.01 19.97
C ASP A 461 0.27 -21.36 19.25
N PRO A 462 -0.96 -21.68 19.66
CA PRO A 462 -2.17 -21.18 18.98
C PRO A 462 -2.29 -19.65 19.00
N LEU A 463 -1.51 -18.99 19.85
CA LEU A 463 -1.55 -17.54 19.95
C LEU A 463 -0.32 -16.87 19.33
N GLU A 464 0.61 -17.66 18.81
CA GLU A 464 1.79 -17.09 18.18
C GLU A 464 1.53 -16.75 16.72
N LEU A 465 1.90 -15.54 16.32
CA LEU A 465 1.76 -15.10 14.94
C LEU A 465 3.13 -14.90 14.32
N PHE A 466 3.16 -14.76 13.01
CA PHE A 466 4.41 -14.47 12.30
C PHE A 466 4.21 -13.39 11.27
N LEU A 467 5.16 -12.47 11.20
CA LEU A 467 5.14 -11.40 10.21
C LEU A 467 5.29 -12.01 8.82
N VAL A 468 4.79 -11.31 7.81
CA VAL A 468 4.65 -11.90 6.48
C VAL A 468 4.70 -10.85 5.36
N ASP A 469 5.26 -11.23 4.22
CA ASP A 469 5.31 -10.37 3.05
C ASP A 469 3.99 -10.31 2.31
N GLU A 470 2.91 -10.06 3.04
CA GLU A 470 1.59 -9.83 2.45
C GLU A 470 0.97 -8.59 3.04
N CYS A 471 0.54 -7.67 2.18
CA CYS A 471 -0.12 -6.46 2.62
C CYS A 471 -1.19 -6.06 1.59
N GLU A 472 -2.05 -5.12 1.98
CA GLU A 472 -3.24 -4.85 1.20
C GLU A 472 -3.91 -3.54 1.57
N ASP A 473 -4.37 -2.80 0.57
CA ASP A 473 -5.22 -1.64 0.81
C ASP A 473 -6.63 -2.13 1.09
N MET A 474 -7.24 -1.59 2.14
CA MET A 474 -8.57 -2.04 2.54
C MET A 474 -9.38 -0.90 3.14
N GLN A 475 -10.70 -1.02 3.07
CA GLN A 475 -11.59 0.00 3.58
C GLN A 475 -11.87 -0.22 5.07
N LEU A 476 -11.97 0.87 5.82
CA LEU A 476 -12.18 0.81 7.27
C LEU A 476 -13.44 0.05 7.66
N SER A 477 -14.38 -0.04 6.72
CA SER A 477 -15.64 -0.74 6.96
C SER A 477 -15.46 -2.24 7.15
N TYR A 478 -14.30 -2.75 6.74
CA TYR A 478 -14.03 -4.18 6.82
C TYR A 478 -13.34 -4.58 8.12
N ILE A 479 -13.05 -3.59 8.97
CA ILE A 479 -12.43 -3.87 10.26
C ILE A 479 -13.46 -4.41 11.25
N HIS A 480 -13.16 -5.58 11.81
CA HIS A 480 -14.06 -6.22 12.76
C HIS A 480 -13.86 -5.70 14.18
N SER A 481 -12.60 -5.63 14.61
CA SER A 481 -12.28 -5.18 15.97
C SER A 481 -10.83 -4.79 16.13
N LYS A 482 -10.54 -4.08 17.22
CA LYS A 482 -9.17 -3.79 17.60
C LYS A 482 -8.60 -5.00 18.32
N VAL A 483 -7.31 -5.25 18.13
CA VAL A 483 -6.69 -6.47 18.68
C VAL A 483 -5.29 -6.17 19.22
N LYS A 484 -4.95 -6.81 20.34
CA LYS A 484 -3.65 -6.61 20.97
C LYS A 484 -2.65 -7.69 20.54
N VAL A 485 -1.59 -7.26 19.86
CA VAL A 485 -0.53 -8.16 19.46
C VAL A 485 0.81 -7.73 20.06
N ILE A 486 1.37 -8.56 20.92
CA ILE A 486 2.59 -8.25 21.64
C ILE A 486 3.84 -8.73 20.90
N TYR A 487 4.80 -7.83 20.71
CA TYR A 487 6.08 -8.22 20.14
C TYR A 487 6.99 -8.79 21.21
N LYS A 488 7.21 -10.10 21.18
CA LYS A 488 8.05 -10.76 22.17
C LYS A 488 9.51 -10.78 21.74
N ALA A 489 10.17 -9.63 21.89
CA ALA A 489 11.58 -9.50 21.55
C ALA A 489 12.43 -10.34 22.49
N PRO A 490 13.59 -10.81 22.00
CA PRO A 490 14.52 -11.52 22.88
C PRO A 490 15.11 -10.58 23.92
N SER A 491 15.24 -11.04 25.16
CA SER A 491 15.85 -10.24 26.21
C SER A 491 17.31 -9.97 25.86
N GLU A 492 17.89 -8.95 26.48
CA GLU A 492 19.24 -8.52 26.12
C GLU A 492 20.33 -9.48 26.60
N ASN A 493 19.98 -10.42 27.46
CA ASN A 493 20.91 -11.49 27.81
C ASN A 493 20.34 -12.85 27.42
N TRP A 494 19.72 -12.89 26.25
CA TRP A 494 19.17 -14.11 25.66
C TRP A 494 20.18 -15.24 25.60
N ALA A 495 21.46 -14.89 25.43
CA ALA A 495 22.52 -15.86 25.29
C ALA A 495 22.84 -16.58 26.60
N MET A 496 22.32 -16.07 27.71
CA MET A 496 22.62 -16.64 29.02
C MET A 496 21.38 -17.25 29.70
N GLU A 497 20.24 -17.16 29.03
CA GLU A 497 19.00 -17.67 29.60
C GLU A 497 18.80 -19.15 29.33
N GLY A 498 19.81 -19.79 28.76
CA GLY A 498 19.76 -21.21 28.47
C GLY A 498 19.76 -22.06 29.72
N GLY A 499 18.85 -23.03 29.77
CA GLY A 499 18.77 -23.94 30.90
C GLY A 499 17.90 -23.42 32.03
N MET A 500 17.56 -22.14 31.96
CA MET A 500 16.75 -21.51 32.99
C MET A 500 15.34 -22.09 33.06
N ASP A 501 14.79 -22.12 34.27
CA ASP A 501 13.40 -22.51 34.47
C ASP A 501 12.52 -21.48 33.77
N PRO A 502 11.70 -21.94 32.81
CA PRO A 502 10.84 -21.02 32.05
C PRO A 502 9.80 -20.34 32.93
N GLU A 503 9.63 -20.84 34.15
CA GLU A 503 8.75 -20.21 35.13
C GLU A 503 9.38 -18.94 35.67
N SER A 504 10.71 -18.89 35.67
CA SER A 504 11.44 -17.72 36.13
C SER A 504 11.31 -16.57 35.14
N LEU A 505 11.29 -16.89 33.85
CA LEU A 505 11.18 -15.88 32.80
C LEU A 505 9.73 -15.69 32.38
N LEU A 506 8.84 -16.45 33.00
CA LEU A 506 7.42 -16.47 32.61
C LEU A 506 6.73 -15.12 32.79
N GLU A 507 7.13 -14.38 33.83
CA GLU A 507 6.52 -13.10 34.16
C GLU A 507 6.48 -12.16 32.97
N GLY A 508 5.40 -11.37 32.83
CA GLY A 508 4.30 -11.36 33.81
C GLY A 508 2.92 -11.33 33.15
N ASP A 509 2.04 -12.20 33.62
CA ASP A 509 0.65 -12.27 33.18
C ASP A 509 0.50 -12.43 31.66
N ASP A 510 0.59 -13.67 31.22
CA ASP A 510 0.57 -14.04 29.81
C ASP A 510 0.61 -15.57 29.78
N GLY A 511 0.33 -16.21 28.65
CA GLY A 511 -0.08 -15.56 27.41
C GLY A 511 -1.58 -15.56 27.27
N LYS A 512 -2.15 -14.37 27.14
CA LYS A 512 -3.59 -14.23 27.03
C LYS A 512 -4.00 -13.76 25.64
N THR A 513 -3.06 -13.12 24.95
CA THR A 513 -3.33 -12.56 23.63
C THR A 513 -2.32 -13.01 22.59
N TYR A 514 -2.51 -12.53 21.37
CA TYR A 514 -1.60 -12.84 20.26
C TYR A 514 -0.22 -12.24 20.51
N PHE A 515 0.80 -12.94 20.04
CA PHE A 515 2.16 -12.42 20.11
C PHE A 515 2.95 -12.86 18.88
N TYR A 516 4.07 -12.18 18.64
CA TYR A 516 4.94 -12.55 17.54
C TYR A 516 6.39 -12.23 17.88
N GLN A 517 7.31 -12.85 17.16
CA GLN A 517 8.74 -12.65 17.41
C GLN A 517 9.54 -12.78 16.12
N LEU A 518 8.97 -13.45 15.13
CA LEU A 518 9.72 -13.79 13.92
C LEU A 518 8.96 -13.49 12.63
N TRP A 519 9.72 -13.22 11.57
CA TRP A 519 9.18 -13.07 10.23
C TRP A 519 9.17 -14.44 9.57
N TYR A 520 8.21 -14.68 8.68
CA TYR A 520 8.08 -16.00 8.06
C TYR A 520 7.98 -15.95 6.54
N ASP A 521 8.77 -16.82 5.89
CA ASP A 521 8.73 -16.97 4.44
C ASP A 521 8.18 -18.36 4.11
N GLN A 522 6.98 -18.41 3.53
CA GLN A 522 6.30 -19.69 3.35
C GLN A 522 6.83 -20.50 2.15
N ASP A 523 7.56 -19.84 1.27
CA ASP A 523 8.14 -20.53 0.12
C ASP A 523 9.36 -21.34 0.52
N TYR A 524 10.14 -20.79 1.45
CA TYR A 524 11.41 -21.41 1.83
C TYR A 524 11.39 -21.92 3.27
N ALA A 525 10.26 -21.72 3.95
CA ALA A 525 10.11 -22.09 5.35
C ALA A 525 11.22 -21.49 6.19
N ARG A 526 11.43 -20.18 6.03
CA ARG A 526 12.47 -19.47 6.77
C ARG A 526 11.86 -18.61 7.87
N PHE A 527 12.24 -18.89 9.12
CA PHE A 527 11.90 -18.04 10.24
C PHE A 527 13.05 -17.10 10.52
N GLU A 528 12.83 -15.80 10.37
CA GLU A 528 13.90 -14.83 10.57
C GLU A 528 13.45 -13.67 11.46
N SER A 529 14.42 -12.98 12.05
CA SER A 529 14.15 -11.79 12.85
C SER A 529 13.50 -10.71 11.98
N PRO A 530 12.63 -9.91 12.58
CA PRO A 530 11.96 -8.83 11.83
C PRO A 530 12.97 -7.81 11.31
N PRO A 531 12.70 -7.25 10.11
CA PRO A 531 13.54 -6.19 9.55
C PRO A 531 13.56 -4.98 10.48
N LYS A 532 14.75 -4.44 10.72
CA LYS A 532 14.91 -3.31 11.62
C LYS A 532 14.80 -1.99 10.85
N THR A 533 14.32 -2.09 9.61
CA THR A 533 14.17 -0.94 8.73
C THR A 533 13.33 0.17 9.37
N GLN A 534 13.89 1.37 9.42
CA GLN A 534 13.23 2.51 10.04
C GLN A 534 12.69 3.47 8.99
N PRO A 535 11.51 4.05 9.25
CA PRO A 535 10.88 4.99 8.32
C PRO A 535 11.46 6.40 8.40
N THR A 536 11.38 7.13 7.30
CA THR A 536 11.76 8.54 7.27
C THR A 536 10.76 9.33 8.10
N GLU A 537 11.09 10.58 8.43
CA GLU A 537 10.13 11.47 9.07
C GLU A 537 8.97 11.75 8.14
N ASP A 538 9.20 11.54 6.85
CA ASP A 538 8.19 11.68 5.82
C ASP A 538 7.32 10.42 5.74
N ASN A 539 7.87 9.30 6.20
CA ASN A 539 7.21 8.00 6.09
C ASN A 539 6.45 7.58 7.34
N LYS A 540 6.71 8.24 8.46
CA LYS A 540 6.32 7.78 9.79
C LYS A 540 4.90 7.21 9.93
N PHE A 541 3.91 7.92 9.40
CA PHE A 541 2.52 7.49 9.55
C PHE A 541 1.98 6.86 8.26
N LYS A 542 2.87 6.27 7.47
CA LYS A 542 2.48 5.68 6.19
C LYS A 542 3.30 4.42 5.91
N PHE A 543 4.43 4.29 6.59
CA PHE A 543 5.43 3.28 6.27
C PHE A 543 4.95 1.84 6.46
N CYS A 544 5.23 1.02 5.45
CA CYS A 544 4.94 -0.41 5.49
C CYS A 544 6.18 -1.19 5.05
N VAL A 545 6.75 -1.97 5.96
CA VAL A 545 7.94 -2.76 5.66
C VAL A 545 7.68 -3.76 4.54
N SER A 546 6.47 -4.30 4.50
CA SER A 546 6.08 -5.26 3.47
C SER A 546 6.14 -4.62 2.08
N CYS A 547 5.57 -3.42 1.97
CA CYS A 547 5.59 -2.70 0.70
C CYS A 547 7.02 -2.39 0.26
N ALA A 548 7.87 -2.04 1.22
CA ALA A 548 9.26 -1.71 0.93
C ALA A 548 10.02 -2.92 0.41
N ARG A 549 9.84 -4.06 1.08
CA ARG A 549 10.55 -5.28 0.71
C ARG A 549 10.06 -5.81 -0.64
N LEU A 550 8.75 -5.73 -0.88
CA LEU A 550 8.18 -6.17 -2.15
C LEU A 550 8.58 -5.23 -3.29
N ALA A 551 8.91 -4.00 -2.95
CA ALA A 551 9.37 -3.03 -3.94
C ALA A 551 10.78 -3.36 -4.40
N GLU A 552 11.68 -3.59 -3.43
CA GLU A 552 13.05 -3.97 -3.73
C GLU A 552 13.12 -5.29 -4.49
N MET A 553 12.18 -6.18 -4.19
CA MET A 553 12.11 -7.47 -4.84
C MET A 553 11.76 -7.34 -6.32
N ARG A 554 10.75 -6.53 -6.62
CA ARG A 554 10.29 -6.34 -7.99
C ARG A 554 11.31 -5.59 -8.84
N GLN A 555 12.14 -4.77 -8.19
CA GLN A 555 13.15 -3.99 -8.91
C GLN A 555 14.32 -4.85 -9.38
N LYS A 556 14.72 -5.81 -8.54
CA LYS A 556 15.86 -6.67 -8.86
C LYS A 556 15.53 -7.71 -9.91
N GLU A 557 14.26 -8.07 -10.02
CA GLU A 557 13.85 -9.13 -10.94
C GLU A 557 13.59 -8.61 -12.35
N ILE A 558 13.75 -7.30 -12.53
CA ILE A 558 13.60 -6.71 -13.85
C ILE A 558 14.95 -6.37 -14.47
N PRO A 559 15.34 -7.09 -15.53
CA PRO A 559 16.58 -6.80 -16.26
C PRO A 559 16.56 -5.38 -16.81
N ARG A 560 17.45 -4.53 -16.30
CA ARG A 560 17.42 -3.12 -16.66
C ARG A 560 18.76 -2.60 -17.15
N VAL A 561 18.74 -1.90 -18.28
CA VAL A 561 19.91 -1.22 -18.80
C VAL A 561 20.30 -0.07 -17.87
N LEU A 562 21.60 0.06 -17.61
CA LEU A 562 22.08 1.10 -16.69
C LEU A 562 22.71 2.27 -17.44
N GLU A 563 23.96 2.11 -17.88
CA GLU A 563 24.67 3.18 -18.57
C GLU A 563 24.69 2.99 -20.08
N GLN A 564 24.48 4.09 -20.81
CA GLN A 564 24.61 4.08 -22.25
C GLN A 564 26.07 4.28 -22.64
N LEU A 565 26.45 3.82 -23.82
CA LEU A 565 27.85 3.90 -24.27
C LEU A 565 27.97 4.61 -25.62
N GLU A 566 27.21 4.14 -26.60
CA GLU A 566 27.31 4.66 -27.96
C GLU A 566 25.98 4.52 -28.70
N ASP A 567 25.71 5.45 -29.60
CA ASP A 567 24.46 5.46 -30.35
C ASP A 567 24.71 5.15 -31.83
N LEU A 568 24.22 4.00 -32.29
CA LEU A 568 24.31 3.63 -33.70
C LEU A 568 22.93 3.63 -34.35
N ASP A 569 22.91 3.48 -35.67
CA ASP A 569 21.69 3.64 -36.45
C ASP A 569 20.59 2.62 -36.11
N SER A 570 20.95 1.34 -36.04
CA SER A 570 19.99 0.27 -35.75
C SER A 570 19.84 -0.04 -34.26
N ARG A 571 20.88 0.23 -33.48
CA ARG A 571 20.89 -0.14 -32.07
C ARG A 571 21.64 0.87 -31.20
N VAL A 572 21.42 0.79 -29.89
CA VAL A 572 22.15 1.60 -28.92
C VAL A 572 23.02 0.72 -28.03
N LEU A 573 24.31 1.02 -27.99
CA LEU A 573 25.24 0.26 -27.16
C LEU A 573 25.17 0.75 -25.71
N TYR A 574 25.49 -0.14 -24.78
CA TYR A 574 25.46 0.20 -23.36
C TYR A 574 26.71 -0.30 -22.65
N TYR A 575 27.11 0.42 -21.60
CA TYR A 575 28.29 0.05 -20.83
C TYR A 575 27.96 -0.98 -19.76
N SER A 576 26.75 -0.86 -19.18
CA SER A 576 26.36 -1.74 -18.08
C SER A 576 24.87 -2.03 -18.04
N ALA A 577 24.51 -3.05 -17.27
CA ALA A 577 23.12 -3.44 -17.07
C ALA A 577 22.98 -4.23 -15.77
N THR A 578 21.79 -4.23 -15.18
CA THR A 578 21.58 -4.93 -13.92
C THR A 578 20.47 -5.96 -14.00
N LYS A 579 20.69 -7.09 -13.34
CA LYS A 579 19.73 -8.17 -13.31
C LYS A 579 19.95 -9.03 -12.07
N ASN A 580 18.88 -9.28 -11.33
CA ASN A 580 18.93 -10.06 -10.09
C ASN A 580 19.92 -9.49 -9.07
N GLY A 581 20.10 -8.18 -9.09
CA GLY A 581 20.98 -7.52 -8.12
C GLY A 581 22.45 -7.59 -8.47
N ILE A 582 22.76 -8.00 -9.69
CA ILE A 582 24.15 -8.12 -10.14
C ILE A 582 24.44 -7.10 -11.25
N LEU A 583 25.57 -6.42 -11.12
CA LEU A 583 25.97 -5.42 -12.11
C LEU A 583 26.84 -6.04 -13.19
N TYR A 584 26.31 -6.11 -14.41
CA TYR A 584 27.07 -6.61 -15.56
C TYR A 584 27.64 -5.46 -16.38
N ARG A 585 28.97 -5.45 -16.54
CA ARG A 585 29.63 -4.45 -17.36
C ARG A 585 30.30 -5.10 -18.56
N VAL A 586 30.55 -4.31 -19.60
CA VAL A 586 31.21 -4.82 -20.80
C VAL A 586 32.59 -5.37 -20.46
N GLY A 587 32.83 -6.62 -20.86
CA GLY A 587 34.10 -7.26 -20.57
C GLY A 587 34.01 -8.28 -19.45
N ASP A 588 32.84 -8.34 -18.81
CA ASP A 588 32.61 -9.30 -17.74
C ASP A 588 32.39 -10.71 -18.28
N GLY A 589 32.70 -11.70 -17.46
CA GLY A 589 32.36 -13.08 -17.77
C GLY A 589 30.90 -13.31 -17.44
N VAL A 590 30.25 -14.21 -18.17
CA VAL A 590 28.82 -14.42 -17.97
C VAL A 590 28.43 -15.88 -18.14
N TYR A 591 27.57 -16.36 -17.26
CA TYR A 591 27.02 -17.70 -17.36
C TYR A 591 25.82 -17.71 -18.30
N LEU A 592 25.77 -18.72 -19.17
CA LEU A 592 24.65 -18.88 -20.08
C LEU A 592 24.21 -20.33 -20.10
N PRO A 593 22.91 -20.58 -20.31
CA PRO A 593 22.42 -21.95 -20.44
C PRO A 593 23.08 -22.64 -21.63
N PRO A 594 23.27 -23.96 -21.57
CA PRO A 594 23.96 -24.72 -22.62
C PRO A 594 23.32 -24.57 -24.00
N GLU A 595 22.09 -24.09 -24.05
CA GLU A 595 21.39 -23.90 -25.32
C GLU A 595 21.41 -22.44 -25.77
N ALA A 596 22.25 -21.63 -25.15
CA ALA A 596 22.38 -20.24 -25.55
C ALA A 596 23.06 -20.13 -26.90
N PHE A 597 24.19 -20.81 -27.05
CA PHE A 597 24.87 -20.88 -28.34
C PHE A 597 25.57 -22.22 -28.53
N THR A 598 25.71 -22.63 -29.79
CA THR A 598 26.46 -23.83 -30.11
C THR A 598 27.86 -23.44 -30.55
N PHE A 599 28.79 -24.39 -30.47
CA PHE A 599 30.15 -24.15 -30.95
C PHE A 599 30.26 -24.54 -32.42
N ASN A 600 31.43 -24.35 -32.99
CA ASN A 600 31.68 -24.79 -34.37
C ASN A 600 32.19 -26.23 -34.38
N ILE A 601 31.77 -27.00 -33.38
CA ILE A 601 32.14 -28.40 -33.21
C ILE A 601 33.65 -28.61 -33.31
N ARG A 611 23.58 -55.26 -30.13
CA ARG A 611 23.75 -55.66 -31.52
C ARG A 611 24.99 -56.59 -31.59
N LYS A 612 25.35 -57.05 -30.40
CA LYS A 612 26.13 -58.26 -30.15
C LYS A 612 25.87 -59.41 -31.11
N GLU A 613 26.76 -60.41 -31.10
CA GLU A 613 26.39 -61.72 -31.60
C GLU A 613 25.44 -62.32 -30.56
N PRO A 614 24.72 -63.40 -30.91
CA PRO A 614 23.87 -64.01 -29.88
C PRO A 614 24.67 -64.41 -28.63
N VAL A 615 23.97 -64.57 -27.51
CA VAL A 615 24.63 -64.99 -26.28
C VAL A 615 24.39 -66.47 -26.02
N ASP A 616 25.46 -67.19 -25.71
CA ASP A 616 25.34 -68.57 -25.27
C ASP A 616 24.59 -68.59 -23.94
N GLU A 617 23.31 -68.94 -24.00
CA GLU A 617 22.44 -68.86 -22.84
C GLU A 617 22.61 -70.03 -21.89
N ASP A 618 23.50 -70.96 -22.22
CA ASP A 618 23.87 -72.00 -21.28
C ASP A 618 25.08 -71.54 -20.48
N LEU A 619 25.98 -70.83 -21.16
CA LEU A 619 27.14 -70.23 -20.51
C LEU A 619 26.72 -69.07 -19.62
N TYR A 620 25.82 -68.24 -20.13
CA TYR A 620 25.31 -67.09 -19.37
C TYR A 620 23.79 -67.15 -19.27
N PRO A 621 23.28 -68.00 -18.36
CA PRO A 621 21.86 -68.31 -18.25
C PRO A 621 21.01 -67.19 -17.63
N GLU A 622 21.64 -66.17 -17.07
CA GLU A 622 20.90 -65.10 -16.41
C GLU A 622 21.05 -63.76 -17.13
N HIS A 623 21.63 -63.77 -18.31
CA HIS A 623 21.86 -62.55 -19.07
C HIS A 623 20.56 -61.99 -19.64
N TYR A 624 19.56 -62.85 -19.80
CA TYR A 624 18.28 -62.44 -20.36
C TYR A 624 17.55 -61.45 -19.45
N ARG A 625 17.91 -61.45 -18.16
CA ARG A 625 17.29 -60.56 -17.19
C ARG A 625 17.74 -59.12 -17.37
N LYS A 626 18.68 -58.89 -18.28
CA LYS A 626 19.16 -57.55 -18.59
C LYS A 626 18.32 -56.91 -19.69
N TYR A 627 17.07 -57.37 -19.81
CA TYR A 627 16.10 -57.05 -20.86
C TYR A 627 16.23 -58.03 -22.03
N LEU A 636 17.65 -40.14 -17.86
CA LEU A 636 18.11 -38.78 -18.03
C LEU A 636 19.54 -38.59 -17.51
N ASP A 637 20.29 -37.72 -18.16
CA ASP A 637 21.66 -37.45 -17.76
C ASP A 637 21.80 -36.06 -17.15
N ALA A 638 22.95 -35.79 -16.55
CA ALA A 638 23.26 -34.45 -16.10
C ALA A 638 23.36 -33.54 -17.30
N PRO A 639 22.73 -32.36 -17.23
CA PRO A 639 22.86 -31.39 -18.33
C PRO A 639 24.30 -30.89 -18.47
N GLU A 640 24.56 -30.09 -19.49
CA GLU A 640 25.90 -29.53 -19.66
C GLU A 640 26.10 -28.38 -18.69
N PRO A 641 27.34 -28.17 -18.24
CA PRO A 641 27.63 -26.99 -17.43
C PRO A 641 27.41 -25.70 -18.21
N TYR A 642 27.39 -24.57 -17.52
CA TYR A 642 27.13 -23.27 -18.15
C TYR A 642 28.02 -22.99 -19.36
N ARG A 643 27.43 -22.40 -20.39
CA ARG A 643 28.21 -21.77 -21.44
C ARG A 643 28.83 -20.52 -20.83
N ILE A 644 30.09 -20.27 -21.13
CA ILE A 644 30.78 -19.11 -20.58
C ILE A 644 31.22 -18.16 -21.68
N GLY A 645 30.85 -16.89 -21.55
CA GLY A 645 31.19 -15.89 -22.54
C GLY A 645 31.63 -14.58 -21.94
N ARG A 646 32.46 -13.85 -22.68
CA ARG A 646 32.85 -12.51 -22.27
C ARG A 646 32.02 -11.47 -23.02
N ILE A 647 31.47 -10.52 -22.28
CA ILE A 647 30.60 -9.51 -22.88
C ILE A 647 31.38 -8.55 -23.76
N LYS A 648 31.06 -8.56 -25.06
CA LYS A 648 31.68 -7.65 -26.01
C LYS A 648 30.80 -6.42 -26.19
N GLU A 649 29.48 -6.64 -26.24
CA GLU A 649 28.52 -5.57 -26.41
C GLU A 649 27.25 -5.79 -25.59
N ILE A 650 26.70 -4.70 -25.07
CA ILE A 650 25.35 -4.69 -24.52
C ILE A 650 24.53 -3.73 -25.36
N PHE A 651 23.49 -4.22 -26.02
CA PHE A 651 22.72 -3.35 -26.91
C PHE A 651 21.23 -3.65 -26.96
N CYS A 652 20.47 -2.65 -27.37
CA CYS A 652 19.04 -2.79 -27.60
C CYS A 652 18.69 -2.29 -29.00
N PRO A 653 17.89 -3.07 -29.74
CA PRO A 653 17.45 -2.65 -31.06
C PRO A 653 16.56 -1.42 -31.00
N LYS A 654 16.73 -0.50 -31.94
CA LYS A 654 15.84 0.64 -32.04
C LYS A 654 14.54 0.23 -32.72
N LYS A 655 13.41 0.72 -32.20
CA LYS A 655 12.11 0.44 -32.80
C LYS A 655 11.83 1.39 -33.96
N SER A 656 10.58 1.37 -34.44
CA SER A 656 10.18 2.14 -35.61
C SER A 656 10.34 3.64 -35.42
N ASN A 657 10.31 4.10 -34.16
CA ASN A 657 10.37 5.53 -33.88
C ASN A 657 11.80 6.05 -33.69
N GLY A 658 12.77 5.13 -33.61
CA GLY A 658 14.16 5.52 -33.51
C GLY A 658 14.71 5.52 -32.09
N ARG A 659 13.85 5.21 -31.13
CA ARG A 659 14.27 5.13 -29.74
C ARG A 659 14.62 3.70 -29.37
N PRO A 660 15.65 3.51 -28.52
CA PRO A 660 16.09 2.16 -28.12
C PRO A 660 15.02 1.37 -27.36
N ASN A 661 14.81 0.12 -27.77
CA ASN A 661 13.86 -0.77 -27.11
C ASN A 661 14.52 -1.50 -25.95
N GLU A 662 14.33 -0.99 -24.73
CA GLU A 662 14.99 -1.56 -23.57
C GLU A 662 14.10 -2.57 -22.83
N THR A 663 13.10 -3.10 -23.54
CA THR A 663 12.31 -4.20 -23.02
C THR A 663 13.00 -5.53 -23.34
N ASP A 664 13.82 -5.51 -24.39
CA ASP A 664 14.66 -6.66 -24.71
C ASP A 664 16.12 -6.21 -24.84
N ILE A 665 16.95 -6.70 -23.91
CA ILE A 665 18.36 -6.35 -23.91
C ILE A 665 19.18 -7.51 -24.48
N LYS A 666 20.07 -7.18 -25.41
CA LYS A 666 20.86 -8.20 -26.08
C LYS A 666 22.33 -8.17 -25.66
N ILE A 667 23.02 -9.29 -25.80
CA ILE A 667 24.43 -9.39 -25.44
C ILE A 667 25.23 -10.08 -26.54
N ARG A 668 26.18 -9.37 -27.12
CA ARG A 668 27.14 -10.00 -28.03
C ARG A 668 28.30 -10.55 -27.21
N VAL A 669 28.54 -11.85 -27.33
CA VAL A 669 29.48 -12.53 -26.46
C VAL A 669 30.58 -13.25 -27.24
N ASN A 670 31.79 -13.26 -26.68
CA ASN A 670 32.86 -14.11 -27.17
C ASN A 670 32.78 -15.48 -26.52
N LYS A 671 32.60 -16.52 -27.33
CA LYS A 671 32.50 -17.88 -26.81
C LYS A 671 33.78 -18.31 -26.13
N PHE A 672 33.64 -19.06 -25.03
CA PHE A 672 34.78 -19.73 -24.41
C PHE A 672 34.61 -21.23 -24.58
N TYR A 673 35.71 -21.91 -24.90
CA TYR A 673 35.69 -23.35 -25.04
C TYR A 673 36.16 -24.04 -23.77
N ARG A 674 35.34 -24.95 -23.26
CA ARG A 674 35.82 -25.91 -22.27
C ARG A 674 36.59 -26.95 -23.06
N PRO A 675 37.56 -27.64 -22.41
CA PRO A 675 38.29 -28.71 -23.08
C PRO A 675 37.37 -29.75 -23.72
N GLU A 676 36.18 -29.94 -23.16
CA GLU A 676 35.21 -30.90 -23.67
C GLU A 676 34.55 -30.42 -24.97
N ASN A 677 34.47 -29.11 -25.13
CA ASN A 677 33.85 -28.53 -26.32
C ASN A 677 34.78 -28.61 -27.53
N THR A 678 36.07 -28.75 -27.23
CA THR A 678 37.11 -28.94 -28.25
C THR A 678 36.85 -30.23 -29.04
N HIS A 679 37.39 -30.31 -30.25
CA HIS A 679 37.34 -31.54 -31.05
C HIS A 679 37.88 -32.73 -30.28
N LYS A 680 38.77 -32.47 -29.32
CA LYS A 680 39.27 -33.49 -28.41
C LYS A 680 38.13 -34.15 -27.63
N SER A 681 37.05 -33.39 -27.46
CA SER A 681 35.83 -33.86 -26.79
C SER A 681 36.07 -34.23 -25.32
N THR A 682 35.23 -35.13 -24.81
CA THR A 682 35.20 -35.48 -23.39
C THR A 682 36.54 -35.87 -22.74
N PRO A 683 37.37 -36.69 -23.41
CA PRO A 683 38.62 -37.10 -22.72
C PRO A 683 39.57 -35.95 -22.39
N ALA A 684 39.32 -34.77 -22.93
CA ALA A 684 40.17 -33.61 -22.66
C ALA A 684 39.97 -33.10 -21.24
N SER A 685 38.84 -33.44 -20.63
CA SER A 685 38.51 -32.97 -19.29
C SER A 685 39.15 -33.81 -18.20
N TYR A 686 39.63 -35.00 -18.57
CA TYR A 686 40.19 -35.96 -17.62
C TYR A 686 41.34 -35.35 -16.81
N HIS A 687 42.27 -34.70 -17.51
CA HIS A 687 43.43 -34.11 -16.86
C HIS A 687 43.25 -32.62 -16.59
N ALA A 688 42.47 -31.96 -17.43
CA ALA A 688 42.30 -30.51 -17.38
C ALA A 688 41.75 -30.05 -16.03
N ASP A 689 42.21 -28.88 -15.59
CA ASP A 689 41.61 -28.22 -14.44
C ASP A 689 40.13 -28.03 -14.70
N ILE A 690 39.31 -28.22 -13.66
CA ILE A 690 37.87 -28.02 -13.77
C ILE A 690 37.59 -26.53 -13.95
N ASN A 691 38.64 -25.74 -13.80
CA ASN A 691 38.60 -24.28 -13.84
C ASN A 691 38.98 -23.70 -15.20
N LEU A 692 39.48 -24.57 -16.09
CA LEU A 692 40.13 -24.13 -17.31
C LEU A 692 39.19 -23.89 -18.50
N LEU A 693 39.49 -22.84 -19.26
CA LEU A 693 38.78 -22.55 -20.50
C LEU A 693 39.76 -22.26 -21.64
N TYR A 694 39.25 -22.15 -22.86
CA TYR A 694 40.05 -21.71 -23.99
C TYR A 694 39.39 -20.51 -24.65
N TRP A 695 40.17 -19.47 -24.93
CA TRP A 695 39.64 -18.30 -25.63
C TRP A 695 39.21 -18.68 -27.04
N SER A 696 38.18 -18.02 -27.54
CA SER A 696 37.73 -18.22 -28.91
C SER A 696 37.38 -16.88 -29.54
N ASP A 697 37.47 -16.81 -30.86
CA ASP A 697 37.09 -15.59 -31.58
C ASP A 697 35.71 -15.76 -32.18
N GLU A 698 35.07 -16.88 -31.88
CA GLU A 698 33.68 -17.09 -32.27
C GLU A 698 32.78 -16.22 -31.41
N GLU A 699 31.72 -15.70 -32.02
CA GLU A 699 30.81 -14.80 -31.29
C GLU A 699 29.36 -15.25 -31.42
N ALA A 700 28.54 -14.80 -30.47
CA ALA A 700 27.12 -15.12 -30.46
C ALA A 700 26.32 -14.00 -29.82
N VAL A 701 25.06 -13.88 -30.22
CA VAL A 701 24.17 -12.87 -29.66
C VAL A 701 23.06 -13.54 -28.85
N VAL A 702 22.99 -13.20 -27.57
CA VAL A 702 22.03 -13.82 -26.67
C VAL A 702 21.14 -12.78 -25.99
N ASP A 703 20.01 -13.24 -25.45
CA ASP A 703 19.15 -12.39 -24.64
C ASP A 703 19.80 -12.16 -23.28
N PHE A 704 19.66 -10.95 -22.75
CA PHE A 704 20.17 -10.63 -21.42
C PHE A 704 19.38 -11.41 -20.37
N LYS A 705 18.15 -11.76 -20.71
CA LYS A 705 17.31 -12.60 -19.85
C LYS A 705 17.94 -13.96 -19.59
N ALA A 706 18.72 -14.43 -20.57
CA ALA A 706 19.28 -15.77 -20.53
C ALA A 706 20.45 -15.91 -19.56
N VAL A 707 21.11 -14.80 -19.28
CA VAL A 707 22.27 -14.78 -18.38
C VAL A 707 21.94 -15.46 -17.06
N GLN A 708 22.89 -16.22 -16.51
CA GLN A 708 22.63 -16.95 -15.27
C GLN A 708 23.50 -16.47 -14.12
N GLY A 709 24.37 -15.52 -14.40
CA GLY A 709 25.24 -14.97 -13.38
C GLY A 709 26.55 -14.46 -13.94
N ARG A 710 27.33 -13.78 -13.11
CA ARG A 710 28.61 -13.23 -13.53
C ARG A 710 29.77 -14.06 -12.98
N CYS A 711 30.76 -14.30 -13.83
CA CYS A 711 31.95 -15.03 -13.44
C CYS A 711 33.20 -14.26 -13.85
N THR A 712 34.34 -14.63 -13.27
CA THR A 712 35.61 -14.02 -13.62
C THR A 712 36.41 -14.92 -14.55
N VAL A 713 36.65 -14.45 -15.77
CA VAL A 713 37.48 -15.20 -16.71
C VAL A 713 38.74 -14.39 -17.02
N GLU A 714 39.88 -14.88 -16.52
CA GLU A 714 41.12 -14.12 -16.61
C GLU A 714 42.20 -14.86 -17.40
N TYR A 715 42.90 -14.13 -18.25
CA TYR A 715 44.07 -14.68 -18.93
C TYR A 715 45.14 -15.02 -17.89
N GLY A 716 45.50 -16.29 -17.83
CA GLY A 716 46.36 -16.81 -16.77
C GLY A 716 47.68 -16.10 -16.54
N GLU A 717 48.30 -15.62 -17.61
CA GLU A 717 49.60 -14.98 -17.51
C GLU A 717 49.52 -13.60 -16.85
N ASP A 718 48.43 -12.90 -17.08
CA ASP A 718 48.24 -11.56 -16.53
C ASP A 718 48.02 -11.59 -15.02
N LEU A 719 47.65 -12.76 -14.50
CA LEU A 719 47.35 -12.92 -13.08
C LEU A 719 48.51 -12.52 -12.17
N PRO A 720 48.21 -11.82 -11.08
CA PRO A 720 49.21 -11.33 -10.13
C PRO A 720 49.70 -12.42 -9.17
N GLU A 721 49.22 -13.64 -9.37
CA GLU A 721 49.55 -14.74 -8.48
C GLU A 721 49.39 -16.09 -9.16
N CYS A 722 49.57 -17.17 -8.40
CA CYS A 722 49.45 -18.52 -8.93
C CYS A 722 48.01 -18.85 -9.27
N VAL A 723 47.83 -19.72 -10.25
CA VAL A 723 46.49 -20.15 -10.67
C VAL A 723 45.77 -20.84 -9.50
N GLN A 724 46.51 -21.66 -8.76
CA GLN A 724 45.96 -22.35 -7.60
C GLN A 724 45.45 -21.36 -6.55
N VAL A 725 46.25 -20.34 -6.26
CA VAL A 725 45.85 -19.29 -5.34
C VAL A 725 44.66 -18.51 -5.89
N TYR A 726 44.72 -18.20 -7.18
CA TYR A 726 43.64 -17.50 -7.86
C TYR A 726 42.33 -18.29 -7.82
N SER A 727 42.39 -19.55 -8.23
CA SER A 727 41.21 -20.40 -8.27
C SER A 727 40.62 -20.63 -6.89
N MET A 728 41.48 -20.64 -5.87
CA MET A 728 41.06 -20.87 -4.50
C MET A 728 40.66 -19.57 -3.80
N GLY A 729 40.73 -18.47 -4.54
CA GLY A 729 40.47 -17.15 -3.97
C GLY A 729 39.01 -16.80 -3.80
N GLY A 730 38.16 -17.33 -4.67
CA GLY A 730 36.74 -17.03 -4.61
C GLY A 730 35.93 -17.85 -5.60
N PRO A 731 34.61 -17.63 -5.61
CA PRO A 731 33.70 -18.38 -6.49
C PRO A 731 33.71 -17.84 -7.92
N ASN A 732 33.27 -18.68 -8.86
CA ASN A 732 33.10 -18.29 -10.26
C ASN A 732 34.36 -17.72 -10.91
N ARG A 733 35.51 -18.25 -10.54
CA ARG A 733 36.77 -17.82 -11.12
C ARG A 733 37.26 -18.82 -12.16
N PHE A 734 37.31 -18.40 -13.41
CA PHE A 734 37.85 -19.23 -14.48
C PHE A 734 39.10 -18.59 -15.06
N TYR A 735 39.87 -19.37 -15.81
CA TYR A 735 41.07 -18.85 -16.45
C TYR A 735 41.38 -19.57 -17.75
N PHE A 736 42.13 -18.90 -18.62
CA PHE A 736 42.56 -19.49 -19.88
C PHE A 736 44.01 -19.13 -20.15
N LEU A 737 44.69 -19.99 -20.92
CA LEU A 737 46.09 -19.74 -21.26
C LEU A 737 46.25 -19.67 -22.77
N GLU A 738 45.38 -20.36 -23.49
CA GLU A 738 45.47 -20.44 -24.94
C GLU A 738 44.12 -20.17 -25.61
N ALA A 739 44.18 -19.80 -26.88
CA ALA A 739 42.98 -19.72 -27.70
C ALA A 739 42.85 -21.01 -28.50
N TYR A 740 41.66 -21.28 -29.03
CA TYR A 740 41.44 -22.49 -29.80
C TYR A 740 40.73 -22.18 -31.12
N ASN A 741 41.35 -22.61 -32.22
CA ASN A 741 40.76 -22.42 -33.54
C ASN A 741 40.00 -23.66 -33.98
N ALA A 742 38.69 -23.53 -34.14
CA ALA A 742 37.84 -24.66 -34.47
C ALA A 742 38.09 -25.18 -35.88
N LYS A 743 38.21 -24.27 -36.84
CA LYS A 743 38.39 -24.66 -38.24
C LYS A 743 39.74 -25.33 -38.49
N SER A 744 40.74 -24.97 -37.71
CA SER A 744 42.06 -25.57 -37.84
C SER A 744 42.25 -26.68 -36.82
N LYS A 745 41.31 -26.77 -35.87
CA LYS A 745 41.34 -27.76 -34.79
C LYS A 745 42.69 -27.77 -34.08
N SER A 746 43.18 -26.57 -33.75
CA SER A 746 44.47 -26.43 -33.09
C SER A 746 44.47 -25.29 -32.09
N PHE A 747 45.53 -25.22 -31.27
CA PHE A 747 45.62 -24.22 -30.22
C PHE A 747 46.76 -23.24 -30.48
N GLU A 748 46.64 -22.04 -29.89
CA GLU A 748 47.64 -20.99 -30.07
C GLU A 748 47.44 -19.91 -29.01
N ASP A 749 48.49 -19.12 -28.75
CA ASP A 749 48.39 -17.98 -27.85
C ASP A 749 47.21 -17.09 -28.21
N PRO A 750 46.46 -16.63 -27.20
CA PRO A 750 45.28 -15.80 -27.43
C PRO A 750 45.65 -14.41 -27.96
N PRO A 751 44.77 -13.81 -28.76
CA PRO A 751 45.00 -12.44 -29.23
C PRO A 751 45.06 -11.48 -28.05
N ASN A 752 45.85 -10.41 -28.17
CA ASN A 752 46.07 -9.52 -27.04
C ASN A 752 44.89 -8.63 -26.72
N HIS A 753 43.82 -8.72 -27.52
CA HIS A 753 42.58 -8.03 -27.18
C HIS A 753 41.73 -8.95 -26.31
N ALA A 754 42.35 -10.00 -25.79
CA ALA A 754 41.73 -10.88 -24.81
C ALA A 754 42.39 -10.69 -23.46
N ARG A 755 43.44 -9.88 -23.43
CA ARG A 755 44.06 -9.46 -22.18
C ARG A 755 43.33 -8.25 -21.62
N SER A 756 43.86 -7.70 -20.53
CA SER A 756 43.29 -6.49 -19.92
C SER A 756 44.30 -5.82 -19.00
N LYS A 786 40.11 -12.48 7.84
CA LYS A 786 40.14 -11.28 8.68
C LYS A 786 39.30 -11.49 9.95
N LEU A 787 38.23 -12.28 9.82
CA LEU A 787 37.34 -12.53 10.95
C LEU A 787 37.86 -13.67 11.82
N PRO A 788 37.69 -13.53 13.14
CA PRO A 788 38.07 -14.60 14.07
C PRO A 788 37.18 -15.82 13.89
N LYS A 789 37.78 -17.01 13.86
CA LYS A 789 37.03 -18.24 13.68
C LYS A 789 36.09 -18.49 14.86
N LEU A 790 34.93 -19.08 14.58
CA LEU A 790 33.96 -19.38 15.61
C LEU A 790 34.38 -20.59 16.44
N ARG A 791 34.36 -20.44 17.76
CA ARG A 791 34.64 -21.56 18.65
C ARG A 791 33.51 -22.59 18.54
N THR A 792 33.80 -23.71 17.87
CA THR A 792 32.77 -24.66 17.49
C THR A 792 32.79 -25.95 18.32
N LEU A 793 31.61 -26.40 18.71
CA LEU A 793 31.44 -27.70 19.34
C LEU A 793 30.75 -28.66 18.38
N ASP A 794 31.43 -29.73 18.01
CA ASP A 794 30.87 -30.73 17.13
C ASP A 794 30.39 -31.94 17.92
N VAL A 795 29.07 -32.09 18.04
CA VAL A 795 28.49 -33.25 18.70
C VAL A 795 28.27 -34.35 17.67
N PHE A 796 28.45 -35.60 18.08
CA PHE A 796 28.45 -36.73 17.15
C PHE A 796 29.44 -36.45 16.03
N SER A 797 30.67 -36.13 16.42
CA SER A 797 31.66 -35.62 15.47
C SER A 797 32.16 -36.65 14.48
N GLY A 798 32.22 -37.91 14.88
CA GLY A 798 32.78 -38.96 14.06
C GLY A 798 34.27 -38.71 13.85
N CYS A 799 34.76 -38.96 12.64
CA CYS A 799 36.17 -38.71 12.33
C CYS A 799 36.38 -37.24 11.96
N GLY A 800 35.29 -36.53 11.70
CA GLY A 800 35.34 -35.09 11.53
C GLY A 800 35.16 -34.56 10.13
N GLY A 801 34.34 -35.24 9.32
CA GLY A 801 34.06 -34.79 7.97
C GLY A 801 33.41 -33.42 7.94
N LEU A 802 32.46 -33.19 8.84
CA LEU A 802 31.74 -31.93 8.91
C LEU A 802 32.65 -30.80 9.40
N SER A 803 33.43 -31.07 10.43
CA SER A 803 34.34 -30.06 10.99
C SER A 803 35.45 -29.72 10.01
N GLU A 804 35.86 -30.71 9.23
CA GLU A 804 36.91 -30.50 8.22
C GLU A 804 36.48 -29.50 7.16
N GLY A 805 35.25 -29.65 6.69
CA GLY A 805 34.70 -28.74 5.69
C GLY A 805 34.58 -27.33 6.21
N PHE A 806 34.14 -27.19 7.46
CA PHE A 806 34.00 -25.88 8.09
C PHE A 806 35.37 -25.21 8.26
N HIS A 807 36.38 -26.02 8.56
CA HIS A 807 37.74 -25.51 8.70
C HIS A 807 38.28 -25.02 7.37
N GLN A 808 37.94 -25.73 6.29
CA GLN A 808 38.33 -25.33 4.95
C GLN A 808 37.62 -24.04 4.55
N ALA A 809 36.46 -23.79 5.14
CA ALA A 809 35.71 -22.58 4.86
C ALA A 809 36.30 -21.39 5.60
N GLY A 810 37.09 -21.67 6.64
CA GLY A 810 37.77 -20.64 7.40
C GLY A 810 36.88 -19.92 8.40
N ILE A 811 35.77 -20.56 8.77
CA ILE A 811 34.80 -19.95 9.67
C ILE A 811 34.87 -20.53 11.08
N SER A 812 35.59 -21.63 11.23
CA SER A 812 35.46 -22.42 12.45
C SER A 812 36.76 -22.99 13.01
N ASP A 813 36.80 -23.10 14.34
CA ASP A 813 37.82 -23.84 15.06
C ASP A 813 37.14 -24.80 16.02
N THR A 814 37.08 -26.08 15.66
CA THR A 814 36.43 -27.08 16.51
C THR A 814 37.30 -27.38 17.72
N LEU A 815 37.05 -26.69 18.83
CA LEU A 815 37.83 -26.85 20.04
C LEU A 815 37.29 -27.98 20.90
N TRP A 816 36.04 -28.37 20.67
CA TRP A 816 35.42 -29.45 21.41
C TRP A 816 34.69 -30.41 20.48
N ALA A 817 34.80 -31.71 20.76
CA ALA A 817 34.10 -32.72 19.99
C ALA A 817 33.59 -33.83 20.89
N ILE A 818 32.37 -34.29 20.62
CA ILE A 818 31.80 -35.39 21.39
C ILE A 818 31.53 -36.58 20.49
N GLU A 819 32.15 -37.71 20.81
CA GLU A 819 32.03 -38.92 20.01
C GLU A 819 32.15 -40.15 20.89
N MET A 820 31.06 -40.90 21.01
CA MET A 820 30.99 -42.04 21.91
C MET A 820 31.81 -43.22 21.42
N TRP A 821 31.91 -43.36 20.10
CA TRP A 821 32.64 -44.47 19.48
C TRP A 821 34.14 -44.15 19.41
N ASP A 822 34.94 -44.94 20.10
CA ASP A 822 36.36 -44.65 20.30
C ASP A 822 37.22 -44.49 19.03
N PRO A 823 37.10 -45.40 18.05
CA PRO A 823 37.94 -45.22 16.86
C PRO A 823 37.70 -43.92 16.11
N ALA A 824 36.45 -43.48 16.05
CA ALA A 824 36.12 -42.23 15.38
C ALA A 824 36.68 -41.03 16.14
N ALA A 825 36.52 -41.06 17.46
CA ALA A 825 37.04 -40.01 18.33
C ALA A 825 38.55 -39.92 18.22
N GLN A 826 39.20 -41.08 18.11
CA GLN A 826 40.65 -41.15 17.98
C GLN A 826 41.10 -40.51 16.67
N ALA A 827 40.36 -40.79 15.60
CA ALA A 827 40.67 -40.24 14.29
C ALA A 827 40.48 -38.74 14.27
N PHE A 828 39.51 -38.24 15.04
CA PHE A 828 39.26 -36.81 15.12
C PHE A 828 40.43 -36.10 15.79
N ARG A 829 41.00 -36.74 16.81
CA ARG A 829 42.15 -36.18 17.52
C ARG A 829 43.36 -36.02 16.62
N LEU A 830 43.58 -37.01 15.76
CA LEU A 830 44.73 -37.00 14.86
C LEU A 830 44.70 -35.84 13.89
N ASN A 831 43.50 -35.51 13.41
CA ASN A 831 43.33 -34.41 12.47
C ASN A 831 43.12 -33.06 13.16
N ASN A 832 42.85 -33.12 14.47
CA ASN A 832 42.64 -31.90 15.25
C ASN A 832 43.40 -31.95 16.58
N PRO A 833 44.70 -31.60 16.53
CA PRO A 833 45.58 -31.65 17.70
C PRO A 833 45.16 -30.66 18.80
N GLY A 834 44.61 -29.52 18.41
CA GLY A 834 44.25 -28.48 19.35
C GLY A 834 42.84 -28.59 19.91
N SER A 835 42.17 -29.70 19.60
CA SER A 835 40.80 -29.89 20.05
C SER A 835 40.71 -30.75 21.31
N THR A 836 39.60 -30.62 22.02
CA THR A 836 39.33 -31.44 23.19
C THR A 836 38.21 -32.43 22.89
N VAL A 837 38.59 -33.68 22.63
CA VAL A 837 37.63 -34.71 22.24
C VAL A 837 37.18 -35.55 23.43
N PHE A 838 35.88 -35.56 23.69
CA PHE A 838 35.32 -36.34 24.77
C PHE A 838 34.76 -37.67 24.25
N THR A 839 35.48 -38.76 24.53
CA THR A 839 35.00 -40.08 24.14
C THR A 839 33.92 -40.53 25.13
N GLU A 840 32.74 -39.92 25.01
CA GLU A 840 31.63 -40.19 25.92
C GLU A 840 30.29 -40.09 25.21
N ASP A 841 29.23 -40.46 25.92
CA ASP A 841 27.87 -40.21 25.46
C ASP A 841 27.56 -38.73 25.66
N CYS A 842 26.92 -38.12 24.67
CA CYS A 842 26.63 -36.68 24.70
C CYS A 842 25.73 -36.31 25.87
N ASN A 843 24.92 -37.26 26.32
CA ASN A 843 24.01 -37.02 27.44
C ASN A 843 24.76 -36.84 28.77
N ILE A 844 25.96 -37.41 28.84
CA ILE A 844 26.76 -37.36 30.06
C ILE A 844 27.33 -35.96 30.31
N LEU A 845 27.97 -35.41 29.28
CA LEU A 845 28.67 -34.12 29.40
C LEU A 845 27.75 -32.98 29.82
N LEU A 846 26.67 -32.79 29.09
CA LEU A 846 25.74 -31.70 29.35
C LEU A 846 25.18 -31.80 30.77
N LYS A 847 24.98 -33.03 31.24
CA LYS A 847 24.50 -33.26 32.59
C LYS A 847 25.53 -32.76 33.61
N LEU A 848 26.80 -32.92 33.28
CA LEU A 848 27.89 -32.45 34.15
C LEU A 848 27.99 -30.93 34.13
N VAL A 849 27.86 -30.35 32.95
CA VAL A 849 27.94 -28.90 32.79
C VAL A 849 26.75 -28.21 33.45
N MET A 850 25.58 -28.84 33.34
CA MET A 850 24.37 -28.31 33.98
C MET A 850 24.39 -28.60 35.48
N ALA A 851 25.40 -29.35 35.93
CA ALA A 851 25.55 -29.64 37.36
C ALA A 851 26.55 -28.69 38.00
N GLY A 852 27.29 -27.96 37.17
CA GLY A 852 28.23 -26.97 37.67
C GLY A 852 29.68 -27.42 37.58
N GLU A 853 29.90 -28.66 37.15
CA GLU A 853 31.25 -29.20 37.02
C GLU A 853 32.02 -28.47 35.91
N THR A 854 33.34 -28.49 36.03
CA THR A 854 34.19 -27.79 35.07
C THR A 854 35.06 -28.77 34.29
N THR A 855 35.31 -29.95 34.86
CA THR A 855 36.04 -31.01 34.18
C THR A 855 35.34 -32.36 34.38
N ASN A 856 35.56 -33.27 33.44
CA ASN A 856 35.06 -34.64 33.60
C ASN A 856 35.98 -35.42 34.53
N SER A 857 35.68 -36.71 34.72
CA SER A 857 36.47 -37.55 35.61
C SER A 857 37.91 -37.72 35.09
N ARG A 858 38.07 -37.64 33.77
CA ARG A 858 39.39 -37.72 33.17
C ARG A 858 40.15 -36.41 33.28
N GLY A 859 39.45 -35.35 33.66
CA GLY A 859 40.08 -34.06 33.87
C GLY A 859 40.11 -33.18 32.64
N GLN A 860 39.23 -33.45 31.69
CA GLN A 860 39.12 -32.62 30.49
C GLN A 860 38.24 -31.42 30.76
N ARG A 861 38.73 -30.23 30.45
CA ARG A 861 37.99 -29.01 30.71
C ARG A 861 36.70 -28.93 29.89
N LEU A 862 35.57 -28.94 30.59
CA LEU A 862 34.27 -28.88 29.94
C LEU A 862 33.99 -27.48 29.37
N PRO A 863 33.31 -27.43 28.22
CA PRO A 863 32.90 -26.14 27.64
C PRO A 863 31.77 -25.50 28.43
N GLN A 864 31.88 -24.19 28.66
CA GLN A 864 30.87 -23.48 29.45
C GLN A 864 30.12 -22.46 28.59
N LYS A 865 29.14 -21.81 29.19
CA LYS A 865 28.41 -20.73 28.51
C LYS A 865 29.36 -19.66 28.00
N GLY A 866 29.23 -19.29 26.73
CA GLY A 866 30.08 -18.28 26.14
C GLY A 866 31.20 -18.87 25.30
N ASP A 867 31.65 -20.07 25.69
CA ASP A 867 32.70 -20.76 24.95
C ASP A 867 32.21 -21.15 23.56
N VAL A 868 31.08 -21.84 23.50
CA VAL A 868 30.53 -22.33 22.24
C VAL A 868 29.87 -21.20 21.44
N GLU A 869 30.43 -20.90 20.27
CA GLU A 869 29.87 -19.89 19.39
C GLU A 869 29.07 -20.53 18.26
N MET A 870 29.47 -21.75 17.90
CA MET A 870 28.73 -22.51 16.89
C MET A 870 28.58 -23.96 17.31
N LEU A 871 27.36 -24.49 17.14
CA LEU A 871 27.07 -25.87 17.47
C LEU A 871 26.63 -26.64 16.23
N CYS A 872 27.33 -27.72 15.92
CA CYS A 872 26.99 -28.55 14.77
C CYS A 872 27.01 -30.02 15.15
N GLY A 873 26.20 -30.82 14.46
CA GLY A 873 26.13 -32.24 14.74
C GLY A 873 25.23 -33.01 13.80
N GLY A 874 25.59 -34.26 13.56
CA GLY A 874 24.80 -35.14 12.71
C GLY A 874 24.39 -36.39 13.46
N PRO A 875 23.36 -36.29 14.31
CA PRO A 875 22.90 -37.42 15.12
C PRO A 875 22.25 -38.52 14.28
N PRO A 876 22.61 -39.78 14.55
CA PRO A 876 22.02 -40.93 13.86
C PRO A 876 20.50 -40.98 14.08
N CYS A 877 19.78 -41.51 13.10
CA CYS A 877 18.33 -41.45 13.11
C CYS A 877 17.65 -42.75 13.51
N GLN A 878 18.45 -43.74 13.92
CA GLN A 878 17.95 -45.09 14.19
C GLN A 878 16.82 -45.16 15.23
N GLY A 879 16.70 -44.13 16.06
CA GLY A 879 15.68 -44.13 17.09
C GLY A 879 14.29 -43.69 16.64
N PHE A 880 14.22 -42.99 15.51
CA PHE A 880 12.99 -42.31 15.13
C PHE A 880 12.75 -42.27 13.62
N SER A 881 13.23 -43.27 12.89
CA SER A 881 13.34 -43.17 11.44
C SER A 881 12.20 -43.80 10.64
N GLY A 882 10.98 -43.78 11.17
CA GLY A 882 9.84 -44.29 10.42
C GLY A 882 9.01 -43.17 9.82
N MET A 883 8.34 -43.45 8.71
CA MET A 883 7.51 -42.44 8.05
C MET A 883 6.09 -42.41 8.58
N ASN A 884 5.63 -43.54 9.13
CA ASN A 884 4.31 -43.61 9.73
C ASN A 884 4.19 -42.66 10.91
N ARG A 885 2.98 -42.21 11.18
CA ARG A 885 2.73 -41.23 12.25
C ARG A 885 3.16 -41.75 13.62
N PHE A 886 3.40 -40.81 14.54
CA PHE A 886 3.74 -41.15 15.91
C PHE A 886 2.64 -41.93 16.61
N ASN A 887 3.03 -42.89 17.43
CA ASN A 887 2.13 -43.48 18.41
C ASN A 887 2.73 -43.29 19.80
N SER A 888 2.10 -43.87 20.81
CA SER A 888 2.57 -43.69 22.19
C SER A 888 3.95 -44.28 22.40
N ARG A 889 4.14 -45.52 21.94
CA ARG A 889 5.41 -46.22 22.12
C ARG A 889 6.56 -45.55 21.36
N THR A 890 6.33 -45.28 20.09
CA THR A 890 7.38 -44.77 19.22
C THR A 890 7.80 -43.34 19.58
N TYR A 891 6.88 -42.57 20.16
CA TYR A 891 7.20 -41.20 20.54
C TYR A 891 8.12 -41.15 21.74
N SER A 892 7.94 -42.09 22.66
CA SER A 892 8.78 -42.16 23.85
C SER A 892 10.25 -42.34 23.45
N LYS A 893 10.47 -43.09 22.37
CA LYS A 893 11.81 -43.32 21.87
C LYS A 893 12.38 -42.04 21.24
N PHE A 894 11.50 -41.22 20.67
CA PHE A 894 11.92 -39.93 20.11
C PHE A 894 12.00 -38.88 21.21
N LYS A 895 11.16 -39.03 22.23
CA LYS A 895 11.12 -38.13 23.37
C LYS A 895 12.48 -38.03 24.05
N ASN A 896 13.22 -39.14 24.04
CA ASN A 896 14.55 -39.17 24.63
C ASN A 896 15.64 -39.42 23.59
N SER A 897 15.37 -39.03 22.35
CA SER A 897 16.31 -39.26 21.26
C SER A 897 17.49 -38.29 21.31
N LEU A 898 18.46 -38.50 20.43
CA LEU A 898 19.64 -37.66 20.37
C LEU A 898 19.34 -36.30 19.77
N VAL A 899 18.24 -36.21 19.03
CA VAL A 899 17.77 -34.92 18.51
C VAL A 899 17.38 -34.02 19.66
N VAL A 900 16.64 -34.58 20.61
CA VAL A 900 16.25 -33.85 21.82
C VAL A 900 17.48 -33.48 22.63
N SER A 901 18.44 -34.40 22.70
CA SER A 901 19.70 -34.16 23.39
C SER A 901 20.48 -33.02 22.73
N PHE A 902 20.50 -33.03 21.41
CA PHE A 902 21.24 -32.05 20.63
C PHE A 902 20.61 -30.68 20.73
N LEU A 903 19.27 -30.64 20.78
CA LEU A 903 18.53 -29.39 20.92
C LEU A 903 18.78 -28.77 22.30
N SER A 904 19.05 -29.62 23.28
CA SER A 904 19.33 -29.15 24.64
C SER A 904 20.71 -28.48 24.70
N TYR A 905 21.64 -28.99 23.90
CA TYR A 905 22.95 -28.36 23.75
C TYR A 905 22.79 -26.96 23.16
N CYS A 906 21.89 -26.84 22.18
CA CYS A 906 21.63 -25.58 21.52
C CYS A 906 20.95 -24.61 22.48
N ASP A 907 20.00 -25.10 23.25
CA ASP A 907 19.27 -24.28 24.20
C ASP A 907 20.18 -23.78 25.33
N TYR A 908 21.01 -24.68 25.84
CA TYR A 908 21.90 -24.34 26.96
C TYR A 908 22.98 -23.34 26.55
N TYR A 909 23.77 -23.69 25.55
CA TYR A 909 24.92 -22.88 25.17
C TYR A 909 24.54 -21.64 24.37
N ARG A 910 23.39 -21.69 23.72
CA ARG A 910 22.91 -20.59 22.88
C ARG A 910 23.97 -20.08 21.89
N PRO A 911 24.42 -20.94 20.96
CA PRO A 911 25.44 -20.50 20.01
C PRO A 911 24.91 -19.49 19.00
N ARG A 912 25.81 -18.82 18.29
CA ARG A 912 25.42 -17.88 17.25
C ARG A 912 24.79 -18.62 16.07
N PHE A 913 25.38 -19.76 15.73
CA PHE A 913 24.89 -20.56 14.61
C PHE A 913 24.69 -22.02 15.01
N PHE A 914 23.77 -22.69 14.34
CA PHE A 914 23.39 -24.06 14.69
C PHE A 914 23.09 -24.87 13.43
N LEU A 915 23.75 -26.02 13.30
CA LEU A 915 23.51 -26.90 12.15
C LEU A 915 23.22 -28.32 12.60
N LEU A 916 22.12 -28.87 12.09
CA LEU A 916 21.78 -30.26 12.32
C LEU A 916 21.74 -31.00 11.00
N GLU A 917 22.71 -31.88 10.79
CA GLU A 917 22.77 -32.68 9.57
C GLU A 917 22.13 -34.04 9.80
N ASN A 918 21.45 -34.55 8.78
CA ASN A 918 20.86 -35.88 8.86
C ASN A 918 20.51 -36.44 7.48
N VAL A 919 19.95 -37.64 7.46
CA VAL A 919 19.51 -38.26 6.22
C VAL A 919 18.38 -37.45 5.60
N ARG A 920 18.15 -37.65 4.30
CA ARG A 920 17.12 -36.92 3.58
C ARG A 920 15.73 -37.10 4.21
N ASN A 921 15.41 -38.32 4.62
CA ASN A 921 14.08 -38.61 5.14
C ASN A 921 13.85 -38.10 6.57
N PHE A 922 14.84 -37.45 7.17
CA PHE A 922 14.68 -36.79 8.46
C PHE A 922 13.53 -35.79 8.38
N VAL A 923 13.40 -35.23 7.19
CA VAL A 923 12.39 -34.24 6.87
C VAL A 923 10.99 -34.86 6.76
N SER A 924 10.95 -36.18 6.53
CA SER A 924 9.69 -36.87 6.33
C SER A 924 9.32 -37.85 7.45
N PHE A 925 10.26 -38.10 8.37
CA PHE A 925 10.02 -39.04 9.47
C PHE A 925 8.77 -38.70 10.26
N LYS A 926 7.98 -39.72 10.58
CA LYS A 926 6.78 -39.58 11.41
C LYS A 926 5.78 -38.57 10.86
N ARG A 927 5.48 -38.68 9.57
CA ARG A 927 4.60 -37.74 8.88
C ARG A 927 5.09 -36.31 9.09
N SER A 928 6.41 -36.14 8.99
CA SER A 928 7.09 -34.84 9.11
C SER A 928 6.97 -34.21 10.51
N MET A 929 6.69 -35.00 11.53
CA MET A 929 6.56 -34.48 12.87
C MET A 929 7.92 -34.25 13.55
N VAL A 930 8.91 -35.06 13.18
CA VAL A 930 10.25 -34.90 13.72
C VAL A 930 10.82 -33.55 13.32
N LEU A 931 10.65 -33.19 12.05
CA LEU A 931 11.08 -31.89 11.55
C LEU A 931 10.31 -30.75 12.20
N LYS A 932 8.99 -30.88 12.24
CA LYS A 932 8.13 -29.84 12.78
C LYS A 932 8.39 -29.58 14.26
N LEU A 933 8.60 -30.65 15.04
CA LEU A 933 8.91 -30.51 16.45
C LEU A 933 10.30 -29.91 16.66
N THR A 934 11.22 -30.21 15.74
CA THR A 934 12.57 -29.66 15.81
C THR A 934 12.54 -28.16 15.55
N LEU A 935 11.82 -27.75 14.51
CA LEU A 935 11.68 -26.34 14.19
C LEU A 935 10.92 -25.59 15.28
N ARG A 936 9.88 -26.22 15.81
CA ARG A 936 9.08 -25.65 16.88
C ARG A 936 9.93 -25.39 18.12
N CYS A 937 10.82 -26.33 18.41
CA CYS A 937 11.72 -26.22 19.55
C CYS A 937 12.67 -25.04 19.39
N LEU A 938 13.21 -24.88 18.19
CA LEU A 938 14.12 -23.78 17.88
C LEU A 938 13.41 -22.43 17.95
N VAL A 939 12.19 -22.37 17.44
CA VAL A 939 11.39 -21.16 17.46
C VAL A 939 11.06 -20.75 18.89
N ARG A 940 10.69 -21.74 19.70
CA ARG A 940 10.39 -21.51 21.11
C ARG A 940 11.60 -20.93 21.85
N MET A 941 12.79 -21.35 21.44
CA MET A 941 14.03 -20.85 22.02
C MET A 941 14.36 -19.45 21.53
N GLY A 942 13.72 -19.05 20.43
CA GLY A 942 13.90 -17.72 19.87
C GLY A 942 14.88 -17.67 18.71
N TYR A 943 15.20 -18.84 18.17
CA TYR A 943 16.15 -18.94 17.06
C TYR A 943 15.51 -18.68 15.70
N GLN A 944 16.27 -18.02 14.83
CA GLN A 944 15.94 -18.02 13.41
C GLN A 944 16.28 -19.40 12.89
N CYS A 945 15.48 -19.94 11.98
CA CYS A 945 15.73 -21.29 11.50
C CYS A 945 15.08 -21.61 10.15
N THR A 946 15.64 -22.61 9.49
CA THR A 946 15.11 -23.09 8.22
C THR A 946 15.66 -24.49 7.95
N PHE A 947 15.11 -25.15 6.92
CA PHE A 947 15.60 -26.46 6.53
C PHE A 947 15.72 -26.57 5.02
N GLY A 948 16.42 -27.59 4.56
CA GLY A 948 16.61 -27.81 3.14
C GLY A 948 17.31 -29.11 2.83
N VAL A 949 17.11 -29.61 1.62
CA VAL A 949 17.73 -30.85 1.18
C VAL A 949 18.84 -30.55 0.16
N LEU A 950 20.02 -31.11 0.39
CA LEU A 950 21.16 -30.90 -0.50
C LEU A 950 21.68 -32.20 -1.09
N GLN A 951 21.97 -32.20 -2.38
CA GLN A 951 22.58 -33.34 -3.04
C GLN A 951 24.09 -33.20 -3.06
N ALA A 952 24.78 -34.20 -2.51
CA ALA A 952 26.24 -34.14 -2.34
C ALA A 952 26.97 -34.01 -3.68
N GLY A 953 26.47 -34.68 -4.70
CA GLY A 953 27.11 -34.68 -6.01
C GLY A 953 27.17 -33.31 -6.67
N GLN A 954 26.28 -32.42 -6.25
CA GLN A 954 26.23 -31.07 -6.80
C GLN A 954 27.31 -30.16 -6.23
N TYR A 955 28.20 -30.72 -5.42
CA TYR A 955 29.23 -29.91 -4.78
C TYR A 955 30.63 -30.55 -4.91
N GLY A 956 30.84 -31.28 -5.99
CA GLY A 956 32.16 -31.79 -6.34
C GLY A 956 32.50 -33.14 -5.72
N VAL A 957 31.61 -34.11 -5.92
CA VAL A 957 31.82 -35.45 -5.39
C VAL A 957 31.07 -36.47 -6.25
N ALA A 958 31.74 -37.58 -6.55
CA ALA A 958 31.16 -38.61 -7.41
C ALA A 958 30.26 -39.55 -6.62
N GLN A 959 29.15 -39.02 -6.14
CA GLN A 959 28.26 -39.78 -5.26
C GLN A 959 26.87 -39.18 -5.20
N THR A 960 25.85 -40.04 -5.22
CA THR A 960 24.47 -39.59 -5.07
C THR A 960 23.97 -39.81 -3.66
N ARG A 961 24.01 -38.75 -2.85
CA ARG A 961 23.38 -38.79 -1.54
C ARG A 961 22.83 -37.44 -1.12
N ARG A 962 21.58 -37.45 -0.66
CA ARG A 962 20.94 -36.24 -0.20
C ARG A 962 20.97 -36.16 1.32
N ARG A 963 20.97 -34.95 1.84
CA ARG A 963 20.98 -34.75 3.29
C ARG A 963 19.98 -33.67 3.69
N ALA A 964 19.28 -33.91 4.79
CA ALA A 964 18.44 -32.87 5.39
C ALA A 964 19.32 -31.99 6.27
N ILE A 965 19.26 -30.69 6.02
CA ILE A 965 20.06 -29.74 6.80
C ILE A 965 19.18 -28.70 7.48
N ILE A 966 19.23 -28.67 8.80
CA ILE A 966 18.50 -27.65 9.55
C ILE A 966 19.47 -26.57 10.00
N LEU A 967 19.27 -25.36 9.48
CA LEU A 967 20.10 -24.22 9.85
C LEU A 967 19.40 -23.39 10.92
N ALA A 968 20.19 -22.79 11.81
CA ALA A 968 19.63 -21.91 12.83
C ALA A 968 20.62 -20.83 13.22
N ALA A 969 20.12 -19.60 13.39
CA ALA A 969 20.95 -18.47 13.76
C ALA A 969 20.36 -17.71 14.94
N ALA A 970 21.22 -17.31 15.86
CA ALA A 970 20.81 -16.55 17.04
C ALA A 970 20.23 -15.19 16.64
N PRO A 971 19.38 -14.61 17.51
CA PRO A 971 18.90 -13.25 17.26
C PRO A 971 20.06 -12.25 17.24
N GLY A 972 20.11 -11.44 16.20
CA GLY A 972 21.24 -10.53 16.01
C GLY A 972 22.13 -11.01 14.89
N GLU A 973 21.90 -12.25 14.45
CA GLU A 973 22.65 -12.82 13.35
C GLU A 973 21.81 -12.84 12.08
N LYS A 974 22.48 -13.12 10.96
CA LYS A 974 21.77 -13.31 9.70
C LYS A 974 21.60 -14.80 9.45
N LEU A 975 20.37 -15.22 9.13
CA LEU A 975 20.11 -16.63 8.84
C LEU A 975 20.66 -16.98 7.47
N PRO A 976 21.67 -17.86 7.44
CA PRO A 976 22.37 -18.21 6.20
C PRO A 976 21.47 -18.87 5.15
N LEU A 977 21.83 -18.68 3.89
CA LEU A 977 21.16 -19.36 2.78
C LEU A 977 21.80 -20.71 2.55
N PHE A 978 21.14 -21.57 1.77
CA PHE A 978 21.73 -22.82 1.34
C PHE A 978 22.57 -22.57 0.09
N PRO A 979 23.74 -23.21 0.00
CA PRO A 979 24.67 -22.95 -1.10
C PRO A 979 24.16 -23.42 -2.46
N GLU A 980 24.36 -22.60 -3.48
CA GLU A 980 24.01 -22.96 -4.84
C GLU A 980 24.92 -24.08 -5.35
N PRO A 981 24.35 -25.04 -6.08
CA PRO A 981 25.11 -26.15 -6.67
C PRO A 981 26.27 -25.68 -7.53
N LEU A 982 27.47 -26.19 -7.24
CA LEU A 982 28.67 -25.83 -7.98
C LEU A 982 28.87 -26.74 -9.18
N HIS A 983 28.34 -27.96 -9.09
CA HIS A 983 28.55 -28.95 -10.13
C HIS A 983 27.24 -29.42 -10.74
N VAL A 984 27.25 -29.63 -12.04
CA VAL A 984 26.08 -30.14 -12.74
C VAL A 984 25.89 -31.61 -12.36
N PHE A 985 24.64 -32.05 -12.31
CA PHE A 985 24.32 -33.39 -11.79
C PHE A 985 22.98 -33.88 -12.30
N ALA A 986 22.82 -35.19 -12.38
CA ALA A 986 21.59 -35.80 -12.89
C ALA A 986 20.36 -35.38 -12.07
N PRO A 987 19.33 -34.88 -12.75
CA PRO A 987 18.14 -34.29 -12.11
C PRO A 987 17.33 -35.26 -11.24
N ARG A 988 17.38 -36.56 -11.52
CA ARG A 988 16.62 -37.51 -10.72
C ARG A 988 17.26 -37.70 -9.35
N ALA A 989 18.53 -37.30 -9.23
CA ALA A 989 19.23 -37.33 -7.96
C ALA A 989 19.20 -35.96 -7.31
N CYS A 990 18.47 -35.03 -7.91
CA CYS A 990 18.40 -33.66 -7.42
C CYS A 990 16.98 -33.23 -7.08
N GLN A 991 16.21 -34.14 -6.50
CA GLN A 991 14.87 -33.82 -6.03
C GLN A 991 14.97 -33.26 -4.61
N LEU A 992 15.08 -31.94 -4.50
CA LEU A 992 15.40 -31.28 -3.24
C LEU A 992 14.17 -30.73 -2.52
N SER A 993 13.00 -30.87 -3.13
CA SER A 993 11.78 -30.31 -2.55
C SER A 993 11.27 -31.15 -1.39
N VAL A 994 10.42 -30.54 -0.57
CA VAL A 994 9.91 -31.16 0.65
C VAL A 994 8.41 -30.93 0.82
N VAL A 995 7.68 -32.00 1.11
CA VAL A 995 6.25 -31.89 1.36
C VAL A 995 5.91 -32.11 2.83
N VAL A 996 5.33 -31.09 3.46
CA VAL A 996 4.87 -31.18 4.84
C VAL A 996 3.42 -30.74 4.95
N ASP A 997 2.54 -31.66 5.31
CA ASP A 997 1.11 -31.41 5.42
C ASP A 997 0.54 -30.87 4.11
N ASP A 998 0.92 -31.50 3.01
CA ASP A 998 0.48 -31.11 1.67
C ASP A 998 0.87 -29.68 1.31
N LYS A 999 1.96 -29.20 1.91
CA LYS A 999 2.55 -27.92 1.54
C LYS A 999 3.96 -28.15 1.01
N LYS A 1000 4.17 -27.83 -0.26
CA LYS A 1000 5.47 -28.04 -0.88
C LYS A 1000 6.46 -26.97 -0.46
N PHE A 1001 7.60 -27.40 0.07
CA PHE A 1001 8.63 -26.46 0.50
C PHE A 1001 9.90 -26.61 -0.33
N VAL A 1002 10.58 -25.49 -0.52
CA VAL A 1002 11.70 -25.39 -1.44
C VAL A 1002 12.77 -24.49 -0.84
N SER A 1003 14.04 -24.72 -1.18
CA SER A 1003 15.11 -23.88 -0.65
C SER A 1003 15.42 -22.72 -1.58
N ASN A 1004 16.32 -21.83 -1.15
CA ASN A 1004 16.68 -20.65 -1.92
C ASN A 1004 17.40 -20.99 -3.23
N ILE A 1005 17.81 -22.25 -3.37
CA ILE A 1005 18.55 -22.70 -4.54
C ILE A 1005 17.83 -22.43 -5.85
N THR A 1006 18.50 -21.72 -6.76
CA THR A 1006 17.93 -21.37 -8.05
C THR A 1006 18.47 -22.25 -9.16
N ARG A 1007 19.69 -22.75 -8.99
CA ARG A 1007 20.30 -23.64 -9.97
C ARG A 1007 19.67 -25.03 -9.90
N LEU A 1008 18.69 -25.28 -10.76
CA LEU A 1008 18.00 -26.56 -10.80
C LEU A 1008 18.77 -27.56 -11.66
N SER A 1009 19.66 -28.31 -11.02
CA SER A 1009 20.51 -29.31 -11.67
C SER A 1009 21.47 -28.71 -12.70
N SER A 1010 21.48 -27.38 -12.81
CA SER A 1010 22.44 -26.69 -13.66
C SER A 1010 23.62 -26.25 -12.82
N GLY A 1011 24.66 -25.73 -13.47
CA GLY A 1011 25.84 -25.29 -12.74
C GLY A 1011 27.04 -24.92 -13.59
N PRO A 1012 28.06 -24.32 -12.98
CA PRO A 1012 29.27 -23.86 -13.65
C PRO A 1012 30.30 -24.96 -13.93
N PHE A 1013 30.41 -25.95 -13.04
CA PHE A 1013 31.44 -26.98 -13.19
C PHE A 1013 30.87 -28.33 -13.61
N ARG A 1014 31.69 -29.11 -14.30
CA ARG A 1014 31.30 -30.44 -14.78
C ARG A 1014 31.18 -31.43 -13.63
N THR A 1015 30.50 -32.54 -13.90
CA THR A 1015 30.29 -33.58 -12.90
C THR A 1015 31.60 -34.28 -12.54
N ILE A 1016 31.82 -34.47 -11.24
CA ILE A 1016 32.96 -35.26 -10.78
C ILE A 1016 32.61 -36.75 -10.91
N THR A 1017 33.44 -37.49 -11.63
CA THR A 1017 33.17 -38.90 -11.90
C THR A 1017 34.03 -39.81 -11.02
N VAL A 1018 33.80 -41.11 -11.15
CA VAL A 1018 34.61 -42.11 -10.44
C VAL A 1018 36.04 -42.05 -10.96
N ARG A 1019 36.18 -41.77 -12.25
CA ARG A 1019 37.50 -41.61 -12.86
C ARG A 1019 38.27 -40.47 -12.21
N ASP A 1020 37.58 -39.34 -12.00
CA ASP A 1020 38.17 -38.20 -11.31
C ASP A 1020 38.55 -38.56 -9.89
N THR A 1021 37.88 -39.58 -9.35
CA THR A 1021 37.95 -39.92 -7.95
C THR A 1021 39.12 -40.84 -7.60
N MET A 1022 39.43 -41.81 -8.47
CA MET A 1022 40.35 -42.87 -8.08
C MET A 1022 41.18 -43.48 -9.21
N SER A 1023 41.24 -42.83 -10.37
CA SER A 1023 41.93 -43.40 -11.52
C SER A 1023 43.45 -43.42 -11.35
N ASP A 1024 43.95 -42.75 -10.33
CA ASP A 1024 45.39 -42.63 -10.12
C ASP A 1024 45.94 -43.65 -9.13
N LEU A 1025 45.05 -44.24 -8.34
CA LEU A 1025 45.45 -45.19 -7.31
C LEU A 1025 45.99 -46.48 -7.92
N PRO A 1026 47.12 -46.96 -7.39
CA PRO A 1026 47.77 -48.19 -7.88
C PRO A 1026 46.91 -49.43 -7.67
N GLU A 1027 47.11 -50.42 -8.51
CA GLU A 1027 46.37 -51.69 -8.43
C GLU A 1027 46.65 -52.42 -7.12
N VAL A 1028 45.61 -52.77 -6.40
CA VAL A 1028 45.73 -53.64 -5.24
C VAL A 1028 44.80 -54.83 -5.42
N ARG A 1029 44.90 -55.82 -4.53
CA ARG A 1029 44.12 -57.03 -4.65
C ARG A 1029 43.06 -57.16 -3.57
N ASN A 1030 42.18 -58.14 -3.74
CA ASN A 1030 41.22 -58.50 -2.72
C ASN A 1030 41.92 -58.88 -1.42
N GLY A 1031 41.67 -58.10 -0.36
CA GLY A 1031 42.28 -58.36 0.93
C GLY A 1031 43.55 -57.57 1.17
N ALA A 1032 43.76 -56.52 0.39
CA ALA A 1032 44.91 -55.65 0.57
C ALA A 1032 44.93 -55.09 1.98
N SER A 1033 46.08 -55.16 2.63
CA SER A 1033 46.19 -54.79 4.05
C SER A 1033 47.37 -53.87 4.33
N ALA A 1034 48.16 -53.57 3.30
CA ALA A 1034 49.30 -52.67 3.44
C ALA A 1034 48.82 -51.24 3.70
N LEU A 1035 49.01 -50.78 4.94
CA LEU A 1035 48.51 -49.47 5.37
C LEU A 1035 49.20 -48.32 4.66
N GLU A 1036 50.52 -48.42 4.48
CA GLU A 1036 51.29 -47.34 3.86
C GLU A 1036 52.03 -47.82 2.61
N ILE A 1037 51.63 -47.27 1.47
CA ILE A 1037 52.28 -47.59 0.19
C ILE A 1037 52.55 -46.30 -0.59
N SER A 1038 53.15 -46.44 -1.77
CA SER A 1038 53.42 -45.29 -2.62
C SER A 1038 52.35 -45.16 -3.69
N TYR A 1039 52.13 -43.94 -4.17
CA TYR A 1039 51.16 -43.68 -5.23
C TYR A 1039 51.61 -44.30 -6.55
N ASN A 1040 52.92 -44.47 -6.70
CA ASN A 1040 53.52 -45.05 -7.90
C ASN A 1040 53.08 -44.30 -9.15
N GLY A 1041 53.02 -42.98 -9.05
CA GLY A 1041 52.59 -42.15 -10.16
C GLY A 1041 52.10 -40.79 -9.71
N GLU A 1042 51.86 -39.91 -10.66
CA GLU A 1042 51.40 -38.56 -10.38
C GLU A 1042 49.89 -38.46 -10.52
N PRO A 1043 49.28 -37.46 -9.87
CA PRO A 1043 47.83 -37.23 -10.00
C PRO A 1043 47.42 -37.04 -11.47
N GLN A 1044 46.22 -37.51 -11.82
CA GLN A 1044 45.79 -37.49 -13.21
C GLN A 1044 44.58 -36.58 -13.44
N SER A 1045 43.90 -36.19 -12.37
CA SER A 1045 42.75 -35.31 -12.49
C SER A 1045 42.86 -34.11 -11.56
N TRP A 1046 42.10 -33.07 -11.85
CA TRP A 1046 42.01 -31.89 -10.98
C TRP A 1046 41.63 -32.32 -9.57
N PHE A 1047 40.64 -33.21 -9.49
CA PHE A 1047 40.15 -33.74 -8.22
C PHE A 1047 41.26 -34.39 -7.42
N GLN A 1048 42.06 -35.21 -8.09
CA GLN A 1048 43.17 -35.91 -7.43
C GLN A 1048 44.28 -34.96 -7.04
N ARG A 1049 44.54 -33.96 -7.88
CA ARG A 1049 45.55 -32.95 -7.58
C ARG A 1049 45.20 -32.19 -6.31
N GLN A 1050 43.92 -31.86 -6.16
CA GLN A 1050 43.46 -31.09 -5.01
C GLN A 1050 43.47 -31.91 -3.72
N LEU A 1051 43.16 -33.20 -3.82
CA LEU A 1051 43.04 -34.04 -2.64
C LEU A 1051 44.38 -34.62 -2.19
N ARG A 1052 45.31 -34.79 -3.12
CA ARG A 1052 46.65 -35.25 -2.75
C ARG A 1052 47.40 -34.14 -2.02
N GLY A 1053 47.18 -32.91 -2.43
CA GLY A 1053 47.83 -31.76 -1.81
C GLY A 1053 49.13 -31.39 -2.49
N ALA A 1054 49.96 -30.61 -1.80
CA ALA A 1054 51.24 -30.19 -2.34
C ALA A 1054 52.39 -30.73 -1.49
N GLN A 1055 52.40 -32.05 -1.28
CA GLN A 1055 53.45 -32.70 -0.51
C GLN A 1055 54.54 -33.20 -1.44
N TYR A 1056 55.78 -33.27 -0.95
CA TYR A 1056 56.91 -33.65 -1.80
C TYR A 1056 56.80 -35.10 -2.26
N GLN A 1057 56.99 -36.06 -1.35
CA GLN A 1057 56.70 -37.46 -1.67
C GLN A 1057 55.72 -38.08 -0.67
N PRO A 1058 54.42 -37.81 -0.87
CA PRO A 1058 53.31 -38.21 -0.01
C PRO A 1058 53.13 -39.73 0.10
N ILE A 1059 52.61 -40.18 1.23
CA ILE A 1059 52.33 -41.60 1.43
C ILE A 1059 50.87 -41.88 1.13
N LEU A 1060 50.60 -42.95 0.39
CA LEU A 1060 49.24 -43.39 0.15
C LEU A 1060 48.77 -44.25 1.32
N ARG A 1061 47.83 -43.72 2.10
CA ARG A 1061 47.38 -44.40 3.30
C ARG A 1061 46.02 -45.06 3.12
N ASP A 1062 45.85 -46.21 3.75
CA ASP A 1062 44.57 -46.90 3.82
C ASP A 1062 43.98 -47.24 2.46
N HIS A 1063 44.85 -47.53 1.49
CA HIS A 1063 44.39 -48.09 0.22
C HIS A 1063 44.22 -49.59 0.41
N ILE A 1064 43.44 -49.94 1.42
CA ILE A 1064 43.23 -51.33 1.82
C ILE A 1064 41.77 -51.71 1.60
N CYS A 1065 41.51 -52.98 1.36
CA CYS A 1065 40.14 -53.44 1.14
C CYS A 1065 39.89 -54.80 1.79
N LYS A 1066 38.61 -55.12 1.96
CA LYS A 1066 38.18 -56.33 2.67
C LYS A 1066 38.62 -57.59 1.95
N ASP A 1067 38.96 -58.61 2.74
CA ASP A 1067 39.30 -59.92 2.20
C ASP A 1067 38.04 -60.75 2.00
N MET A 1068 37.37 -60.54 0.88
CA MET A 1068 36.14 -61.26 0.58
C MET A 1068 36.41 -62.76 0.48
N SER A 1069 35.38 -63.56 0.77
CA SER A 1069 35.53 -65.01 0.79
C SER A 1069 35.90 -65.58 -0.57
N ALA A 1070 36.28 -66.85 -0.59
CA ALA A 1070 36.72 -67.53 -1.80
C ALA A 1070 35.67 -67.49 -2.90
N LEU A 1071 34.43 -67.79 -2.53
CA LEU A 1071 33.32 -67.81 -3.48
C LEU A 1071 33.05 -66.43 -4.06
N VAL A 1072 32.99 -65.43 -3.20
CA VAL A 1072 32.73 -64.06 -3.62
C VAL A 1072 33.88 -63.53 -4.48
N ALA A 1073 35.11 -63.89 -4.13
CA ALA A 1073 36.29 -63.49 -4.88
C ALA A 1073 36.25 -64.04 -6.31
N ALA A 1074 35.83 -65.29 -6.44
CA ALA A 1074 35.71 -65.91 -7.76
C ALA A 1074 34.60 -65.24 -8.57
N ARG A 1075 33.53 -64.83 -7.90
CA ARG A 1075 32.44 -64.14 -8.55
C ARG A 1075 32.86 -62.80 -9.12
N MET A 1076 33.62 -62.05 -8.34
CA MET A 1076 34.12 -60.75 -8.77
C MET A 1076 35.02 -60.86 -9.99
N ARG A 1077 35.83 -61.91 -10.03
CA ARG A 1077 36.76 -62.13 -11.13
C ARG A 1077 36.04 -62.38 -12.44
N HIS A 1078 34.79 -62.82 -12.37
CA HIS A 1078 34.03 -63.16 -13.57
C HIS A 1078 32.94 -62.15 -13.90
N ILE A 1079 33.00 -60.99 -13.25
CA ILE A 1079 32.17 -59.86 -13.66
C ILE A 1079 32.91 -59.04 -14.70
N PRO A 1080 32.39 -59.01 -15.94
CA PRO A 1080 33.04 -58.31 -17.05
C PRO A 1080 33.27 -56.83 -16.77
N LEU A 1081 34.18 -56.21 -17.52
CA LEU A 1081 34.58 -54.83 -17.25
C LEU A 1081 33.67 -53.82 -17.92
N ALA A 1082 32.88 -54.27 -18.90
CA ALA A 1082 31.95 -53.40 -19.60
C ALA A 1082 30.98 -52.76 -18.63
N PRO A 1083 30.80 -51.44 -18.72
CA PRO A 1083 29.89 -50.71 -17.82
C PRO A 1083 28.47 -51.25 -17.86
N GLY A 1084 27.87 -51.42 -16.70
CA GLY A 1084 26.53 -51.97 -16.60
C GLY A 1084 26.56 -53.44 -16.24
N SER A 1085 27.76 -53.98 -16.06
CA SER A 1085 27.92 -55.39 -15.73
C SER A 1085 27.60 -55.66 -14.27
N ASP A 1086 26.85 -56.74 -14.04
CA ASP A 1086 26.59 -57.21 -12.68
C ASP A 1086 26.47 -58.73 -12.64
N TRP A 1087 25.75 -59.24 -11.65
CA TRP A 1087 25.65 -60.68 -11.41
C TRP A 1087 25.02 -61.43 -12.59
N ARG A 1088 24.19 -60.74 -13.36
CA ARG A 1088 23.50 -61.34 -14.49
C ARG A 1088 24.45 -61.69 -15.63
N ASP A 1089 25.70 -61.24 -15.51
CA ASP A 1089 26.72 -61.52 -16.51
C ASP A 1089 27.58 -62.72 -16.11
N LEU A 1090 27.37 -63.22 -14.89
CA LEU A 1090 28.14 -64.34 -14.37
C LEU A 1090 27.98 -65.59 -15.24
N PRO A 1091 29.11 -66.29 -15.49
CA PRO A 1091 29.10 -67.55 -16.23
C PRO A 1091 28.71 -68.73 -15.34
N ASN A 1092 27.94 -69.67 -15.89
CA ASN A 1092 27.57 -70.86 -15.14
C ASN A 1092 28.59 -71.97 -15.37
N ILE A 1093 29.69 -71.91 -14.64
CA ILE A 1093 30.81 -72.83 -14.85
C ILE A 1093 31.34 -73.41 -13.55
N GLU A 1094 32.03 -74.54 -13.66
CA GLU A 1094 32.75 -75.11 -12.52
C GLU A 1094 34.12 -74.47 -12.39
N VAL A 1095 34.40 -73.91 -11.22
CA VAL A 1095 35.71 -73.33 -10.95
C VAL A 1095 36.22 -73.76 -9.58
N ARG A 1096 37.54 -73.95 -9.48
CA ARG A 1096 38.17 -74.22 -8.21
C ARG A 1096 38.27 -72.93 -7.40
N LEU A 1097 37.68 -72.93 -6.22
CA LEU A 1097 37.74 -71.77 -5.34
C LEU A 1097 39.03 -71.78 -4.54
N SER A 1098 39.45 -70.62 -4.05
CA SER A 1098 40.72 -70.50 -3.35
C SER A 1098 40.72 -71.24 -2.02
N ASP A 1099 39.55 -71.73 -1.59
CA ASP A 1099 39.46 -72.48 -0.34
C ASP A 1099 39.53 -73.99 -0.60
N GLY A 1100 39.88 -74.36 -1.83
CA GLY A 1100 40.05 -75.76 -2.19
C GLY A 1100 38.79 -76.43 -2.69
N THR A 1101 37.64 -75.82 -2.45
CA THR A 1101 36.37 -76.40 -2.86
C THR A 1101 36.07 -76.14 -4.33
N MET A 1102 35.13 -76.91 -4.87
CA MET A 1102 34.67 -76.72 -6.24
C MET A 1102 33.29 -76.08 -6.25
N ALA A 1103 33.16 -74.98 -6.97
CA ALA A 1103 31.85 -74.36 -7.18
C ALA A 1103 31.18 -75.02 -8.39
N ARG A 1104 30.20 -75.87 -8.13
CA ARG A 1104 29.53 -76.60 -9.20
C ARG A 1104 28.55 -75.69 -9.94
N LYS A 1105 28.19 -76.07 -11.15
CA LYS A 1105 27.25 -75.31 -11.97
C LYS A 1105 25.88 -75.23 -11.30
N LEU A 1106 25.18 -74.13 -11.54
CA LEU A 1106 23.81 -73.99 -11.06
C LEU A 1106 22.88 -74.85 -11.91
N ARG A 1107 22.10 -75.69 -11.26
CA ARG A 1107 21.17 -76.56 -11.96
C ARG A 1107 19.78 -75.94 -12.00
N TYR A 1108 19.22 -75.82 -13.20
CA TYR A 1108 17.88 -75.29 -13.38
C TYR A 1108 16.87 -76.43 -13.40
N THR A 1109 15.91 -76.37 -12.48
CA THR A 1109 15.08 -77.53 -12.19
C THR A 1109 13.60 -77.37 -12.56
N HIS A 1110 13.14 -76.14 -12.75
CA HIS A 1110 11.73 -75.90 -13.01
C HIS A 1110 11.51 -74.94 -14.17
N HIS A 1111 10.30 -74.95 -14.73
CA HIS A 1111 9.96 -74.07 -15.84
C HIS A 1111 9.23 -72.82 -15.35
N ASP A 1112 9.78 -71.66 -15.68
CA ASP A 1112 9.18 -70.38 -15.27
C ASP A 1112 8.41 -69.77 -16.42
N ARG A 1113 7.08 -69.74 -16.29
CA ARG A 1113 6.22 -69.21 -17.33
C ARG A 1113 6.19 -67.69 -17.36
N LYS A 1114 6.80 -67.06 -16.37
CA LYS A 1114 6.89 -65.60 -16.34
C LYS A 1114 8.14 -65.13 -17.07
N ASN A 1115 9.08 -66.05 -17.29
CA ASN A 1115 10.30 -65.75 -18.02
C ASN A 1115 10.48 -66.65 -19.23
N GLY A 1116 9.86 -67.82 -19.20
CA GLY A 1116 9.94 -68.76 -20.29
C GLY A 1116 11.20 -69.60 -20.26
N ARG A 1117 11.41 -70.39 -21.31
CA ARG A 1117 12.64 -71.14 -21.47
C ARG A 1117 13.66 -70.31 -22.23
N SER A 1118 14.93 -70.74 -22.20
CA SER A 1118 15.96 -70.06 -22.96
C SER A 1118 15.82 -70.38 -24.44
N SER A 1119 16.60 -69.70 -25.28
CA SER A 1119 16.56 -69.93 -26.72
C SER A 1119 17.05 -71.33 -27.07
N SER A 1120 17.79 -71.94 -26.16
CA SER A 1120 18.27 -73.30 -26.35
C SER A 1120 17.22 -74.31 -25.89
N GLY A 1121 16.23 -73.82 -25.14
CA GLY A 1121 15.17 -74.66 -24.64
C GLY A 1121 15.42 -75.13 -23.22
N ALA A 1122 16.25 -74.39 -22.50
CA ALA A 1122 16.59 -74.75 -21.12
C ALA A 1122 15.66 -74.08 -20.12
N LEU A 1123 15.47 -74.74 -18.98
CA LEU A 1123 14.66 -74.18 -17.91
C LEU A 1123 15.33 -72.97 -17.28
N ARG A 1124 14.54 -72.04 -16.77
CA ARG A 1124 15.07 -70.84 -16.12
C ARG A 1124 14.63 -70.75 -14.66
N GLY A 1125 13.75 -71.67 -14.27
CA GLY A 1125 13.31 -71.75 -12.90
C GLY A 1125 14.36 -72.45 -12.05
N VAL A 1126 14.37 -72.15 -10.77
CA VAL A 1126 15.41 -72.64 -9.88
C VAL A 1126 14.78 -73.21 -8.61
N CYS A 1127 13.50 -72.91 -8.42
CA CYS A 1127 12.72 -73.49 -7.32
C CYS A 1127 11.30 -73.85 -7.78
N SER A 1128 10.58 -74.58 -6.94
CA SER A 1128 9.22 -75.00 -7.28
C SER A 1128 8.22 -73.86 -7.14
N CYS A 1129 8.63 -72.79 -6.43
CA CYS A 1129 7.76 -71.65 -6.17
C CYS A 1129 7.61 -70.76 -7.40
N VAL A 1130 8.06 -71.27 -8.54
CA VAL A 1130 8.05 -70.53 -9.79
C VAL A 1130 6.76 -70.86 -10.55
N GLU A 1131 6.13 -71.96 -10.17
CA GLU A 1131 4.83 -72.34 -10.71
C GLU A 1131 3.71 -71.74 -9.86
N ALA A 1132 2.48 -71.78 -10.38
CA ALA A 1132 1.35 -71.12 -9.76
C ALA A 1132 0.92 -71.77 -8.44
N GLY A 1133 0.96 -71.00 -7.36
CA GLY A 1133 0.46 -71.42 -6.07
C GLY A 1133 1.23 -72.57 -5.43
N LYS A 1134 2.49 -72.72 -5.81
CA LYS A 1134 3.30 -73.80 -5.28
C LYS A 1134 4.25 -73.31 -4.18
N ALA A 1135 4.47 -74.14 -3.17
CA ALA A 1135 5.38 -73.81 -2.09
C ALA A 1135 6.82 -74.04 -2.53
N CYS A 1136 7.76 -73.41 -1.85
CA CYS A 1136 9.18 -73.61 -2.14
C CYS A 1136 9.59 -75.05 -1.82
N ASP A 1137 10.40 -75.62 -2.69
CA ASP A 1137 10.85 -76.99 -2.52
C ASP A 1137 12.26 -77.06 -1.95
N PRO A 1138 12.41 -77.65 -0.75
CA PRO A 1138 13.75 -77.97 -0.24
C PRO A 1138 14.42 -79.00 -1.15
N ALA A 1139 15.73 -79.16 -1.01
CA ALA A 1139 16.53 -80.03 -1.88
C ALA A 1139 16.55 -79.54 -3.33
N ALA A 1140 15.89 -78.41 -3.57
CA ALA A 1140 16.05 -77.66 -4.81
C ALA A 1140 17.04 -76.54 -4.53
N ARG A 1141 17.25 -76.28 -3.25
CA ARG A 1141 18.25 -75.32 -2.80
C ARG A 1141 19.64 -75.75 -3.27
N GLN A 1142 20.42 -74.77 -3.71
CA GLN A 1142 21.79 -75.01 -4.11
C GLN A 1142 22.69 -73.93 -3.50
N PHE A 1143 23.90 -74.31 -3.11
CA PHE A 1143 24.83 -73.32 -2.57
C PHE A 1143 26.25 -73.57 -3.07
N ASN A 1144 27.13 -72.63 -2.75
CA ASN A 1144 28.51 -72.64 -3.23
C ASN A 1144 28.56 -72.72 -4.75
N THR A 1145 27.73 -71.91 -5.39
CA THR A 1145 27.71 -71.79 -6.84
C THR A 1145 28.13 -70.38 -7.24
N LEU A 1146 28.74 -70.25 -8.42
CA LEU A 1146 29.20 -68.96 -8.91
C LEU A 1146 28.02 -67.99 -9.05
N ILE A 1147 27.00 -68.44 -9.77
CA ILE A 1147 25.73 -67.73 -9.79
C ILE A 1147 24.96 -68.06 -8.51
N PRO A 1148 24.76 -67.07 -7.64
CA PRO A 1148 24.08 -67.31 -6.36
C PRO A 1148 22.66 -67.80 -6.57
N TRP A 1149 22.35 -68.99 -6.08
CA TRP A 1149 21.03 -69.60 -6.25
C TRP A 1149 19.88 -68.69 -5.84
N CYS A 1150 20.12 -67.85 -4.83
CA CYS A 1150 19.08 -67.01 -4.25
C CYS A 1150 18.66 -65.86 -5.19
N LEU A 1151 19.50 -65.53 -6.15
CA LEU A 1151 19.20 -64.41 -7.04
C LEU A 1151 18.20 -64.77 -8.16
N PRO A 1152 18.37 -65.93 -8.82
CA PRO A 1152 17.28 -66.30 -9.73
C PRO A 1152 16.04 -66.74 -8.96
N HIS A 1153 16.22 -67.11 -7.70
CA HIS A 1153 15.11 -67.56 -6.87
C HIS A 1153 14.12 -66.44 -6.58
N THR A 1154 14.63 -65.25 -6.32
CA THR A 1154 13.80 -64.12 -5.92
C THR A 1154 13.92 -62.92 -6.85
N GLY A 1155 14.58 -63.11 -7.99
CA GLY A 1155 14.82 -62.04 -8.93
C GLY A 1155 13.56 -61.39 -9.48
N ASN A 1156 12.56 -62.21 -9.78
CA ASN A 1156 11.32 -61.73 -10.35
C ASN A 1156 10.58 -60.74 -9.44
N ARG A 1157 10.79 -60.86 -8.14
CA ARG A 1157 10.12 -60.01 -7.17
C ARG A 1157 10.88 -58.72 -6.88
N HIS A 1158 12.11 -58.62 -7.38
CA HIS A 1158 12.97 -57.50 -7.02
C HIS A 1158 13.81 -56.96 -8.19
N ASN A 1159 13.15 -56.73 -9.33
CA ASN A 1159 13.81 -56.13 -10.49
C ASN A 1159 15.06 -56.89 -10.94
N HIS A 1160 15.01 -58.22 -10.82
CA HIS A 1160 16.13 -59.10 -11.20
C HIS A 1160 17.41 -58.77 -10.44
N TRP A 1161 17.27 -58.14 -9.28
CA TRP A 1161 18.40 -57.73 -8.44
C TRP A 1161 19.43 -56.95 -9.24
N ALA A 1162 18.96 -56.06 -10.12
CA ALA A 1162 19.83 -55.26 -10.96
C ALA A 1162 20.76 -54.38 -10.10
N GLY A 1163 22.07 -54.56 -10.30
CA GLY A 1163 23.04 -53.78 -9.56
C GLY A 1163 23.89 -54.62 -8.64
N LEU A 1164 23.34 -55.72 -8.14
CA LEU A 1164 24.07 -56.61 -7.25
C LEU A 1164 25.27 -57.21 -7.98
N TYR A 1165 26.42 -57.22 -7.31
CA TYR A 1165 27.69 -57.60 -7.91
C TYR A 1165 28.03 -56.73 -9.12
N GLY A 1166 27.52 -55.51 -9.12
CA GLY A 1166 27.76 -54.58 -10.21
C GLY A 1166 29.02 -53.78 -9.98
N ARG A 1167 29.72 -53.49 -11.07
CA ARG A 1167 30.92 -52.67 -11.00
C ARG A 1167 30.58 -51.19 -11.08
N LEU A 1168 31.41 -50.36 -10.45
CA LEU A 1168 31.30 -48.92 -10.61
C LEU A 1168 31.72 -48.55 -12.03
N GLU A 1169 31.07 -47.52 -12.58
CA GLU A 1169 31.44 -47.03 -13.91
C GLU A 1169 32.40 -45.86 -13.77
N TRP A 1170 33.40 -45.80 -14.64
CA TRP A 1170 34.36 -44.70 -14.64
C TRP A 1170 33.65 -43.36 -14.84
N ASP A 1171 32.63 -43.36 -15.68
CA ASP A 1171 31.86 -42.16 -15.96
C ASP A 1171 30.74 -41.97 -14.92
N GLY A 1172 30.62 -42.93 -14.02
CA GLY A 1172 29.52 -42.94 -13.06
C GLY A 1172 29.87 -42.38 -11.70
N PHE A 1173 29.20 -42.90 -10.68
CA PHE A 1173 29.33 -42.40 -9.32
C PHE A 1173 29.00 -43.48 -8.30
N PHE A 1174 29.30 -43.21 -7.03
CA PHE A 1174 28.89 -44.08 -5.94
C PHE A 1174 27.39 -43.93 -5.73
N SER A 1175 26.70 -45.04 -5.52
CA SER A 1175 25.25 -45.02 -5.35
C SER A 1175 24.84 -44.38 -4.02
N THR A 1176 25.73 -44.41 -3.04
CA THR A 1176 25.47 -43.84 -1.73
C THR A 1176 26.74 -43.78 -0.87
N THR A 1177 26.58 -43.43 0.40
CA THR A 1177 27.70 -43.51 1.35
C THR A 1177 27.99 -44.96 1.70
N VAL A 1178 29.14 -45.46 1.24
CA VAL A 1178 29.56 -46.81 1.56
C VAL A 1178 30.18 -46.86 2.95
N THR A 1179 29.64 -47.71 3.81
CA THR A 1179 30.15 -47.88 5.17
C THR A 1179 30.75 -49.27 5.35
N ASN A 1180 30.23 -50.23 4.58
CA ASN A 1180 30.72 -51.60 4.61
C ASN A 1180 30.33 -52.30 3.32
N PRO A 1181 31.22 -52.24 2.32
CA PRO A 1181 30.97 -52.68 0.94
C PRO A 1181 30.71 -54.18 0.80
N GLU A 1182 29.46 -54.52 0.48
CA GLU A 1182 29.07 -55.90 0.19
C GLU A 1182 28.35 -55.96 -1.15
N PRO A 1183 28.77 -56.88 -2.04
CA PRO A 1183 28.22 -57.03 -3.39
C PRO A 1183 26.72 -57.26 -3.41
N MET A 1184 26.21 -58.01 -2.44
CA MET A 1184 24.78 -58.26 -2.34
C MET A 1184 24.18 -57.43 -1.20
N GLY A 1185 24.85 -56.33 -0.86
CA GLY A 1185 24.41 -55.47 0.22
C GLY A 1185 23.39 -54.43 -0.22
N LYS A 1186 23.25 -53.37 0.56
CA LYS A 1186 22.24 -52.35 0.31
C LYS A 1186 22.86 -51.00 -0.04
N GLN A 1187 24.16 -51.00 -0.28
CA GLN A 1187 24.89 -49.75 -0.51
C GLN A 1187 25.30 -49.57 -1.97
N GLY A 1188 24.55 -50.22 -2.87
CA GLY A 1188 24.78 -50.06 -4.30
C GLY A 1188 25.99 -50.83 -4.82
N ARG A 1189 26.41 -50.49 -6.03
CA ARG A 1189 27.56 -51.14 -6.65
C ARG A 1189 28.84 -50.81 -5.90
N VAL A 1190 29.61 -51.84 -5.57
CA VAL A 1190 30.81 -51.64 -4.76
C VAL A 1190 32.04 -52.35 -5.33
N LEU A 1191 31.90 -52.92 -6.53
CA LEU A 1191 33.05 -53.53 -7.19
C LEU A 1191 33.86 -52.47 -7.91
N HIS A 1192 35.18 -52.63 -7.91
CA HIS A 1192 36.05 -51.72 -8.64
C HIS A 1192 35.78 -51.84 -10.13
N PRO A 1193 35.85 -50.71 -10.85
CA PRO A 1193 35.58 -50.69 -12.30
C PRO A 1193 36.38 -51.70 -13.11
N GLU A 1194 37.62 -51.98 -12.69
CA GLU A 1194 38.48 -52.89 -13.46
C GLU A 1194 39.05 -54.03 -12.62
N GLN A 1195 39.44 -53.71 -11.38
CA GLN A 1195 40.10 -54.69 -10.52
C GLN A 1195 39.10 -55.61 -9.83
N HIS A 1196 39.50 -56.86 -9.63
CA HIS A 1196 38.62 -57.89 -9.09
C HIS A 1196 38.57 -57.84 -7.57
N ARG A 1197 38.01 -56.75 -7.05
CA ARG A 1197 37.93 -56.54 -5.62
C ARG A 1197 36.83 -55.54 -5.30
N VAL A 1198 36.49 -55.45 -4.02
CA VAL A 1198 35.59 -54.43 -3.52
C VAL A 1198 36.38 -53.15 -3.28
N VAL A 1199 35.72 -52.00 -3.41
CA VAL A 1199 36.39 -50.71 -3.27
C VAL A 1199 37.14 -50.56 -1.95
N SER A 1200 38.23 -49.81 -1.98
CA SER A 1200 39.08 -49.66 -0.80
C SER A 1200 38.63 -48.50 0.08
N VAL A 1201 39.18 -48.44 1.29
CA VAL A 1201 38.89 -47.37 2.24
C VAL A 1201 39.26 -46.00 1.66
N ARG A 1202 40.44 -45.93 1.05
CA ARG A 1202 40.91 -44.71 0.41
C ARG A 1202 39.96 -44.28 -0.71
N GLU A 1203 39.49 -45.26 -1.48
CA GLU A 1203 38.58 -45.00 -2.58
C GLU A 1203 37.24 -44.47 -2.08
N CYS A 1204 36.78 -44.98 -0.93
CA CYS A 1204 35.56 -44.47 -0.31
C CYS A 1204 35.79 -43.06 0.22
N ALA A 1205 36.96 -42.85 0.82
CA ALA A 1205 37.33 -41.53 1.32
C ALA A 1205 37.44 -40.52 0.20
N ARG A 1206 37.92 -40.98 -0.96
CA ARG A 1206 37.99 -40.15 -2.14
C ARG A 1206 36.60 -39.78 -2.64
N SER A 1207 35.65 -40.70 -2.50
CA SER A 1207 34.28 -40.47 -2.92
C SER A 1207 33.58 -39.49 -1.97
N GLN A 1208 34.12 -39.35 -0.76
CA GLN A 1208 33.59 -38.42 0.22
C GLN A 1208 34.31 -37.09 0.16
N GLY A 1209 35.26 -36.97 -0.76
CA GLY A 1209 36.01 -35.73 -0.92
C GLY A 1209 36.98 -35.47 0.22
N PHE A 1210 37.42 -36.53 0.89
CA PHE A 1210 38.43 -36.41 1.93
C PHE A 1210 39.81 -36.19 1.33
N PRO A 1211 40.58 -35.26 1.91
CA PRO A 1211 41.99 -35.12 1.53
C PRO A 1211 42.75 -36.40 1.84
N ASP A 1212 43.68 -36.79 0.98
CA ASP A 1212 44.43 -38.03 1.16
C ASP A 1212 45.24 -38.01 2.45
N THR A 1213 45.51 -36.81 2.97
CA THR A 1213 46.28 -36.65 4.19
C THR A 1213 45.41 -36.76 5.44
N TYR A 1214 44.10 -36.84 5.26
CA TYR A 1214 43.19 -36.97 6.40
C TYR A 1214 43.30 -38.35 7.02
N ARG A 1215 43.53 -38.39 8.33
CA ARG A 1215 43.85 -39.63 9.02
C ARG A 1215 42.61 -40.39 9.51
N LEU A 1216 42.64 -41.69 9.34
CA LEU A 1216 41.58 -42.57 9.83
C LEU A 1216 42.17 -43.52 10.87
N PHE A 1217 41.32 -44.07 11.73
CA PHE A 1217 41.82 -44.87 12.86
C PHE A 1217 41.05 -46.18 13.05
N GLY A 1218 41.77 -47.22 13.47
CA GLY A 1218 41.16 -48.49 13.80
C GLY A 1218 41.38 -49.56 12.74
N ASN A 1219 40.67 -50.67 12.87
CA ASN A 1219 40.72 -51.71 11.85
C ASN A 1219 40.02 -51.24 10.58
N ILE A 1220 40.06 -52.06 9.55
CA ILE A 1220 39.57 -51.65 8.23
C ILE A 1220 38.07 -51.35 8.24
N LEU A 1221 37.30 -52.09 9.04
CA LEU A 1221 35.86 -51.87 9.13
C LEU A 1221 35.55 -50.63 9.95
N ASP A 1222 36.39 -50.34 10.93
CA ASP A 1222 36.27 -49.11 11.70
C ASP A 1222 36.49 -47.91 10.79
N LYS A 1223 37.48 -48.02 9.91
CA LYS A 1223 37.83 -46.94 8.99
C LYS A 1223 36.76 -46.78 7.92
N HIS A 1224 36.21 -47.89 7.44
CA HIS A 1224 35.16 -47.87 6.43
C HIS A 1224 33.91 -47.18 6.95
N ARG A 1225 33.58 -47.40 8.22
CA ARG A 1225 32.38 -46.81 8.82
C ARG A 1225 32.60 -45.33 9.13
N GLN A 1226 33.81 -44.99 9.56
CA GLN A 1226 34.19 -43.59 9.78
C GLN A 1226 33.93 -42.76 8.53
N VAL A 1227 34.53 -43.18 7.43
CA VAL A 1227 34.41 -42.51 6.15
C VAL A 1227 32.95 -42.44 5.68
N GLY A 1228 32.25 -43.56 5.79
CA GLY A 1228 30.87 -43.64 5.33
C GLY A 1228 29.89 -42.77 6.11
N ASN A 1229 30.10 -42.66 7.42
CA ASN A 1229 29.24 -41.86 8.28
C ASN A 1229 29.46 -40.36 8.07
N ALA A 1230 30.57 -40.02 7.42
CA ALA A 1230 31.03 -38.63 7.36
C ALA A 1230 30.24 -37.77 6.39
N VAL A 1231 30.08 -36.51 6.75
CA VAL A 1231 29.62 -35.49 5.83
C VAL A 1231 30.79 -35.12 4.94
N PRO A 1232 30.61 -35.19 3.61
CA PRO A 1232 31.69 -34.84 2.69
C PRO A 1232 32.15 -33.40 2.86
N PRO A 1233 33.44 -33.20 3.16
CA PRO A 1233 34.04 -31.87 3.32
C PRO A 1233 33.72 -30.86 2.20
N PRO A 1234 33.65 -31.29 0.92
CA PRO A 1234 33.23 -30.31 -0.08
C PRO A 1234 31.82 -29.76 0.16
N LEU A 1235 30.93 -30.58 0.71
CA LEU A 1235 29.58 -30.14 1.02
C LEU A 1235 29.57 -29.24 2.26
N ALA A 1236 30.30 -29.68 3.30
CA ALA A 1236 30.38 -28.92 4.54
C ALA A 1236 31.03 -27.55 4.32
N LYS A 1237 32.00 -27.50 3.42
CA LYS A 1237 32.67 -26.25 3.09
C LYS A 1237 31.72 -25.27 2.41
N ALA A 1238 30.94 -25.78 1.47
CA ALA A 1238 29.96 -24.95 0.75
C ALA A 1238 28.95 -24.35 1.72
N ILE A 1239 28.53 -25.15 2.69
CA ILE A 1239 27.63 -24.68 3.74
C ILE A 1239 28.34 -23.65 4.61
N GLY A 1240 29.60 -23.94 4.93
CA GLY A 1240 30.40 -23.07 5.76
C GLY A 1240 30.62 -21.69 5.16
N LEU A 1241 30.66 -21.62 3.83
CA LEU A 1241 30.87 -20.35 3.14
C LEU A 1241 29.66 -19.43 3.25
N GLU A 1242 28.47 -20.03 3.24
CA GLU A 1242 27.23 -19.27 3.40
C GLU A 1242 27.16 -18.67 4.80
N ILE A 1243 27.79 -19.36 5.75
CA ILE A 1243 27.86 -18.88 7.13
C ILE A 1243 28.86 -17.73 7.25
N LYS A 1244 29.95 -17.81 6.49
CA LYS A 1244 30.97 -16.76 6.48
C LYS A 1244 30.37 -15.43 6.02
N LEU A 1245 29.46 -15.50 5.05
CA LEU A 1245 28.78 -14.32 4.54
C LEU A 1245 27.99 -13.61 5.66
N CYS A 1246 27.30 -14.39 6.47
CA CYS A 1246 26.53 -13.85 7.58
C CYS A 1246 27.44 -13.23 8.63
N MET A 1247 28.58 -13.87 8.88
CA MET A 1247 29.57 -13.34 9.80
C MET A 1247 30.11 -12.01 9.29
N LEU A 1248 30.33 -11.93 7.98
CA LEU A 1248 30.81 -10.72 7.35
C LEU A 1248 29.75 -9.62 7.38
N ALA A 1249 28.50 -10.00 7.16
CA ALA A 1249 27.39 -9.05 7.15
C ALA A 1249 27.21 -8.41 8.52
N LYS A 1250 27.24 -9.22 9.57
CA LYS A 1250 27.08 -8.72 10.93
C LYS A 1250 28.25 -7.83 11.34
N ALA A 1251 29.42 -8.10 10.75
CA ALA A 1251 30.63 -7.38 11.13
C ALA A 1251 30.81 -6.08 10.36
N LEU A 1252 30.25 -6.00 9.15
CA LEU A 1252 30.52 -4.87 8.26
C LEU A 1252 29.28 -4.06 7.91
N THR A 1253 28.10 -4.59 8.23
CA THR A 1253 26.85 -3.91 7.92
C THR A 1253 26.10 -3.53 9.20
N ARG A 1254 25.80 -2.24 9.36
CA ARG A 1254 24.99 -1.78 10.47
C ARG A 1254 23.71 -1.15 9.93
N VAL A 1255 22.67 -1.09 10.76
CA VAL A 1255 21.34 -0.71 10.28
C VAL A 1255 20.80 0.56 10.96
N TRP A 1256 20.08 1.36 10.18
CA TRP A 1256 19.29 2.48 10.71
C TRP A 1256 17.99 2.61 9.91
N PRO B 2 -34.03 -4.69 -0.89
CA PRO B 2 -34.06 -5.79 -1.86
C PRO B 2 -34.22 -5.29 -3.30
N LYS B 3 -33.14 -5.39 -4.08
CA LYS B 3 -33.14 -4.91 -5.46
C LYS B 3 -33.07 -6.07 -6.44
N CYS B 4 -33.47 -5.83 -7.68
CA CYS B 4 -33.40 -6.84 -8.73
C CYS B 4 -31.94 -7.10 -9.10
N ILE B 5 -31.65 -8.36 -9.44
CA ILE B 5 -30.29 -8.74 -9.80
C ILE B 5 -29.88 -8.13 -11.13
N GLN B 6 -30.85 -7.95 -12.02
CA GLN B 6 -30.58 -7.38 -13.35
C GLN B 6 -30.74 -5.87 -13.35
N CYS B 7 -31.98 -5.39 -13.21
CA CYS B 7 -32.23 -3.95 -13.14
C CYS B 7 -32.02 -3.47 -11.71
N GLY B 8 -31.80 -2.17 -11.54
CA GLY B 8 -31.46 -1.62 -10.25
C GLY B 8 -32.62 -1.38 -9.31
N GLN B 9 -33.84 -1.58 -9.79
CA GLN B 9 -35.04 -1.23 -9.04
C GLN B 9 -35.27 -2.10 -7.81
N TYR B 10 -35.87 -1.50 -6.78
CA TYR B 10 -36.24 -2.22 -5.57
C TYR B 10 -37.52 -3.04 -5.78
N LEU B 11 -37.45 -4.33 -5.51
CA LEU B 11 -38.63 -5.19 -5.66
C LEU B 11 -39.25 -5.51 -4.29
N ASP B 12 -40.51 -5.12 -4.11
CA ASP B 12 -41.22 -4.28 -5.04
C ASP B 12 -41.74 -3.06 -4.28
N ASP B 13 -40.84 -2.46 -3.51
CA ASP B 13 -41.18 -1.40 -2.55
C ASP B 13 -41.85 -0.15 -3.14
N PRO B 14 -41.27 0.43 -4.22
CA PRO B 14 -41.96 1.63 -4.74
C PRO B 14 -43.14 1.27 -5.63
N ASP B 15 -43.31 1.98 -6.74
CA ASP B 15 -44.35 1.66 -7.71
C ASP B 15 -43.73 0.87 -8.85
N LEU B 16 -43.46 -0.41 -8.62
CA LEU B 16 -42.96 -1.30 -9.66
C LEU B 16 -44.08 -1.69 -10.60
N LYS B 17 -43.73 -2.10 -11.82
CA LYS B 17 -44.71 -2.55 -12.80
C LYS B 17 -44.15 -3.71 -13.63
N TYR B 18 -45.01 -4.62 -14.05
CA TYR B 18 -44.59 -5.74 -14.89
C TYR B 18 -45.21 -5.63 -16.29
N GLY B 19 -44.59 -6.29 -17.27
CA GLY B 19 -45.00 -6.14 -18.66
C GLY B 19 -45.93 -7.23 -19.16
N GLN B 20 -46.89 -6.84 -20.01
CA GLN B 20 -47.94 -7.75 -20.47
C GLN B 20 -47.80 -8.18 -21.94
N HIS B 21 -48.24 -9.41 -22.26
CA HIS B 21 -48.31 -9.90 -23.64
C HIS B 21 -49.68 -10.52 -23.93
N PRO B 22 -50.17 -10.33 -25.16
CA PRO B 22 -51.56 -10.71 -25.51
C PRO B 22 -51.95 -12.18 -25.80
N PRO B 23 -51.15 -13.02 -26.49
CA PRO B 23 -49.74 -13.16 -26.84
C PRO B 23 -49.27 -12.69 -28.22
N ASP B 24 -48.20 -13.35 -28.69
CA ASP B 24 -47.77 -13.53 -30.10
C ASP B 24 -46.29 -13.23 -30.43
N ALA B 25 -45.64 -14.24 -30.99
CA ALA B 25 -44.41 -14.10 -31.77
C ALA B 25 -43.17 -13.63 -30.99
N VAL B 26 -42.09 -14.38 -31.14
CA VAL B 26 -40.77 -13.91 -30.74
C VAL B 26 -40.29 -12.88 -31.76
N ASP B 27 -39.01 -12.53 -31.70
CA ASP B 27 -38.47 -11.54 -32.62
C ASP B 27 -38.38 -12.12 -34.03
N GLU B 28 -38.19 -13.43 -34.14
CA GLU B 28 -37.94 -14.09 -35.43
C GLU B 28 -38.92 -13.69 -36.56
N PRO B 29 -40.21 -13.48 -36.24
CA PRO B 29 -41.06 -12.83 -37.24
C PRO B 29 -41.52 -11.41 -36.85
N GLN B 30 -41.31 -10.35 -37.66
CA GLN B 30 -40.54 -10.28 -38.92
C GLN B 30 -40.99 -11.17 -40.08
N MET B 31 -42.26 -11.59 -40.09
CA MET B 31 -42.74 -12.40 -41.20
C MET B 31 -44.08 -11.92 -41.76
N LEU B 32 -44.96 -11.45 -40.88
CA LEU B 32 -46.34 -11.09 -41.26
C LEU B 32 -46.41 -10.12 -42.44
N THR B 33 -45.93 -8.89 -42.24
CA THR B 33 -46.03 -7.85 -43.25
C THR B 33 -44.67 -7.31 -43.68
N ASN B 34 -43.80 -7.10 -42.69
CA ASN B 34 -42.57 -6.34 -42.88
C ASN B 34 -41.54 -6.98 -43.82
N GLU B 35 -41.43 -8.31 -43.76
CA GLU B 35 -40.33 -9.03 -44.41
C GLU B 35 -40.16 -8.72 -45.90
N LYS B 36 -41.22 -8.93 -46.69
CA LYS B 36 -41.11 -8.85 -48.14
C LYS B 36 -41.45 -7.47 -48.69
N LEU B 37 -42.50 -6.85 -48.14
CA LEU B 37 -43.00 -5.58 -48.68
C LEU B 37 -42.04 -4.41 -48.48
N SER B 38 -41.44 -4.32 -47.30
CA SER B 38 -40.60 -3.18 -46.95
C SER B 38 -39.19 -3.32 -47.51
N ILE B 39 -38.82 -4.55 -47.83
CA ILE B 39 -37.50 -4.94 -48.35
C ILE B 39 -36.32 -4.09 -47.82
N GLU B 51 -25.18 1.96 -43.24
CA GLU B 51 -26.34 1.37 -42.55
C GLU B 51 -26.66 -0.02 -43.11
N ALA B 52 -27.60 -0.05 -44.06
CA ALA B 52 -28.06 -1.30 -44.67
C ALA B 52 -28.58 -2.29 -43.63
N LEU B 53 -29.73 -1.96 -43.04
CA LEU B 53 -30.37 -2.80 -42.04
C LEU B 53 -31.85 -2.43 -41.97
N PRO B 54 -32.74 -3.44 -41.84
CA PRO B 54 -34.19 -3.23 -41.82
C PRO B 54 -34.67 -2.24 -40.76
N GLN B 55 -35.63 -1.41 -41.11
CA GLN B 55 -36.25 -0.46 -40.18
C GLN B 55 -37.75 -0.62 -40.16
N HIS B 56 -38.34 -0.56 -38.96
CA HIS B 56 -39.78 -0.61 -38.80
C HIS B 56 -40.22 0.31 -37.67
N LYS B 57 -41.53 0.42 -37.46
CA LYS B 57 -42.03 1.21 -36.35
C LYS B 57 -42.59 0.30 -35.25
N LEU B 58 -42.87 0.88 -34.10
CA LEU B 58 -43.32 0.11 -32.95
C LEU B 58 -44.24 0.93 -32.04
N THR B 59 -45.45 0.45 -31.82
CA THR B 59 -46.43 1.16 -31.01
C THR B 59 -46.86 0.30 -29.83
N CYS B 60 -47.37 0.95 -28.78
CA CYS B 60 -47.79 0.29 -27.55
C CYS B 60 -46.61 -0.50 -26.98
N PHE B 61 -45.44 0.15 -27.00
CA PHE B 61 -44.20 -0.50 -26.59
C PHE B 61 -44.00 -0.45 -25.08
N SER B 62 -43.12 -1.32 -24.60
CA SER B 62 -42.75 -1.34 -23.19
C SER B 62 -41.40 -2.03 -23.02
N VAL B 63 -40.43 -1.29 -22.48
CA VAL B 63 -39.11 -1.85 -22.20
C VAL B 63 -39.14 -2.54 -20.84
N TYR B 64 -38.50 -3.69 -20.72
CA TYR B 64 -38.48 -4.38 -19.45
C TYR B 64 -37.20 -5.16 -19.15
N CYS B 65 -37.04 -5.48 -17.87
CA CYS B 65 -35.92 -6.27 -17.37
C CYS B 65 -36.03 -7.73 -17.80
N LYS B 66 -34.98 -8.50 -17.56
CA LYS B 66 -35.01 -9.93 -17.82
C LYS B 66 -35.92 -10.62 -16.82
N HIS B 67 -36.18 -9.94 -15.71
CA HIS B 67 -37.10 -10.43 -14.70
C HIS B 67 -38.46 -9.71 -14.80
N GLY B 68 -38.67 -9.08 -15.95
CA GLY B 68 -39.97 -8.51 -16.35
C GLY B 68 -40.41 -7.28 -15.55
N HIS B 69 -39.46 -6.47 -15.10
CA HIS B 69 -39.80 -5.16 -14.53
C HIS B 69 -39.73 -4.09 -15.60
N LEU B 70 -40.68 -3.16 -15.61
CA LEU B 70 -40.63 -2.05 -16.55
C LEU B 70 -39.48 -1.12 -16.22
N CYS B 71 -38.55 -0.98 -17.16
CA CYS B 71 -37.32 -0.21 -16.91
C CYS B 71 -37.18 1.00 -17.81
N PRO B 72 -36.61 2.09 -17.28
CA PRO B 72 -36.17 3.22 -18.11
C PRO B 72 -34.92 2.86 -18.89
N ILE B 73 -34.71 3.51 -20.03
CA ILE B 73 -33.55 3.21 -20.87
C ILE B 73 -32.53 4.34 -20.83
N ASP B 74 -32.86 5.42 -20.13
CA ASP B 74 -32.00 6.60 -20.10
C ASP B 74 -30.93 6.51 -19.02
N THR B 75 -31.14 5.64 -18.04
CA THR B 75 -30.12 5.39 -17.03
C THR B 75 -29.05 4.46 -17.60
N GLY B 76 -28.03 4.15 -16.80
CA GLY B 76 -26.86 3.44 -17.30
C GLY B 76 -27.05 1.94 -17.48
N LEU B 77 -28.29 1.50 -17.64
CA LEU B 77 -28.59 0.07 -17.75
C LEU B 77 -28.13 -0.54 -19.08
N ILE B 78 -27.81 0.30 -20.05
CA ILE B 78 -27.34 -0.18 -21.35
C ILE B 78 -25.84 0.04 -21.49
N GLU B 79 -25.35 1.15 -20.94
CA GLU B 79 -23.92 1.41 -20.86
C GLU B 79 -23.26 0.25 -20.11
N LYS B 80 -23.74 -0.02 -18.90
CA LYS B 80 -23.47 -1.29 -18.25
C LYS B 80 -24.13 -2.37 -19.09
N ASN B 81 -23.37 -3.35 -19.53
CA ASN B 81 -23.90 -4.35 -20.47
C ASN B 81 -24.99 -5.23 -19.85
N ILE B 82 -26.09 -4.60 -19.46
CA ILE B 82 -27.25 -5.30 -18.94
C ILE B 82 -28.33 -5.36 -20.02
N GLU B 83 -28.85 -6.57 -20.26
CA GLU B 83 -29.79 -6.78 -21.35
C GLU B 83 -31.18 -6.22 -21.06
N LEU B 84 -31.60 -5.24 -21.84
CA LEU B 84 -32.95 -4.69 -21.76
C LEU B 84 -33.77 -5.14 -22.97
N PHE B 85 -34.90 -5.77 -22.71
CA PHE B 85 -35.78 -6.24 -23.77
C PHE B 85 -37.03 -5.37 -23.86
N PHE B 86 -37.79 -5.53 -24.94
CA PHE B 86 -38.98 -4.72 -25.15
C PHE B 86 -40.04 -5.46 -25.96
N SER B 87 -41.27 -4.94 -25.94
CA SER B 87 -42.38 -5.55 -26.65
C SER B 87 -43.20 -4.49 -27.38
N GLY B 88 -44.32 -4.91 -27.96
CA GLY B 88 -45.19 -4.01 -28.70
C GLY B 88 -45.47 -4.51 -30.10
N SER B 89 -46.45 -3.88 -30.76
CA SER B 89 -46.83 -4.27 -32.11
C SER B 89 -46.01 -3.50 -33.14
N ALA B 90 -45.41 -4.22 -34.08
CA ALA B 90 -44.58 -3.60 -35.10
C ALA B 90 -45.38 -3.24 -36.34
N LYS B 91 -45.14 -2.06 -36.88
CA LYS B 91 -45.77 -1.61 -38.11
C LYS B 91 -44.70 -1.22 -39.14
N PRO B 92 -45.05 -1.24 -40.43
CA PRO B 92 -44.07 -0.81 -41.45
C PRO B 92 -43.72 0.67 -41.31
N ILE B 93 -42.51 1.04 -41.72
CA ILE B 93 -41.99 2.40 -41.51
C ILE B 93 -42.88 3.51 -42.02
N TYR B 94 -43.55 3.29 -43.14
CA TYR B 94 -44.38 4.34 -43.74
C TYR B 94 -45.67 4.59 -42.97
N ASP B 95 -45.99 3.71 -42.02
CA ASP B 95 -47.19 3.87 -41.22
C ASP B 95 -47.02 5.02 -40.23
N ASP B 96 -48.11 5.71 -39.93
CA ASP B 96 -48.08 6.84 -39.02
C ASP B 96 -49.24 6.77 -38.03
N ASP B 97 -49.96 5.66 -38.05
CA ASP B 97 -51.09 5.45 -37.16
C ASP B 97 -50.68 4.60 -35.96
N PRO B 98 -50.77 5.19 -34.76
CA PRO B 98 -50.38 4.51 -33.51
C PRO B 98 -51.54 3.77 -32.85
N SER B 99 -52.49 3.28 -33.64
CA SER B 99 -53.72 2.73 -33.10
C SER B 99 -53.73 1.21 -32.95
N LEU B 100 -52.56 0.58 -33.06
CA LEU B 100 -52.42 -0.86 -32.81
C LEU B 100 -53.17 -1.72 -33.84
N GLU B 101 -53.81 -1.06 -34.81
CA GLU B 101 -54.69 -1.75 -35.75
C GLU B 101 -53.94 -2.67 -36.71
N GLY B 102 -53.00 -2.12 -37.46
CA GLY B 102 -52.23 -2.90 -38.41
C GLY B 102 -50.96 -3.46 -37.77
N GLY B 103 -50.96 -3.51 -36.45
CA GLY B 103 -49.78 -3.92 -35.71
C GLY B 103 -49.59 -5.43 -35.61
N VAL B 104 -48.33 -5.84 -35.51
CA VAL B 104 -47.98 -7.24 -35.32
C VAL B 104 -47.38 -7.43 -33.94
N ASN B 105 -48.17 -7.99 -33.02
CA ASN B 105 -47.74 -8.16 -31.63
C ASN B 105 -46.47 -8.99 -31.50
N GLY B 106 -45.48 -8.44 -30.81
CA GLY B 106 -44.24 -9.13 -30.55
C GLY B 106 -43.80 -8.98 -29.11
N LYS B 107 -42.85 -9.81 -28.69
CA LYS B 107 -42.35 -9.76 -27.31
C LYS B 107 -40.91 -10.25 -27.23
N ASN B 108 -40.23 -9.89 -26.15
CA ASN B 108 -38.84 -10.27 -25.90
C ASN B 108 -37.92 -9.86 -27.05
N LEU B 109 -38.21 -8.71 -27.64
CA LEU B 109 -37.38 -8.18 -28.70
C LEU B 109 -36.09 -7.61 -28.12
N GLY B 110 -34.98 -7.85 -28.79
CA GLY B 110 -33.71 -7.31 -28.35
C GLY B 110 -32.65 -8.37 -28.09
N PRO B 111 -31.76 -8.11 -27.10
CA PRO B 111 -31.75 -6.94 -26.22
C PRO B 111 -31.34 -5.64 -26.93
N ILE B 112 -31.79 -4.51 -26.40
CA ILE B 112 -31.46 -3.21 -26.96
C ILE B 112 -29.97 -2.95 -26.96
N ASN B 113 -29.41 -2.60 -28.11
CA ASN B 113 -27.99 -2.33 -28.23
C ASN B 113 -27.71 -0.83 -28.19
N GLU B 114 -28.44 -0.08 -29.00
CA GLU B 114 -28.32 1.38 -29.00
C GLU B 114 -29.71 2.01 -28.99
N TRP B 115 -29.83 3.17 -28.36
CA TRP B 115 -31.05 3.98 -28.48
C TRP B 115 -30.67 5.42 -28.77
N TRP B 116 -31.60 6.15 -29.38
CA TRP B 116 -31.29 7.52 -29.79
C TRP B 116 -32.53 8.36 -30.07
N ILE B 117 -32.29 9.66 -30.25
CA ILE B 117 -33.36 10.61 -30.55
C ILE B 117 -33.33 10.97 -32.02
N THR B 118 -34.40 10.60 -32.72
CA THR B 118 -34.52 10.82 -34.15
C THR B 118 -35.12 12.19 -34.47
N GLY B 119 -35.28 13.02 -33.43
CA GLY B 119 -35.84 14.34 -33.61
C GLY B 119 -37.09 14.57 -32.79
N PHE B 120 -37.74 15.70 -33.04
CA PHE B 120 -38.96 16.07 -32.30
C PHE B 120 -40.11 16.32 -33.27
N ASP B 121 -41.31 15.89 -32.88
CA ASP B 121 -42.49 16.25 -33.65
C ASP B 121 -42.89 17.69 -33.28
N GLY B 122 -44.00 18.16 -33.82
CA GLY B 122 -44.45 19.51 -33.55
C GLY B 122 -45.82 19.56 -32.89
N GLY B 123 -45.87 19.48 -31.57
CA GLY B 123 -44.67 19.35 -30.75
C GLY B 123 -45.04 19.12 -29.30
N GLU B 124 -44.04 18.91 -28.44
CA GLU B 124 -42.65 18.86 -28.85
C GLU B 124 -41.99 17.58 -28.33
N LYS B 125 -42.74 16.48 -28.42
CA LYS B 125 -42.29 15.17 -27.96
C LYS B 125 -41.10 14.65 -28.78
N ALA B 126 -40.11 14.10 -28.10
CA ALA B 126 -38.93 13.55 -28.78
C ALA B 126 -39.23 12.16 -29.33
N LEU B 127 -38.62 11.85 -30.48
CA LEU B 127 -38.85 10.58 -31.16
C LEU B 127 -37.63 9.66 -31.03
N ILE B 128 -37.83 8.53 -30.36
CA ILE B 128 -36.75 7.63 -30.01
C ILE B 128 -36.71 6.39 -30.91
N GLY B 129 -35.51 5.93 -31.24
CA GLY B 129 -35.35 4.70 -32.01
C GLY B 129 -34.49 3.66 -31.33
N PHE B 130 -34.94 2.40 -31.40
CA PHE B 130 -34.16 1.28 -30.87
C PHE B 130 -33.33 0.65 -31.97
N SER B 131 -32.41 -0.23 -31.58
CA SER B 131 -31.65 -1.02 -32.54
C SER B 131 -31.27 -2.36 -31.92
N THR B 132 -31.72 -3.45 -32.54
CA THR B 132 -31.38 -4.78 -32.08
C THR B 132 -30.31 -5.38 -33.00
N SER B 133 -30.02 -6.65 -32.80
CA SER B 133 -29.07 -7.37 -33.65
C SER B 133 -29.71 -7.71 -34.99
N PHE B 134 -31.00 -7.40 -35.11
CA PHE B 134 -31.77 -7.73 -36.31
C PHE B 134 -32.20 -6.49 -37.08
N ALA B 135 -33.09 -5.70 -36.49
CA ALA B 135 -33.61 -4.52 -37.16
C ALA B 135 -33.57 -3.27 -36.27
N GLU B 136 -34.03 -2.16 -36.83
CA GLU B 136 -34.14 -0.90 -36.09
C GLU B 136 -35.61 -0.52 -35.94
N TYR B 137 -35.95 0.10 -34.82
CA TYR B 137 -37.35 0.35 -34.50
C TYR B 137 -37.61 1.81 -34.11
N ILE B 138 -38.45 2.48 -34.90
CA ILE B 138 -38.87 3.85 -34.59
C ILE B 138 -40.10 3.83 -33.69
N LEU B 139 -39.96 4.32 -32.47
CA LEU B 139 -41.04 4.26 -31.48
C LEU B 139 -42.15 5.26 -31.79
N MET B 140 -43.37 4.90 -31.42
CA MET B 140 -44.54 5.76 -31.63
C MET B 140 -45.21 6.12 -30.31
N ASP B 141 -46.20 5.32 -29.92
CA ASP B 141 -46.91 5.53 -28.66
C ASP B 141 -46.61 4.40 -27.67
N PRO B 142 -46.37 4.76 -26.40
CA PRO B 142 -46.07 3.77 -25.38
C PRO B 142 -47.32 3.01 -24.93
N SER B 143 -47.13 1.80 -24.42
CA SER B 143 -48.22 1.04 -23.81
C SER B 143 -48.71 1.82 -22.59
N PRO B 144 -50.00 1.67 -22.24
CA PRO B 144 -50.55 2.38 -21.07
C PRO B 144 -49.80 2.03 -19.78
N GLU B 145 -49.12 0.89 -19.78
CA GLU B 145 -48.31 0.47 -18.65
C GLU B 145 -47.00 1.25 -18.60
N TYR B 146 -46.36 1.37 -19.76
CA TYR B 146 -45.04 2.00 -19.85
C TYR B 146 -45.14 3.51 -20.02
N ALA B 147 -46.35 4.00 -20.22
CA ALA B 147 -46.60 5.44 -20.44
C ALA B 147 -45.99 6.36 -19.38
N PRO B 148 -46.17 6.05 -18.07
CA PRO B 148 -45.56 6.96 -17.09
C PRO B 148 -44.03 7.00 -17.14
N ILE B 149 -43.40 5.86 -17.39
CA ILE B 149 -41.95 5.81 -17.52
C ILE B 149 -41.49 6.63 -18.73
N PHE B 150 -42.21 6.47 -19.83
CA PHE B 150 -41.89 7.19 -21.06
C PHE B 150 -42.09 8.69 -20.90
N GLY B 151 -42.99 9.08 -20.01
CA GLY B 151 -43.23 10.47 -19.71
C GLY B 151 -42.06 11.10 -18.98
N LEU B 152 -41.45 10.34 -18.08
CA LEU B 152 -40.28 10.80 -17.35
C LEU B 152 -39.10 11.03 -18.30
N MET B 153 -38.87 10.06 -19.17
CA MET B 153 -37.81 10.16 -20.17
C MET B 153 -38.05 11.34 -21.11
N GLN B 154 -39.33 11.55 -21.45
CA GLN B 154 -39.72 12.68 -22.28
C GLN B 154 -39.46 13.99 -21.55
N GLU B 155 -39.63 13.96 -20.24
CA GLU B 155 -39.40 15.14 -19.40
C GLU B 155 -37.90 15.42 -19.28
N LYS B 156 -37.12 14.36 -19.14
CA LYS B 156 -35.66 14.46 -19.07
C LYS B 156 -35.09 15.15 -20.31
N ILE B 157 -35.49 14.65 -21.47
CA ILE B 157 -34.97 15.12 -22.75
C ILE B 157 -35.30 16.58 -23.02
N TYR B 158 -36.55 16.95 -22.76
CA TYR B 158 -36.99 18.32 -23.04
C TYR B 158 -36.32 19.33 -22.11
N ILE B 159 -36.29 19.02 -20.82
CA ILE B 159 -35.66 19.90 -19.83
C ILE B 159 -34.17 20.08 -20.15
N SER B 160 -33.50 19.00 -20.50
CA SER B 160 -32.08 19.06 -20.86
C SER B 160 -31.86 19.94 -22.08
N LYS B 161 -32.79 19.86 -23.04
CA LYS B 161 -32.72 20.67 -24.25
C LYS B 161 -32.88 22.16 -23.92
N ILE B 162 -33.79 22.46 -23.00
CA ILE B 162 -34.01 23.84 -22.56
C ILE B 162 -32.77 24.39 -21.86
N VAL B 163 -32.15 23.57 -21.01
CA VAL B 163 -30.97 23.97 -20.26
C VAL B 163 -29.80 24.28 -21.18
N VAL B 164 -29.51 23.38 -22.11
CA VAL B 164 -28.40 23.55 -23.05
C VAL B 164 -28.54 24.84 -23.86
N GLU B 165 -29.73 25.05 -24.42
CA GLU B 165 -30.00 26.26 -25.19
C GLU B 165 -29.92 27.50 -24.30
N PHE B 166 -30.26 27.34 -23.03
CA PHE B 166 -30.20 28.44 -22.07
C PHE B 166 -28.76 28.85 -21.73
N LEU B 167 -27.94 27.85 -21.43
CA LEU B 167 -26.53 28.06 -21.08
C LEU B 167 -25.73 28.68 -22.23
N GLN B 168 -26.04 28.24 -23.45
CA GLN B 168 -25.68 28.96 -24.69
C GLN B 168 -25.98 30.44 -24.77
N SER B 169 -27.09 30.91 -24.20
CA SER B 169 -27.44 32.34 -24.28
C SER B 169 -26.64 33.24 -23.35
N ASN B 170 -26.17 32.66 -22.24
CA ASN B 170 -25.44 33.42 -21.23
C ASN B 170 -24.54 32.50 -20.41
N SER B 171 -23.28 32.89 -20.26
CA SER B 171 -22.30 32.06 -19.58
C SER B 171 -22.13 32.43 -18.11
N ASP B 172 -22.96 33.35 -17.63
CA ASP B 172 -22.79 33.87 -16.27
C ASP B 172 -24.05 33.73 -15.41
N SER B 173 -25.08 33.08 -15.95
CA SER B 173 -26.34 32.92 -15.24
C SER B 173 -26.17 32.09 -13.97
N THR B 174 -26.88 32.47 -12.91
CA THR B 174 -26.75 31.80 -11.62
C THR B 174 -27.84 30.75 -11.42
N TYR B 175 -27.81 30.11 -10.26
CA TYR B 175 -28.75 29.04 -9.94
C TYR B 175 -30.21 29.50 -9.99
N GLU B 176 -30.49 30.64 -9.37
CA GLU B 176 -31.84 31.19 -9.34
C GLU B 176 -32.27 31.68 -10.73
N ASP B 177 -31.31 32.01 -11.57
CA ASP B 177 -31.59 32.33 -12.96
C ASP B 177 -32.08 31.10 -13.70
N LEU B 178 -31.41 29.98 -13.45
CA LEU B 178 -31.74 28.71 -14.09
C LEU B 178 -33.13 28.22 -13.68
N ILE B 179 -33.43 28.30 -12.39
CA ILE B 179 -34.74 27.90 -11.87
C ILE B 179 -35.86 28.70 -12.54
N ASN B 180 -35.67 30.01 -12.62
CA ASN B 180 -36.67 30.88 -13.25
C ASN B 180 -36.91 30.51 -14.71
N LYS B 181 -35.86 30.08 -15.40
CA LYS B 181 -35.99 29.67 -16.78
C LYS B 181 -36.86 28.42 -16.90
N ILE B 182 -36.58 27.45 -16.04
CA ILE B 182 -37.32 26.19 -16.02
C ILE B 182 -38.79 26.42 -15.68
N GLU B 183 -39.04 27.29 -14.70
CA GLU B 183 -40.39 27.56 -14.23
C GLU B 183 -41.23 28.31 -15.26
N THR B 184 -40.59 29.17 -16.06
CA THR B 184 -41.29 29.93 -17.08
C THR B 184 -41.36 29.17 -18.41
N THR B 185 -40.79 27.96 -18.42
CA THR B 185 -40.83 27.12 -19.61
C THR B 185 -42.10 26.29 -19.63
N VAL B 186 -42.95 26.53 -20.63
CA VAL B 186 -44.20 25.79 -20.78
C VAL B 186 -43.91 24.36 -21.24
N PRO B 187 -44.36 23.37 -20.46
CA PRO B 187 -44.18 21.96 -20.82
C PRO B 187 -44.94 21.61 -22.09
N PRO B 188 -44.36 20.75 -22.94
CA PRO B 188 -45.05 20.30 -24.14
C PRO B 188 -46.34 19.56 -23.80
N SER B 189 -47.34 19.64 -24.68
CA SER B 189 -48.65 19.06 -24.40
C SER B 189 -48.60 17.54 -24.19
N GLY B 190 -47.57 16.90 -24.73
CA GLY B 190 -47.37 15.48 -24.54
C GLY B 190 -47.27 15.14 -23.06
N LEU B 191 -46.56 15.98 -22.33
CA LEU B 191 -46.52 15.88 -20.88
C LEU B 191 -47.69 16.69 -20.30
N ASN B 192 -48.65 16.01 -19.69
CA ASN B 192 -49.84 16.69 -19.19
C ASN B 192 -49.59 17.51 -17.93
N LEU B 193 -48.34 17.91 -17.72
CA LEU B 193 -48.03 18.90 -16.69
C LEU B 193 -48.37 20.28 -17.23
N ASN B 194 -48.66 21.22 -16.32
CA ASN B 194 -48.92 22.59 -16.72
C ASN B 194 -47.77 23.53 -16.35
N ARG B 195 -46.77 22.98 -15.67
CA ARG B 195 -45.60 23.76 -15.29
C ARG B 195 -44.44 22.86 -14.84
N PHE B 196 -43.21 23.35 -15.03
CA PHE B 196 -42.04 22.72 -14.46
C PHE B 196 -41.70 23.40 -13.14
N THR B 197 -40.91 22.73 -12.31
CA THR B 197 -40.48 23.31 -11.03
C THR B 197 -38.99 23.07 -10.79
N GLU B 198 -38.50 23.59 -9.67
CA GLU B 198 -37.12 23.33 -9.25
C GLU B 198 -36.93 21.83 -9.03
N ASP B 199 -37.98 21.19 -8.52
CA ASP B 199 -37.97 19.76 -8.28
C ASP B 199 -37.79 19.00 -9.59
N SER B 200 -38.35 19.54 -10.67
CA SER B 200 -38.23 18.92 -11.99
C SER B 200 -36.78 18.86 -12.45
N LEU B 201 -36.01 19.89 -12.09
CA LEU B 201 -34.61 19.96 -12.48
C LEU B 201 -33.74 19.02 -11.65
N LEU B 202 -33.93 19.07 -10.33
CA LEU B 202 -33.17 18.22 -9.41
C LEU B 202 -33.48 16.74 -9.66
N ARG B 203 -34.72 16.48 -10.07
CA ARG B 203 -35.18 15.13 -10.39
C ARG B 203 -34.36 14.51 -11.52
N HIS B 204 -33.99 15.33 -12.49
CA HIS B 204 -33.30 14.86 -13.68
C HIS B 204 -31.90 15.47 -13.81
N ALA B 205 -31.33 15.87 -12.69
CA ALA B 205 -30.03 16.56 -12.68
C ALA B 205 -28.94 15.73 -13.35
N GLN B 206 -28.89 14.44 -13.05
CA GLN B 206 -27.86 13.56 -13.59
C GLN B 206 -27.91 13.50 -15.11
N PHE B 207 -29.10 13.26 -15.66
CA PHE B 207 -29.28 13.18 -17.10
C PHE B 207 -29.03 14.52 -17.77
N VAL B 208 -29.52 15.59 -17.16
CA VAL B 208 -29.38 16.93 -17.72
C VAL B 208 -27.93 17.36 -17.85
N VAL B 209 -27.15 17.17 -16.78
CA VAL B 209 -25.74 17.53 -16.78
C VAL B 209 -24.96 16.70 -17.80
N GLU B 210 -25.32 15.43 -17.93
CA GLU B 210 -24.68 14.55 -18.90
C GLU B 210 -24.85 15.07 -20.33
N GLN B 211 -26.02 15.63 -20.62
CA GLN B 211 -26.28 16.25 -21.90
C GLN B 211 -25.47 17.54 -22.03
N VAL B 212 -25.41 18.29 -20.94
CA VAL B 212 -24.66 19.55 -20.90
C VAL B 212 -23.16 19.31 -21.04
N GLU B 213 -22.66 18.27 -20.37
CA GLU B 213 -21.27 17.87 -20.50
C GLU B 213 -20.93 17.54 -21.95
N SER B 214 -21.84 16.84 -22.61
CA SER B 214 -21.58 16.26 -23.92
C SER B 214 -21.74 17.26 -25.06
N TYR B 215 -22.29 18.43 -24.74
CA TYR B 215 -22.40 19.50 -25.70
C TYR B 215 -21.01 20.09 -25.97
N ASP B 216 -20.22 20.19 -24.91
CA ASP B 216 -18.87 20.73 -25.01
C ASP B 216 -17.83 19.65 -25.25
N GLU B 217 -18.29 18.42 -25.44
CA GLU B 217 -17.41 17.35 -25.88
C GLU B 217 -17.44 17.34 -27.40
N ALA B 218 -18.55 17.82 -27.95
CA ALA B 218 -18.74 17.91 -29.39
C ALA B 218 -17.94 19.06 -29.99
N GLY B 219 -18.04 20.24 -29.37
CA GLY B 219 -17.26 21.39 -29.80
C GLY B 219 -16.26 21.82 -28.75
N ASP B 220 -14.98 21.60 -29.04
CA ASP B 220 -13.89 21.87 -28.10
C ASP B 220 -12.99 23.01 -28.58
N SER B 221 -12.81 24.02 -27.74
CA SER B 221 -11.99 25.18 -28.07
C SER B 221 -11.26 25.65 -26.80
N ASP B 222 -10.65 26.82 -26.86
CA ASP B 222 -10.04 27.42 -25.68
C ASP B 222 -11.12 27.90 -24.73
N GLU B 223 -12.27 28.26 -25.29
CA GLU B 223 -13.41 28.78 -24.54
C GLU B 223 -13.88 27.80 -23.44
N GLN B 224 -14.25 28.36 -22.29
CA GLN B 224 -14.70 27.57 -21.15
C GLN B 224 -15.93 26.74 -21.47
N PRO B 225 -15.96 25.50 -20.98
CA PRO B 225 -17.06 24.57 -21.25
C PRO B 225 -18.39 24.99 -20.64
N ILE B 226 -19.46 24.44 -21.20
CA ILE B 226 -20.83 24.84 -20.89
C ILE B 226 -21.27 24.41 -19.48
N PHE B 227 -20.63 23.38 -18.94
CA PHE B 227 -21.05 22.84 -17.64
C PHE B 227 -20.39 23.57 -16.47
N LEU B 228 -19.53 24.55 -16.76
CA LEU B 228 -18.88 25.31 -15.71
C LEU B 228 -19.61 26.63 -15.44
N THR B 229 -20.76 26.79 -16.06
CA THR B 229 -21.65 27.90 -15.76
C THR B 229 -22.06 27.81 -14.29
N PRO B 230 -22.02 28.94 -13.56
CA PRO B 230 -22.34 28.99 -12.13
C PRO B 230 -23.58 28.20 -11.72
N CYS B 231 -24.65 28.28 -12.49
CA CYS B 231 -25.87 27.56 -12.19
C CYS B 231 -25.66 26.05 -12.27
N MET B 232 -24.88 25.63 -13.26
CA MET B 232 -24.62 24.20 -13.44
C MET B 232 -23.72 23.67 -12.34
N ARG B 233 -22.70 24.43 -11.98
CA ARG B 233 -21.77 24.02 -10.92
C ARG B 233 -22.50 23.87 -9.59
N ASP B 234 -23.47 24.74 -9.34
CA ASP B 234 -24.26 24.66 -8.12
C ASP B 234 -25.24 23.50 -8.17
N LEU B 235 -25.79 23.23 -9.35
CA LEU B 235 -26.69 22.11 -9.55
C LEU B 235 -25.95 20.78 -9.36
N ILE B 236 -24.72 20.74 -9.85
CA ILE B 236 -23.86 19.55 -9.72
C ILE B 236 -23.50 19.31 -8.26
N LYS B 237 -23.48 20.37 -7.46
CA LYS B 237 -23.17 20.26 -6.03
C LYS B 237 -24.41 20.00 -5.19
N LEU B 238 -25.50 20.71 -5.50
CA LEU B 238 -26.75 20.55 -4.76
C LEU B 238 -27.26 19.11 -4.90
N ALA B 239 -27.65 18.75 -6.11
CA ALA B 239 -27.87 17.34 -6.43
C ALA B 239 -26.50 16.67 -6.51
N GLY B 240 -26.46 15.36 -6.34
CA GLY B 240 -25.19 14.65 -6.36
C GLY B 240 -24.84 14.09 -7.73
N VAL B 241 -24.45 14.96 -8.64
CA VAL B 241 -24.20 14.56 -10.02
C VAL B 241 -22.79 14.02 -10.23
N THR B 242 -22.70 12.82 -10.79
CA THR B 242 -21.42 12.22 -11.16
C THR B 242 -21.00 12.72 -12.54
N LEU B 243 -19.82 13.33 -12.61
CA LEU B 243 -19.35 13.94 -13.85
C LEU B 243 -18.49 12.99 -14.69
N GLY B 244 -18.37 13.30 -15.97
CA GLY B 244 -17.44 12.61 -16.86
C GLY B 244 -17.80 11.20 -17.26
N GLN B 245 -18.83 11.05 -18.09
CA GLN B 245 -19.20 9.74 -18.64
C GLN B 245 -20.16 9.84 -19.82
N ARG B 246 -19.83 9.10 -20.89
CA ARG B 246 -20.69 8.91 -22.06
C ARG B 246 -20.99 10.20 -22.86
N ARG B 247 -21.55 10.02 -24.06
CA ARG B 247 -21.96 11.11 -24.97
C ARG B 247 -22.32 10.60 -26.37
N ALA B 248 -23.39 9.83 -26.50
CA ALA B 248 -23.68 9.18 -27.79
C ALA B 248 -25.13 9.30 -28.29
N GLN B 249 -25.88 10.28 -27.77
CA GLN B 249 -27.33 10.33 -28.02
C GLN B 249 -27.76 10.75 -29.44
N ALA B 250 -27.13 11.79 -29.98
CA ALA B 250 -27.66 12.50 -31.16
C ALA B 250 -27.66 11.72 -32.48
N ARG B 251 -26.64 10.89 -32.68
CA ARG B 251 -26.32 10.24 -33.97
C ARG B 251 -26.07 11.19 -35.13
N ARG B 252 -24.81 11.23 -35.50
CA ARG B 252 -24.35 12.00 -36.65
C ARG B 252 -24.73 13.45 -36.46
N GLN B 253 -24.63 13.91 -35.22
CA GLN B 253 -24.87 15.31 -34.90
C GLN B 253 -24.00 15.78 -33.74
N PRO B 266 -20.86 41.82 -23.92
CA PRO B 266 -20.74 41.43 -25.34
C PRO B 266 -20.08 42.53 -26.18
N THR B 267 -20.55 43.76 -26.05
CA THR B 267 -20.02 44.88 -26.81
C THR B 267 -18.58 45.19 -26.40
N LYS B 268 -17.73 45.50 -27.37
CA LYS B 268 -16.36 45.89 -27.07
C LYS B 268 -16.32 47.36 -26.65
N ALA B 269 -15.29 47.72 -25.89
CA ALA B 269 -15.25 49.01 -25.21
C ALA B 269 -14.99 50.20 -26.14
N THR B 270 -15.75 51.27 -25.91
CA THR B 270 -15.46 52.56 -26.52
C THR B 270 -14.42 53.29 -25.68
N THR B 271 -13.25 53.54 -26.29
CA THR B 271 -12.12 54.05 -25.53
C THR B 271 -11.52 55.33 -26.08
N THR B 272 -10.94 56.13 -25.19
CA THR B 272 -10.09 57.23 -25.60
C THR B 272 -8.72 56.68 -25.92
N LYS B 273 -7.92 57.44 -26.67
CA LYS B 273 -6.59 56.98 -27.04
C LYS B 273 -5.71 56.74 -25.81
N LEU B 274 -5.88 57.56 -24.79
CA LEU B 274 -5.11 57.43 -23.56
C LEU B 274 -5.41 56.12 -22.83
N VAL B 275 -6.70 55.83 -22.64
CA VAL B 275 -7.12 54.64 -21.92
C VAL B 275 -6.75 53.37 -22.69
N TYR B 276 -7.06 53.35 -23.98
CA TYR B 276 -6.75 52.21 -24.84
C TYR B 276 -5.26 51.90 -24.81
N GLN B 277 -4.44 52.95 -24.94
CA GLN B 277 -2.99 52.81 -24.96
C GLN B 277 -2.44 52.13 -23.71
N ILE B 278 -3.08 52.39 -22.57
CA ILE B 278 -2.65 51.82 -21.30
C ILE B 278 -2.86 50.30 -21.26
N PHE B 279 -4.06 49.87 -21.62
CA PHE B 279 -4.40 48.45 -21.57
C PHE B 279 -3.84 47.69 -22.77
N ASP B 280 -3.51 48.42 -23.84
CA ASP B 280 -2.92 47.80 -25.02
C ASP B 280 -1.43 47.56 -24.80
N THR B 281 -0.75 48.54 -24.22
CA THR B 281 0.66 48.40 -23.89
C THR B 281 0.87 47.33 -22.83
N PHE B 282 -0.06 47.24 -21.89
CA PHE B 282 0.03 46.21 -20.86
C PHE B 282 -0.15 44.82 -21.46
N PHE B 283 -0.94 44.72 -22.53
CA PHE B 283 -1.10 43.44 -23.20
C PHE B 283 0.22 43.06 -23.88
N ALA B 284 0.72 43.95 -24.72
CA ALA B 284 1.93 43.70 -25.49
C ALA B 284 3.13 43.32 -24.62
N GLU B 285 3.15 43.82 -23.39
CA GLU B 285 4.26 43.58 -22.48
C GLU B 285 3.98 42.43 -21.51
N GLN B 286 2.87 41.72 -21.73
CA GLN B 286 2.49 40.58 -20.89
C GLN B 286 1.64 39.54 -21.64
N ILE B 287 2.28 38.66 -22.42
CA ILE B 287 1.57 37.61 -23.15
C ILE B 287 2.30 36.26 -23.06
N GLU B 288 2.09 35.54 -21.97
CA GLU B 288 2.56 34.17 -21.76
C GLU B 288 2.27 33.69 -20.34
N LYS B 289 2.11 32.38 -20.18
CA LYS B 289 1.88 31.77 -18.88
C LYS B 289 3.09 31.94 -17.96
N LYS B 300 0.18 20.50 -8.85
CA LYS B 300 -0.95 20.82 -7.98
C LYS B 300 -2.31 20.69 -8.69
N ARG B 301 -3.23 19.98 -8.02
CA ARG B 301 -4.58 19.83 -8.51
C ARG B 301 -4.66 19.16 -9.89
N ARG B 302 -4.74 17.83 -9.90
CA ARG B 302 -4.64 17.02 -11.12
C ARG B 302 -5.93 16.28 -11.46
N ARG B 303 -5.91 15.53 -12.55
CA ARG B 303 -7.07 14.76 -13.00
C ARG B 303 -7.44 13.70 -11.96
N CYS B 304 -8.74 13.45 -11.80
CA CYS B 304 -9.22 12.54 -10.77
C CYS B 304 -8.77 11.11 -11.05
N GLY B 305 -8.69 10.74 -12.32
CA GLY B 305 -8.20 9.44 -12.73
C GLY B 305 -9.18 8.31 -12.51
N VAL B 306 -10.40 8.64 -12.10
CA VAL B 306 -11.40 7.64 -11.78
C VAL B 306 -12.62 7.72 -12.71
N CYS B 307 -12.94 8.93 -13.15
CA CYS B 307 -14.09 9.12 -14.04
C CYS B 307 -13.80 8.49 -15.40
N GLU B 308 -14.86 8.19 -16.14
CA GLU B 308 -14.72 7.52 -17.42
C GLU B 308 -13.93 8.35 -18.43
N VAL B 309 -14.00 9.67 -18.29
CA VAL B 309 -13.22 10.57 -19.15
C VAL B 309 -11.73 10.37 -18.93
N CYS B 310 -11.35 10.21 -17.66
CA CYS B 310 -9.95 9.98 -17.31
C CYS B 310 -9.48 8.58 -17.71
N GLN B 311 -10.43 7.66 -17.86
CA GLN B 311 -10.10 6.29 -18.20
C GLN B 311 -10.11 6.03 -19.71
N GLN B 312 -10.43 7.05 -20.49
CA GLN B 312 -10.42 6.91 -21.95
C GLN B 312 -9.04 7.25 -22.52
N PRO B 313 -8.64 6.51 -23.57
CA PRO B 313 -7.34 6.71 -24.22
C PRO B 313 -7.32 7.99 -25.04
N GLU B 314 -6.11 8.49 -25.31
CA GLU B 314 -5.92 9.68 -26.13
C GLU B 314 -6.39 9.39 -27.56
N CYS B 315 -7.31 10.21 -28.05
CA CYS B 315 -7.98 9.96 -29.33
C CYS B 315 -7.00 9.96 -30.50
N GLY B 316 -6.42 11.11 -30.80
CA GLY B 316 -5.48 11.22 -31.90
C GLY B 316 -6.00 12.06 -33.04
N LYS B 317 -7.16 12.68 -32.84
CA LYS B 317 -7.80 13.45 -33.90
C LYS B 317 -7.79 14.95 -33.62
N CYS B 318 -7.69 15.32 -32.34
CA CYS B 318 -7.74 16.73 -31.95
C CYS B 318 -6.39 17.42 -32.17
N LYS B 319 -6.39 18.74 -32.05
CA LYS B 319 -5.18 19.53 -32.24
C LYS B 319 -4.11 19.20 -31.20
N ALA B 320 -4.56 18.89 -29.99
CA ALA B 320 -3.65 18.54 -28.91
C ALA B 320 -2.92 17.23 -29.23
N CYS B 321 -3.69 16.20 -29.60
CA CYS B 321 -3.11 14.90 -29.91
C CYS B 321 -2.29 14.92 -31.20
N LYS B 322 -2.68 15.77 -32.14
CA LYS B 322 -1.92 15.93 -33.37
C LYS B 322 -0.61 16.66 -33.11
N ASP B 323 -0.55 17.35 -31.98
CA ASP B 323 0.63 18.12 -31.62
C ASP B 323 1.56 17.33 -30.70
N MET B 324 1.25 16.05 -30.48
CA MET B 324 2.07 15.22 -29.63
C MET B 324 3.17 14.52 -30.42
N VAL B 325 4.34 14.37 -29.80
CA VAL B 325 5.49 13.73 -30.45
C VAL B 325 5.16 12.34 -30.95
N LYS B 326 4.41 11.59 -30.15
CA LYS B 326 3.95 10.26 -30.55
C LYS B 326 2.80 10.39 -31.54
N PHE B 327 3.14 10.50 -32.82
CA PHE B 327 2.17 10.65 -33.90
C PHE B 327 1.27 11.88 -33.69
N GLY B 328 1.79 13.07 -34.02
CA GLY B 328 3.12 13.23 -34.56
C GLY B 328 3.57 14.68 -34.58
N GLY B 329 3.32 15.39 -33.47
CA GLY B 329 3.57 16.82 -33.37
C GLY B 329 4.95 17.20 -32.89
N SER B 330 5.07 18.34 -32.25
CA SER B 330 6.42 18.88 -31.99
C SER B 330 7.17 18.32 -30.76
N GLY B 331 6.61 18.23 -29.55
CA GLY B 331 5.29 18.70 -29.17
C GLY B 331 5.45 19.82 -28.16
N ARG B 332 5.29 21.05 -28.63
CA ARG B 332 5.58 22.23 -27.84
C ARG B 332 4.48 22.57 -26.83
N SER B 333 3.23 22.47 -27.28
CA SER B 333 2.09 22.85 -26.44
C SER B 333 2.03 22.06 -25.14
N LYS B 334 2.29 20.76 -25.25
CA LYS B 334 2.25 19.85 -24.10
C LYS B 334 0.90 19.87 -23.41
N GLN B 335 -0.15 20.18 -24.16
CA GLN B 335 -1.51 20.18 -23.63
C GLN B 335 -2.13 18.79 -23.76
N ALA B 336 -2.88 18.39 -22.73
CA ALA B 336 -3.47 17.06 -22.69
C ALA B 336 -4.49 16.86 -23.81
N CYS B 337 -4.84 15.60 -24.06
CA CYS B 337 -5.81 15.24 -25.09
C CYS B 337 -7.12 15.99 -24.92
N GLN B 338 -7.68 16.46 -26.04
CA GLN B 338 -8.91 17.23 -26.01
C GLN B 338 -10.09 16.39 -25.54
N GLU B 339 -9.97 15.08 -25.67
CA GLU B 339 -11.02 14.16 -25.27
C GLU B 339 -10.71 13.53 -23.91
N ARG B 340 -9.87 14.18 -23.13
CA ARG B 340 -9.47 13.64 -21.83
C ARG B 340 -9.42 14.69 -20.72
N ARG B 341 -9.99 15.87 -20.97
CA ARG B 341 -10.01 16.91 -19.96
C ARG B 341 -10.97 16.55 -18.82
N CYS B 342 -10.40 16.26 -17.65
CA CYS B 342 -11.19 15.82 -16.50
C CYS B 342 -12.12 16.91 -15.98
N PRO B 343 -13.43 16.61 -15.94
CA PRO B 343 -14.45 17.55 -15.47
C PRO B 343 -14.41 17.76 -13.95
N ASN B 344 -14.03 16.72 -13.21
CA ASN B 344 -13.86 16.82 -11.76
C ASN B 344 -12.74 17.79 -11.42
N MET B 345 -11.74 17.80 -12.29
CA MET B 345 -10.59 18.70 -12.19
C MET B 345 -11.00 20.14 -12.50
N ALA B 346 -11.93 20.29 -13.44
CA ALA B 346 -12.43 21.60 -13.83
C ALA B 346 -13.19 22.28 -12.69
N MET B 347 -14.05 21.52 -12.02
CA MET B 347 -14.87 22.05 -10.92
C MET B 347 -14.02 22.64 -9.80
N LYS B 348 -12.99 21.89 -9.41
CA LYS B 348 -12.07 22.26 -8.35
C LYS B 348 -11.18 23.44 -8.73
N GLU B 349 -10.86 23.55 -10.02
CA GLU B 349 -10.10 24.71 -10.51
C GLU B 349 -11.00 25.92 -10.61
N ALA B 350 -12.27 25.68 -10.89
CA ALA B 350 -13.28 26.73 -10.90
C ALA B 350 -13.52 27.21 -9.48
N ASP B 351 -13.47 26.29 -8.52
CA ASP B 351 -13.64 26.63 -7.12
C ASP B 351 -12.46 27.47 -6.62
N ASP B 352 -11.26 27.12 -7.05
CA ASP B 352 -10.05 27.87 -6.70
C ASP B 352 -10.13 29.29 -7.21
N ASP B 353 -10.62 29.45 -8.44
CA ASP B 353 -10.70 30.75 -9.09
C ASP B 353 -11.63 31.70 -8.35
N GLU B 354 -12.52 31.15 -7.53
CA GLU B 354 -13.44 31.96 -6.75
C GLU B 354 -12.93 32.22 -5.34
N GLU B 355 -11.83 31.56 -4.98
CA GLU B 355 -11.24 31.71 -3.66
C GLU B 355 -10.20 32.83 -3.64
N VAL B 356 -10.21 33.64 -2.59
CA VAL B 356 -9.14 34.59 -2.36
C VAL B 356 -7.98 33.86 -1.69
N ASP B 357 -6.84 33.81 -2.37
CA ASP B 357 -5.70 33.04 -1.90
C ASP B 357 -4.49 33.93 -1.57
N ASP B 358 -4.35 34.31 -0.30
CA ASP B 358 -5.29 33.95 0.74
C ASP B 358 -5.50 35.11 1.71
N ASN B 359 -6.28 34.86 2.77
CA ASN B 359 -6.52 35.87 3.79
C ASN B 359 -5.55 35.74 4.96
N ILE B 360 -4.34 36.25 4.80
CA ILE B 360 -3.37 36.23 5.89
C ILE B 360 -3.40 37.59 6.59
N PRO B 361 -3.73 37.61 7.89
CA PRO B 361 -3.87 38.85 8.65
C PRO B 361 -2.51 39.42 9.10
N GLU B 362 -1.53 38.55 9.31
CA GLU B 362 -0.21 38.98 9.74
C GLU B 362 0.90 38.17 9.05
N MET B 363 1.47 38.63 7.93
CA MET B 363 1.23 39.91 7.22
C MET B 363 1.37 41.18 8.06
N PRO B 364 2.60 41.67 8.19
CA PRO B 364 2.86 42.88 8.97
C PRO B 364 2.40 44.13 8.23
N SER B 365 2.36 45.26 8.91
CA SER B 365 2.07 46.55 8.29
C SER B 365 3.35 47.05 7.64
N PRO B 366 3.26 47.55 6.38
CA PRO B 366 4.41 47.97 5.56
C PRO B 366 5.49 48.77 6.31
N LYS B 367 6.70 48.24 6.31
CA LYS B 367 7.83 48.91 6.96
C LYS B 367 8.21 50.18 6.20
N LYS B 368 8.92 51.07 6.88
CA LYS B 368 9.49 52.23 6.20
C LYS B 368 10.52 51.77 5.18
N MET B 369 10.36 52.23 3.95
CA MET B 369 11.37 51.99 2.92
C MET B 369 12.63 52.78 3.27
N HIS B 370 13.69 52.60 2.49
CA HIS B 370 14.91 53.39 2.63
C HIS B 370 15.54 53.42 4.03
N GLN B 371 15.23 52.43 4.87
CA GLN B 371 15.61 52.50 6.28
C GLN B 371 16.91 51.75 6.56
N GLY B 372 17.25 50.83 5.67
CA GLY B 372 18.52 50.11 5.80
C GLY B 372 19.70 51.05 5.69
N LYS B 373 20.89 50.55 5.97
CA LYS B 373 22.08 51.39 5.90
C LYS B 373 22.59 51.50 4.47
N LYS B 374 23.39 52.52 4.21
CA LYS B 374 23.77 52.86 2.84
C LYS B 374 25.28 52.89 2.63
N LYS B 375 25.70 52.78 1.38
CA LYS B 375 27.12 52.68 1.04
C LYS B 375 27.81 54.04 0.99
N LYS B 376 28.83 54.20 1.81
CA LYS B 376 29.68 55.39 1.76
C LYS B 376 30.43 55.39 0.43
N GLN B 377 30.39 56.52 -0.27
CA GLN B 377 30.96 56.59 -1.61
C GLN B 377 32.39 57.14 -1.60
N ASN B 378 33.16 56.78 -2.62
CA ASN B 378 34.55 57.23 -2.75
C ASN B 378 34.68 58.41 -3.70
N LYS B 379 34.11 59.55 -3.32
CA LYS B 379 34.28 60.77 -4.10
C LYS B 379 35.62 61.39 -3.72
N ASN B 380 36.19 62.16 -4.64
CA ASN B 380 37.49 62.77 -4.39
C ASN B 380 37.40 63.96 -3.43
N ARG B 381 36.67 64.99 -3.84
CA ARG B 381 36.62 66.22 -3.05
C ARG B 381 35.20 66.76 -2.90
N ILE B 382 34.83 67.06 -1.65
CA ILE B 382 33.55 67.69 -1.35
C ILE B 382 33.79 69.06 -0.70
N SER B 383 33.42 70.12 -1.41
CA SER B 383 33.67 71.47 -0.92
C SER B 383 32.46 72.38 -1.09
N TRP B 384 32.26 73.28 -0.14
CA TRP B 384 31.13 74.21 -0.17
C TRP B 384 31.34 75.28 -1.23
N VAL B 385 30.24 75.94 -1.61
CA VAL B 385 30.30 77.04 -2.57
C VAL B 385 29.65 78.27 -1.96
N GLY B 386 30.25 79.43 -2.20
CA GLY B 386 29.76 80.67 -1.62
C GLY B 386 30.03 80.70 -0.13
N GLU B 387 29.17 81.40 0.60
CA GLU B 387 29.35 81.54 2.05
C GLU B 387 28.18 80.93 2.80
N ALA B 388 28.34 80.81 4.12
CA ALA B 388 27.26 80.33 4.97
C ALA B 388 26.09 81.29 4.89
N VAL B 389 24.91 80.77 4.52
CA VAL B 389 23.73 81.59 4.34
C VAL B 389 23.02 81.80 5.67
N LYS B 390 23.07 80.79 6.53
CA LYS B 390 22.44 80.88 7.84
C LYS B 390 23.21 80.10 8.88
N THR B 391 23.97 80.81 9.72
CA THR B 391 24.56 80.19 10.90
C THR B 391 23.52 80.20 12.00
N ASP B 392 23.05 79.01 12.35
CA ASP B 392 22.02 78.89 13.38
C ASP B 392 22.57 79.15 14.78
N GLY B 393 23.90 79.33 14.84
CA GLY B 393 24.66 79.50 16.08
C GLY B 393 24.66 78.22 16.91
N LYS B 394 24.10 77.15 16.37
CA LYS B 394 24.31 75.82 16.90
C LYS B 394 25.51 75.23 16.16
N LYS B 395 25.59 73.92 16.10
CA LYS B 395 26.64 73.27 15.33
C LYS B 395 26.53 73.64 13.84
N SER B 396 25.30 73.85 13.39
CA SER B 396 25.01 74.00 11.97
C SER B 396 25.43 75.33 11.35
N TYR B 397 26.00 75.25 10.15
CA TYR B 397 26.13 76.40 9.27
C TYR B 397 25.59 76.01 7.91
N TYR B 398 24.51 76.66 7.48
CA TYR B 398 23.81 76.27 6.25
C TYR B 398 24.43 76.88 4.99
N LYS B 399 24.53 76.07 3.96
CA LYS B 399 25.05 76.51 2.66
C LYS B 399 23.99 76.33 1.58
N LYS B 400 24.25 76.87 0.40
CA LYS B 400 23.33 76.73 -0.73
C LYS B 400 23.87 75.77 -1.78
N VAL B 401 25.16 75.85 -2.06
CA VAL B 401 25.77 75.07 -3.13
C VAL B 401 27.03 74.34 -2.65
N CYS B 402 27.29 73.16 -3.20
CA CYS B 402 28.52 72.42 -2.88
C CYS B 402 29.01 71.61 -4.08
N ILE B 403 30.33 71.41 -4.16
CA ILE B 403 30.93 70.68 -5.27
C ILE B 403 31.29 69.24 -4.91
N ASP B 404 30.76 68.28 -5.66
CA ASP B 404 31.16 66.88 -5.57
C ASP B 404 31.72 66.44 -6.92
N ALA B 405 32.64 67.25 -7.46
CA ALA B 405 33.07 67.19 -8.86
C ALA B 405 31.90 67.54 -9.79
N GLU B 406 30.81 68.00 -9.18
CA GLU B 406 29.65 68.53 -9.87
C GLU B 406 28.82 69.30 -8.84
N THR B 407 27.98 70.21 -9.31
CA THR B 407 27.32 71.17 -8.42
C THR B 407 25.92 70.74 -7.96
N LEU B 408 25.69 70.85 -6.66
CA LEU B 408 24.36 70.62 -6.08
C LEU B 408 23.82 71.87 -5.41
N GLU B 409 22.54 72.15 -5.64
CA GLU B 409 21.85 73.20 -4.91
C GLU B 409 20.73 72.59 -4.09
N VAL B 410 20.18 73.36 -3.16
CA VAL B 410 18.98 72.94 -2.46
C VAL B 410 17.84 72.86 -3.47
N GLY B 411 17.16 71.72 -3.50
CA GLY B 411 16.08 71.51 -4.46
C GLY B 411 16.48 70.53 -5.54
N ASP B 412 17.79 70.35 -5.72
CA ASP B 412 18.30 69.36 -6.66
C ASP B 412 18.00 67.95 -6.15
N CYS B 413 18.04 66.98 -7.06
CA CYS B 413 17.79 65.59 -6.69
C CYS B 413 19.06 64.77 -6.77
N VAL B 414 19.11 63.69 -5.99
CA VAL B 414 20.36 62.95 -5.79
C VAL B 414 20.09 61.46 -5.63
N SER B 415 21.05 60.63 -6.06
CA SER B 415 20.93 59.19 -5.90
C SER B 415 21.80 58.68 -4.74
N VAL B 416 21.28 57.70 -4.02
CA VAL B 416 22.00 57.09 -2.91
C VAL B 416 21.92 55.57 -3.01
N ILE B 417 23.08 54.92 -2.84
CA ILE B 417 23.13 53.46 -2.94
C ILE B 417 22.97 52.80 -1.57
N PRO B 418 21.94 51.95 -1.44
CA PRO B 418 21.77 51.17 -0.21
C PRO B 418 22.77 50.02 -0.16
N ASP B 419 23.24 49.65 1.03
CA ASP B 419 24.05 48.44 1.13
C ASP B 419 23.13 47.28 0.81
N ASP B 420 23.42 46.60 -0.28
CA ASP B 420 22.48 45.74 -0.99
C ASP B 420 21.67 44.76 -0.13
N SER B 421 20.36 44.95 -0.14
CA SER B 421 19.41 44.00 0.43
C SER B 421 18.44 43.61 -0.68
N SER B 422 18.98 43.49 -1.88
CA SER B 422 18.23 43.37 -3.14
C SER B 422 17.52 44.69 -3.45
N LYS B 423 17.92 45.75 -2.77
CA LYS B 423 17.30 47.06 -2.92
C LYS B 423 17.84 47.82 -4.13
N PRO B 424 16.99 48.63 -4.76
CA PRO B 424 17.37 49.43 -5.93
C PRO B 424 18.01 50.76 -5.55
N LEU B 425 18.27 51.60 -6.56
CA LEU B 425 18.78 52.94 -6.34
C LEU B 425 17.80 53.77 -5.53
N TYR B 426 18.30 54.48 -4.52
CA TYR B 426 17.47 55.41 -3.77
C TYR B 426 17.59 56.80 -4.36
N LEU B 427 16.45 57.48 -4.49
CA LEU B 427 16.43 58.84 -5.02
C LEU B 427 15.79 59.78 -4.02
N ALA B 428 16.35 60.98 -3.89
CA ALA B 428 15.84 61.95 -2.93
C ALA B 428 16.13 63.37 -3.37
N ARG B 429 15.26 64.29 -2.97
CA ARG B 429 15.48 65.70 -3.21
C ARG B 429 16.29 66.31 -2.09
N VAL B 430 17.34 67.05 -2.44
CA VAL B 430 18.17 67.71 -1.46
C VAL B 430 17.39 68.82 -0.79
N THR B 431 17.09 68.63 0.49
CA THR B 431 16.26 69.55 1.24
C THR B 431 17.07 70.69 1.85
N ALA B 432 18.26 70.37 2.33
CA ALA B 432 19.12 71.34 3.00
C ALA B 432 20.57 70.92 2.91
N LEU B 433 21.47 71.90 3.01
CA LEU B 433 22.90 71.63 3.03
C LEU B 433 23.55 72.39 4.18
N TRP B 434 24.27 71.67 5.04
CA TRP B 434 24.91 72.31 6.18
C TRP B 434 26.10 71.52 6.70
N GLU B 435 27.08 72.22 7.24
CA GLU B 435 28.19 71.58 7.93
C GLU B 435 27.95 71.60 9.43
N ASP B 436 27.97 70.43 10.04
CA ASP B 436 27.85 70.31 11.48
C ASP B 436 29.23 70.42 12.10
N SER B 437 29.32 70.95 13.32
CA SER B 437 30.60 71.10 13.99
C SER B 437 30.99 69.80 14.69
N SER B 438 30.05 68.87 14.74
CA SER B 438 30.29 67.56 15.34
C SER B 438 30.20 66.47 14.28
N ASN B 439 29.06 66.42 13.59
CA ASN B 439 28.92 65.58 12.41
C ASN B 439 29.69 66.21 11.26
N GLY B 440 29.79 65.50 10.14
CA GLY B 440 30.55 66.01 9.01
C GLY B 440 29.75 67.00 8.18
N GLN B 441 30.00 66.99 6.88
CA GLN B 441 29.20 67.77 5.94
C GLN B 441 27.90 67.05 5.68
N MET B 442 26.78 67.75 5.83
CA MET B 442 25.48 67.08 5.87
C MET B 442 24.48 67.62 4.84
N PHE B 443 23.53 66.76 4.49
CA PHE B 443 22.36 67.18 3.71
C PHE B 443 21.14 66.42 4.21
N HIS B 444 19.96 66.98 3.97
CA HIS B 444 18.72 66.31 4.34
C HIS B 444 18.07 65.72 3.10
N ALA B 445 17.77 64.43 3.14
CA ALA B 445 17.22 63.74 1.99
C ALA B 445 15.72 63.46 2.15
N HIS B 446 14.92 64.01 1.24
CA HIS B 446 13.50 63.71 1.18
C HIS B 446 13.26 62.65 0.11
N TRP B 447 12.94 61.44 0.53
CA TRP B 447 12.89 60.29 -0.36
C TRP B 447 11.73 60.29 -1.35
N PHE B 448 12.04 59.91 -2.59
CA PHE B 448 11.03 59.43 -3.52
C PHE B 448 10.89 57.93 -3.30
N CYS B 449 9.82 57.34 -3.83
CA CYS B 449 9.75 55.89 -3.90
C CYS B 449 9.38 55.49 -5.32
N ALA B 450 9.99 54.42 -5.81
CA ALA B 450 9.70 53.94 -7.16
C ALA B 450 8.24 53.53 -7.27
N GLY B 451 7.66 53.75 -8.45
CA GLY B 451 6.27 53.44 -8.69
C GLY B 451 5.95 51.97 -8.48
N THR B 452 6.93 51.11 -8.72
CA THR B 452 6.75 49.68 -8.59
C THR B 452 6.66 49.26 -7.12
N ASP B 453 7.15 50.11 -6.23
CA ASP B 453 7.09 49.82 -4.80
C ASP B 453 5.74 50.24 -4.21
N THR B 454 4.98 50.98 -4.99
CA THR B 454 3.62 51.34 -4.59
C THR B 454 2.68 50.17 -4.90
N VAL B 455 1.38 50.41 -4.73
CA VAL B 455 0.39 49.37 -5.00
C VAL B 455 0.31 49.10 -6.51
N LEU B 456 0.77 50.06 -7.31
CA LEU B 456 0.74 49.93 -8.76
C LEU B 456 1.55 48.72 -9.26
N GLY B 457 2.65 48.44 -8.58
CA GLY B 457 3.50 47.32 -8.94
C GLY B 457 4.17 47.49 -10.29
N ALA B 458 4.30 46.39 -11.03
CA ALA B 458 4.99 46.40 -12.31
C ALA B 458 4.19 47.08 -13.42
N THR B 459 2.96 47.49 -13.12
CA THR B 459 2.15 48.20 -14.09
C THR B 459 2.61 49.65 -14.21
N SER B 460 3.46 50.07 -13.27
CA SER B 460 3.92 51.44 -13.20
C SER B 460 4.99 51.76 -14.23
N ASP B 461 5.00 53.02 -14.67
CA ASP B 461 6.09 53.55 -15.47
C ASP B 461 7.38 53.42 -14.67
N PRO B 462 8.38 52.73 -15.23
CA PRO B 462 9.65 52.49 -14.53
C PRO B 462 10.37 53.78 -14.15
N LEU B 463 10.03 54.89 -14.78
CA LEU B 463 10.68 56.16 -14.50
C LEU B 463 9.83 57.09 -13.63
N GLU B 464 8.61 56.66 -13.30
CA GLU B 464 7.76 57.49 -12.46
C GLU B 464 8.06 57.28 -10.99
N LEU B 465 8.23 58.39 -10.26
CA LEU B 465 8.46 58.34 -8.83
C LEU B 465 7.28 58.95 -8.09
N PHE B 466 7.24 58.74 -6.78
CA PHE B 466 6.19 59.33 -5.96
C PHE B 466 6.79 59.92 -4.70
N LEU B 467 6.40 61.14 -4.37
CA LEU B 467 6.82 61.77 -3.13
C LEU B 467 6.24 61.01 -1.94
N VAL B 468 6.93 61.06 -0.81
CA VAL B 468 6.61 60.19 0.30
C VAL B 468 7.03 60.80 1.65
N ASP B 469 6.27 60.48 2.70
CA ASP B 469 6.57 60.97 4.05
C ASP B 469 7.76 60.27 4.68
N GLU B 470 8.87 60.22 3.96
CA GLU B 470 10.12 59.69 4.49
C GLU B 470 11.26 60.68 4.23
N CYS B 471 11.95 61.05 5.30
CA CYS B 471 13.09 61.95 5.19
C CYS B 471 14.11 61.60 6.25
N GLU B 472 15.35 62.08 6.08
CA GLU B 472 16.45 61.61 6.90
C GLU B 472 17.71 62.46 6.72
N ASP B 473 18.36 62.77 7.84
CA ASP B 473 19.65 63.45 7.80
C ASP B 473 20.72 62.49 7.33
N MET B 474 21.61 62.96 6.45
CA MET B 474 22.64 62.09 5.89
C MET B 474 23.91 62.88 5.57
N GLN B 475 25.03 62.16 5.53
CA GLN B 475 26.31 62.77 5.22
C GLN B 475 26.53 62.85 3.72
N LEU B 476 27.14 63.94 3.26
CA LEU B 476 27.37 64.19 1.83
C LEU B 476 28.19 63.07 1.17
N SER B 477 28.95 62.35 1.97
CA SER B 477 29.80 61.27 1.48
C SER B 477 28.98 60.09 0.94
N TYR B 478 27.69 60.07 1.27
CA TYR B 478 26.82 58.97 0.86
C TYR B 478 26.09 59.26 -0.45
N ILE B 479 26.40 60.41 -1.06
CA ILE B 479 25.79 60.76 -2.33
C ILE B 479 26.53 60.10 -3.49
N HIS B 480 25.81 59.37 -4.32
CA HIS B 480 26.41 58.68 -5.46
C HIS B 480 26.52 59.59 -6.68
N SER B 481 25.42 60.27 -7.01
CA SER B 481 25.40 61.15 -8.17
C SER B 481 24.25 62.15 -8.15
N LYS B 482 24.39 63.19 -8.97
CA LYS B 482 23.30 64.13 -9.20
C LYS B 482 22.30 63.48 -10.15
N VAL B 483 21.03 63.83 -10.00
CA VAL B 483 19.97 63.18 -10.79
C VAL B 483 18.88 64.17 -11.17
N LYS B 484 18.32 63.99 -12.36
CA LYS B 484 17.27 64.87 -12.85
C LYS B 484 15.88 64.28 -12.65
N VAL B 485 15.09 64.90 -11.79
CA VAL B 485 13.71 64.48 -11.57
C VAL B 485 12.75 65.60 -11.97
N ILE B 486 11.95 65.34 -12.99
CA ILE B 486 11.04 66.35 -13.54
C ILE B 486 9.66 66.29 -12.90
N TYR B 487 9.18 67.43 -12.40
CA TYR B 487 7.84 67.49 -11.85
C TYR B 487 6.81 67.68 -12.96
N LYS B 488 6.08 66.61 -13.26
CA LYS B 488 5.06 66.64 -14.31
C LYS B 488 3.73 67.16 -13.75
N ALA B 489 3.59 68.48 -13.73
CA ALA B 489 2.35 69.09 -13.24
C ALA B 489 1.25 69.02 -14.29
N PRO B 490 -0.02 68.93 -13.84
CA PRO B 490 -1.14 68.98 -14.77
C PRO B 490 -1.21 70.33 -15.48
N SER B 491 -1.42 70.32 -16.79
CA SER B 491 -1.54 71.57 -17.54
C SER B 491 -2.78 72.33 -17.10
N GLU B 492 -2.86 73.60 -17.48
CA GLU B 492 -3.93 74.47 -16.99
C GLU B 492 -5.25 74.31 -17.74
N ASN B 493 -5.26 73.49 -18.79
CA ASN B 493 -6.50 73.08 -19.40
C ASN B 493 -6.62 71.55 -19.37
N TRP B 494 -6.12 70.98 -18.28
CA TRP B 494 -6.17 69.55 -18.02
C TRP B 494 -7.59 68.98 -18.17
N ALA B 495 -8.58 69.79 -17.84
CA ALA B 495 -9.98 69.37 -17.89
C ALA B 495 -10.48 69.21 -19.33
N MET B 496 -9.71 69.71 -20.29
CA MET B 496 -10.12 69.67 -21.69
C MET B 496 -9.23 68.76 -22.53
N GLU B 497 -8.21 68.20 -21.90
CA GLU B 497 -7.26 67.34 -22.60
C GLU B 497 -7.78 65.92 -22.77
N GLY B 498 -8.99 65.67 -22.28
CA GLY B 498 -9.59 64.35 -22.38
C GLY B 498 -9.91 63.96 -23.82
N GLY B 499 -9.45 62.79 -24.22
CA GLY B 499 -9.69 62.28 -25.56
C GLY B 499 -8.59 62.65 -26.53
N MET B 500 -7.75 63.60 -26.14
CA MET B 500 -6.65 64.04 -26.99
C MET B 500 -5.63 62.94 -27.20
N ASP B 501 -5.04 62.92 -28.39
CA ASP B 501 -3.96 61.99 -28.71
C ASP B 501 -2.78 62.24 -27.80
N PRO B 502 -2.31 61.21 -27.09
CA PRO B 502 -1.17 61.39 -26.19
C PRO B 502 0.16 61.51 -26.96
N GLU B 503 0.08 61.63 -28.28
CA GLU B 503 1.23 61.93 -29.10
C GLU B 503 1.28 63.42 -29.40
N SER B 504 0.13 64.08 -29.24
CA SER B 504 0.02 65.51 -29.47
C SER B 504 0.41 66.30 -28.22
N LEU B 505 0.25 65.67 -27.06
CA LEU B 505 0.64 66.28 -25.80
C LEU B 505 2.00 65.77 -25.36
N LEU B 506 2.59 64.90 -26.17
CA LEU B 506 3.78 64.14 -25.78
C LEU B 506 5.02 64.98 -25.53
N GLU B 507 5.26 65.96 -26.40
CA GLU B 507 6.50 66.75 -26.39
C GLU B 507 6.83 67.33 -25.01
N GLY B 508 8.12 67.32 -24.62
CA GLY B 508 9.23 66.78 -25.41
C GLY B 508 10.34 66.28 -24.49
N ASP B 509 11.25 65.49 -25.05
CA ASP B 509 12.43 64.99 -24.32
C ASP B 509 12.07 64.25 -23.05
N ASP B 510 10.97 63.49 -23.10
CA ASP B 510 10.51 62.68 -21.97
C ASP B 510 9.51 61.64 -22.48
N GLY B 511 9.51 60.44 -21.90
CA GLY B 511 10.34 60.11 -20.74
C GLY B 511 11.74 59.65 -21.05
N LYS B 512 12.72 60.47 -20.66
CA LYS B 512 14.12 60.09 -20.74
C LYS B 512 14.66 59.87 -19.32
N THR B 513 14.17 60.69 -18.40
CA THR B 513 14.62 60.63 -17.01
C THR B 513 13.45 60.48 -16.05
N TYR B 514 13.76 60.43 -14.75
CA TYR B 514 12.76 60.27 -13.71
C TYR B 514 11.77 61.43 -13.69
N PHE B 515 10.53 61.14 -13.30
CA PHE B 515 9.53 62.18 -13.13
C PHE B 515 8.55 61.82 -12.03
N TYR B 516 7.83 62.82 -11.53
CA TYR B 516 6.80 62.58 -10.53
C TYR B 516 5.66 63.58 -10.68
N GLN B 517 4.51 63.24 -10.15
CA GLN B 517 3.33 64.11 -10.25
C GLN B 517 2.48 64.05 -8.98
N LEU B 518 2.63 62.96 -8.22
CA LEU B 518 1.75 62.71 -7.09
C LEU B 518 2.49 62.31 -5.81
N TRP B 519 1.85 62.58 -4.68
CA TRP B 519 2.31 62.11 -3.38
C TRP B 519 1.69 60.74 -3.10
N TYR B 520 2.38 59.90 -2.33
CA TYR B 520 1.89 58.55 -2.09
C TYR B 520 1.92 58.15 -0.61
N ASP B 521 0.80 57.62 -0.15
CA ASP B 521 0.68 57.07 1.21
C ASP B 521 0.59 55.55 1.10
N GLN B 522 1.61 54.84 1.58
CA GLN B 522 1.68 53.39 1.40
C GLN B 522 0.81 52.62 2.38
N ASP B 523 0.36 53.28 3.43
CA ASP B 523 -0.52 52.64 4.40
C ASP B 523 -1.95 52.57 3.88
N TYR B 524 -2.38 53.65 3.21
CA TYR B 524 -3.76 53.76 2.76
C TYR B 524 -3.90 53.66 1.25
N ALA B 525 -2.77 53.51 0.56
CA ALA B 525 -2.72 53.47 -0.89
C ALA B 525 -3.42 54.69 -1.50
N ARG B 526 -3.07 55.86 -0.99
CA ARG B 526 -3.65 57.11 -1.48
C ARG B 526 -2.65 57.88 -2.35
N PHE B 527 -3.02 58.11 -3.61
CA PHE B 527 -2.26 58.98 -4.48
C PHE B 527 -2.88 60.37 -4.45
N GLU B 528 -2.15 61.35 -3.95
CA GLU B 528 -2.68 62.70 -3.84
C GLU B 528 -1.74 63.74 -4.43
N SER B 529 -2.28 64.91 -4.75
CA SER B 529 -1.49 66.02 -5.24
C SER B 529 -0.47 66.44 -4.18
N PRO B 530 0.71 66.90 -4.63
CA PRO B 530 1.76 67.33 -3.69
C PRO B 530 1.30 68.50 -2.82
N PRO B 531 1.71 68.50 -1.55
CA PRO B 531 1.43 69.62 -0.64
C PRO B 531 1.92 70.94 -1.23
N LYS B 532 1.08 71.96 -1.15
CA LYS B 532 1.42 73.27 -1.68
C LYS B 532 1.96 74.18 -0.58
N THR B 533 2.44 73.56 0.49
CA THR B 533 3.04 74.29 1.61
C THR B 533 4.25 75.10 1.15
N GLN B 534 4.26 76.38 1.51
CA GLN B 534 5.35 77.26 1.12
C GLN B 534 6.23 77.62 2.31
N PRO B 535 7.56 77.64 2.10
CA PRO B 535 8.52 77.92 3.17
C PRO B 535 8.61 79.40 3.54
N THR B 536 8.94 79.67 4.80
CA THR B 536 9.23 81.02 5.25
C THR B 536 10.56 81.47 4.65
N GLU B 537 10.89 82.74 4.77
CA GLU B 537 12.22 83.21 4.37
C GLU B 537 13.25 82.62 5.33
N ASP B 538 12.81 82.39 6.57
CA ASP B 538 13.64 81.73 7.57
C ASP B 538 13.90 80.27 7.21
N ASN B 539 12.93 79.63 6.58
CA ASN B 539 13.03 78.22 6.24
C ASN B 539 13.42 77.97 4.78
N LYS B 540 13.44 79.04 4.00
CA LYS B 540 13.62 78.99 2.54
C LYS B 540 14.68 78.01 2.04
N PHE B 541 15.84 77.99 2.69
CA PHE B 541 16.97 77.20 2.20
C PHE B 541 17.22 75.96 3.05
N LYS B 542 16.23 75.52 3.81
CA LYS B 542 16.36 74.30 4.61
C LYS B 542 15.02 73.65 4.88
N PHE B 543 13.99 74.07 4.14
CA PHE B 543 12.63 73.59 4.38
C PHE B 543 12.37 72.20 3.83
N CYS B 544 11.92 71.31 4.72
CA CYS B 544 11.46 69.99 4.31
C CYS B 544 9.97 69.85 4.59
N VAL B 545 9.19 69.61 3.53
CA VAL B 545 7.75 69.47 3.68
C VAL B 545 7.40 68.18 4.42
N SER B 546 8.27 67.18 4.29
CA SER B 546 8.07 65.91 4.98
C SER B 546 8.21 66.09 6.49
N CYS B 547 9.27 66.79 6.90
CA CYS B 547 9.49 67.10 8.31
C CYS B 547 8.30 67.88 8.89
N ALA B 548 7.78 68.82 8.10
CA ALA B 548 6.66 69.64 8.53
C ALA B 548 5.40 68.80 8.75
N ARG B 549 5.14 67.88 7.82
CA ARG B 549 3.97 67.02 7.91
C ARG B 549 4.10 66.02 9.05
N LEU B 550 5.29 65.44 9.20
CA LEU B 550 5.55 64.50 10.28
C LEU B 550 5.53 65.19 11.64
N ALA B 551 5.83 66.49 11.64
CA ALA B 551 5.77 67.26 12.87
C ALA B 551 4.33 67.41 13.34
N GLU B 552 3.45 67.82 12.43
CA GLU B 552 2.04 68.00 12.75
C GLU B 552 1.39 66.67 13.16
N MET B 553 1.75 65.60 12.47
CA MET B 553 1.26 64.26 12.83
C MET B 553 1.61 63.93 14.27
N ARG B 554 2.87 64.11 14.62
CA ARG B 554 3.40 63.74 15.92
C ARG B 554 2.74 64.51 17.07
N GLN B 555 2.47 65.79 16.85
CA GLN B 555 1.88 66.63 17.89
C GLN B 555 0.36 66.52 17.94
N LYS B 556 -0.23 66.11 16.82
CA LYS B 556 -1.68 65.94 16.75
C LYS B 556 -2.11 64.66 17.48
N GLU B 557 -1.18 63.72 17.60
CA GLU B 557 -1.49 62.41 18.17
C GLU B 557 -1.09 62.31 19.64
N ILE B 558 -0.64 63.42 20.22
CA ILE B 558 -0.31 63.45 21.64
C ILE B 558 -1.46 64.02 22.46
N PRO B 559 -2.05 63.20 23.34
CA PRO B 559 -3.09 63.69 24.26
C PRO B 559 -2.52 64.79 25.14
N ARG B 560 -2.86 66.04 24.83
CA ARG B 560 -2.26 67.16 25.53
C ARG B 560 -3.31 68.04 26.22
N VAL B 561 -2.99 68.47 27.43
CA VAL B 561 -3.87 69.35 28.18
C VAL B 561 -3.72 70.78 27.67
N LEU B 562 -4.79 71.57 27.80
CA LEU B 562 -4.76 72.93 27.26
C LEU B 562 -4.90 73.97 28.38
N GLU B 563 -6.06 74.60 28.49
CA GLU B 563 -6.29 75.61 29.50
C GLU B 563 -6.41 75.00 30.89
N GLN B 564 -6.01 75.76 31.89
CA GLN B 564 -6.17 75.35 33.28
C GLN B 564 -7.37 76.07 33.88
N LEU B 565 -7.98 75.48 34.91
CA LEU B 565 -9.23 76.01 35.45
C LEU B 565 -9.13 76.36 36.92
N GLU B 566 -8.65 75.42 37.73
CA GLU B 566 -8.61 75.60 39.17
C GLU B 566 -7.57 74.68 39.81
N ASP B 567 -6.90 75.18 40.84
CA ASP B 567 -5.87 74.42 41.54
C ASP B 567 -6.41 73.82 42.84
N LEU B 568 -6.39 72.50 42.93
CA LEU B 568 -6.71 71.81 44.17
C LEU B 568 -5.45 71.11 44.68
N ASP B 569 -5.45 70.67 45.93
CA ASP B 569 -4.23 70.18 46.55
C ASP B 569 -3.93 68.70 46.27
N SER B 570 -4.71 68.09 45.39
CA SER B 570 -4.43 66.73 44.96
C SER B 570 -4.56 66.62 43.44
N ARG B 571 -5.38 67.51 42.88
CA ARG B 571 -5.62 67.55 41.45
C ARG B 571 -5.52 68.97 40.92
N VAL B 572 -5.28 69.11 39.61
CA VAL B 572 -5.37 70.40 38.95
C VAL B 572 -6.46 70.33 37.89
N LEU B 573 -7.52 71.10 38.08
CA LEU B 573 -8.63 71.10 37.14
C LEU B 573 -8.27 71.86 35.87
N TYR B 574 -8.81 71.41 34.75
CA TYR B 574 -8.55 72.04 33.47
C TYR B 574 -9.84 72.34 32.73
N TYR B 575 -9.82 73.37 31.90
CA TYR B 575 -11.00 73.76 31.13
C TYR B 575 -11.08 73.00 29.81
N SER B 576 -9.93 72.81 29.17
CA SER B 576 -9.90 72.18 27.85
C SER B 576 -8.69 71.28 27.64
N ALA B 577 -8.75 70.44 26.61
CA ALA B 577 -7.67 69.54 26.25
C ALA B 577 -7.82 69.11 24.79
N THR B 578 -6.72 68.65 24.19
CA THR B 578 -6.77 68.25 22.79
C THR B 578 -6.18 66.86 22.55
N LYS B 579 -6.77 66.17 21.58
CA LYS B 579 -6.31 64.85 21.17
C LYS B 579 -6.84 64.57 19.77
N ASN B 580 -5.97 64.08 18.89
CA ASN B 580 -6.32 63.77 17.52
C ASN B 580 -6.96 64.93 16.77
N GLY B 581 -6.48 66.15 17.04
CA GLY B 581 -6.97 67.33 16.36
C GLY B 581 -8.35 67.77 16.81
N ILE B 582 -8.82 67.22 17.92
CA ILE B 582 -10.14 67.56 18.44
C ILE B 582 -10.05 68.24 19.80
N LEU B 583 -10.76 69.34 19.96
CA LEU B 583 -10.73 70.11 21.20
C LEU B 583 -11.86 69.72 22.14
N TYR B 584 -11.51 69.27 23.34
CA TYR B 584 -12.48 68.87 24.34
C TYR B 584 -12.58 69.89 25.48
N ARG B 585 -13.75 70.48 25.65
CA ARG B 585 -14.00 71.39 26.76
C ARG B 585 -14.85 70.71 27.82
N VAL B 586 -14.89 71.31 29.02
CA VAL B 586 -15.77 70.81 30.08
C VAL B 586 -17.23 71.00 29.66
N GLY B 587 -18.01 69.93 29.76
CA GLY B 587 -19.41 69.98 29.39
C GLY B 587 -19.67 69.38 28.02
N ASP B 588 -18.61 68.97 27.34
CA ASP B 588 -18.73 68.35 26.02
C ASP B 588 -19.20 66.91 26.13
N GLY B 589 -19.83 66.41 25.07
CA GLY B 589 -20.18 65.02 24.97
C GLY B 589 -18.96 64.23 24.53
N VAL B 590 -18.84 63.00 25.03
CA VAL B 590 -17.63 62.22 24.76
C VAL B 590 -17.94 60.76 24.46
N TYR B 591 -17.23 60.20 23.48
CA TYR B 591 -17.32 58.78 23.17
C TYR B 591 -16.31 58.00 24.01
N LEU B 592 -16.78 56.92 24.61
CA LEU B 592 -15.91 56.03 25.36
C LEU B 592 -16.19 54.59 24.98
N PRO B 593 -15.16 53.73 25.02
CA PRO B 593 -15.35 52.30 24.75
C PRO B 593 -16.27 51.69 25.80
N PRO B 594 -17.02 50.63 25.43
CA PRO B 594 -17.93 49.95 26.36
C PRO B 594 -17.25 49.48 27.64
N GLU B 595 -15.93 49.36 27.59
CA GLU B 595 -15.16 48.89 28.74
C GLU B 595 -14.68 50.04 29.62
N ALA B 596 -15.10 51.26 29.31
CA ALA B 596 -14.67 52.43 30.08
C ALA B 596 -15.34 52.47 31.45
N PHE B 597 -16.65 52.33 31.47
CA PHE B 597 -17.39 52.26 32.74
C PHE B 597 -18.61 51.35 32.62
N THR B 598 -19.03 50.81 33.76
CA THR B 598 -20.24 49.99 33.81
C THR B 598 -21.39 50.80 34.41
N PHE B 599 -22.61 50.32 34.21
CA PHE B 599 -23.78 50.97 34.79
C PHE B 599 -24.13 50.30 36.13
N ASN B 600 -25.02 50.92 36.88
CA ASN B 600 -25.45 50.38 38.16
C ASN B 600 -26.62 49.43 38.03
N ILE B 601 -26.52 48.51 37.07
CA ILE B 601 -27.60 47.59 36.74
C ILE B 601 -27.02 46.22 36.37
N LYS B 602 -27.76 45.15 36.70
CA LYS B 602 -27.41 43.79 36.28
C LYS B 602 -27.10 43.71 34.79
N ARG B 611 -31.04 20.87 26.99
CA ARG B 611 -31.87 20.92 28.18
C ARG B 611 -33.28 20.42 27.89
N LYS B 612 -33.71 20.59 26.65
CA LYS B 612 -35.04 20.20 26.21
C LYS B 612 -35.19 18.68 26.18
N GLU B 613 -36.42 18.22 25.95
CA GLU B 613 -36.69 16.79 25.77
C GLU B 613 -35.91 16.25 24.56
N PRO B 614 -35.75 14.92 24.49
CA PRO B 614 -35.14 14.37 23.28
C PRO B 614 -36.01 14.61 22.05
N VAL B 615 -35.49 14.26 20.87
CA VAL B 615 -36.21 14.51 19.62
C VAL B 615 -36.56 13.22 18.90
N ASP B 616 -37.82 13.10 18.50
CA ASP B 616 -38.26 11.98 17.67
C ASP B 616 -37.50 12.02 16.35
N GLU B 617 -36.51 11.14 16.23
CA GLU B 617 -35.63 11.14 15.07
C GLU B 617 -36.22 10.43 13.85
N ASP B 618 -37.45 9.96 13.98
CA ASP B 618 -38.18 9.45 12.81
C ASP B 618 -39.05 10.57 12.24
N LEU B 619 -39.57 11.41 13.14
CA LEU B 619 -40.29 12.60 12.73
C LEU B 619 -39.34 13.63 12.12
N TYR B 620 -38.21 13.83 12.79
CA TYR B 620 -37.20 14.78 12.34
C TYR B 620 -35.85 14.09 12.16
N PRO B 621 -35.70 13.37 11.03
CA PRO B 621 -34.53 12.51 10.79
C PRO B 621 -33.26 13.26 10.37
N GLU B 622 -33.36 14.57 10.18
CA GLU B 622 -32.20 15.35 9.75
C GLU B 622 -31.79 16.39 10.79
N HIS B 623 -32.44 16.35 11.95
CA HIS B 623 -32.16 17.31 13.01
C HIS B 623 -30.79 17.09 13.63
N TYR B 624 -30.27 15.86 13.51
CA TYR B 624 -28.98 15.52 14.07
C TYR B 624 -27.84 16.29 13.40
N ARG B 625 -28.09 16.75 12.18
CA ARG B 625 -27.09 17.49 11.41
C ARG B 625 -26.86 18.90 11.95
N LYS B 626 -27.59 19.27 13.00
CA LYS B 626 -27.49 20.62 13.53
C LYS B 626 -26.41 20.74 14.62
N TYR B 627 -25.76 19.61 14.91
CA TYR B 627 -24.44 19.46 15.58
C TYR B 627 -24.38 18.29 16.55
N SER B 628 -23.14 17.92 16.91
CA SER B 628 -22.84 16.83 17.82
C SER B 628 -23.51 15.51 17.41
N LEU B 636 -17.50 35.06 17.38
CA LEU B 636 -17.46 36.51 17.40
C LEU B 636 -18.87 37.10 17.42
N ASP B 637 -18.97 38.35 17.87
CA ASP B 637 -20.25 39.03 17.96
C ASP B 637 -20.05 40.55 17.96
N ALA B 638 -21.10 41.28 17.62
CA ALA B 638 -21.02 42.74 17.58
C ALA B 638 -20.83 43.32 18.98
N PRO B 639 -19.81 44.18 19.15
CA PRO B 639 -19.58 44.85 20.43
C PRO B 639 -20.64 45.92 20.69
N GLU B 640 -20.76 46.36 21.93
CA GLU B 640 -21.70 47.42 22.28
C GLU B 640 -21.28 48.74 21.64
N PRO B 641 -22.25 49.61 21.36
CA PRO B 641 -21.91 50.96 20.89
C PRO B 641 -21.17 51.76 21.97
N TYR B 642 -20.69 52.94 21.61
CA TYR B 642 -19.91 53.78 22.51
C TYR B 642 -20.62 54.07 23.84
N ARG B 643 -19.86 54.06 24.92
CA ARG B 643 -20.32 54.67 26.15
C ARG B 643 -20.32 56.17 25.93
N ILE B 644 -21.42 56.83 26.27
CA ILE B 644 -21.52 58.26 26.05
C ILE B 644 -21.60 59.00 27.39
N GLY B 645 -20.76 60.01 27.55
CA GLY B 645 -20.73 60.77 28.78
C GLY B 645 -20.46 62.25 28.57
N ARG B 646 -20.89 63.05 29.55
CA ARG B 646 -20.63 64.48 29.54
C ARG B 646 -19.46 64.80 30.46
N ILE B 647 -18.56 65.67 30.01
CA ILE B 647 -17.37 66.00 30.77
C ILE B 647 -17.69 66.94 31.94
N LYS B 648 -17.51 66.44 33.15
CA LYS B 648 -17.72 67.24 34.36
C LYS B 648 -16.39 67.85 34.79
N GLU B 649 -15.31 67.08 34.63
CA GLU B 649 -13.98 67.52 35.03
C GLU B 649 -12.88 67.01 34.11
N ILE B 650 -11.95 67.90 33.78
CA ILE B 650 -10.67 67.49 33.21
C ILE B 650 -9.60 67.78 34.25
N PHE B 651 -8.86 66.75 34.67
CA PHE B 651 -7.88 66.95 35.72
C PHE B 651 -6.69 66.01 35.62
N CYS B 652 -5.61 66.40 36.29
CA CYS B 652 -4.40 65.59 36.37
C CYS B 652 -4.00 65.44 37.83
N PRO B 653 -3.62 64.21 38.23
CA PRO B 653 -3.14 63.98 39.61
C PRO B 653 -1.86 64.76 39.86
N LYS B 654 -1.75 65.39 41.04
CA LYS B 654 -0.55 66.15 41.37
C LYS B 654 0.61 65.22 41.72
N LYS B 655 1.76 65.48 41.11
CA LYS B 655 2.95 64.67 41.34
C LYS B 655 3.52 64.93 42.73
N SER B 656 4.63 64.26 43.05
CA SER B 656 5.25 64.39 44.37
C SER B 656 5.76 65.81 44.61
N ASN B 657 6.18 66.49 43.55
CA ASN B 657 6.77 67.81 43.67
C ASN B 657 5.73 68.93 43.79
N GLY B 658 4.45 68.58 43.60
CA GLY B 658 3.37 69.54 43.74
C GLY B 658 2.81 70.02 42.41
N ARG B 659 3.54 69.75 41.34
CA ARG B 659 3.10 70.12 39.99
C ARG B 659 2.35 68.95 39.34
N PRO B 660 1.29 69.26 38.59
CA PRO B 660 0.46 68.23 37.95
C PRO B 660 1.19 67.44 36.87
N ASN B 661 0.88 66.14 36.80
CA ASN B 661 1.41 65.25 35.79
C ASN B 661 0.52 65.27 34.55
N GLU B 662 1.10 65.62 33.40
CA GLU B 662 0.34 65.67 32.16
C GLU B 662 0.56 64.45 31.27
N THR B 663 1.20 63.42 31.80
CA THR B 663 1.36 62.17 31.06
C THR B 663 0.11 61.31 31.18
N ASP B 664 -0.76 61.66 32.13
CA ASP B 664 -2.05 61.00 32.24
C ASP B 664 -3.16 62.00 32.60
N ILE B 665 -3.88 62.45 31.57
CA ILE B 665 -5.02 63.32 31.79
C ILE B 665 -6.24 62.47 32.13
N LYS B 666 -6.98 62.88 33.15
CA LYS B 666 -8.16 62.15 33.59
C LYS B 666 -9.44 62.91 33.28
N ILE B 667 -10.54 62.19 33.15
CA ILE B 667 -11.84 62.80 32.89
C ILE B 667 -12.91 62.25 33.84
N ARG B 668 -13.60 63.14 34.53
CA ARG B 668 -14.76 62.74 35.33
C ARG B 668 -16.02 62.92 34.48
N VAL B 669 -16.81 61.87 34.37
CA VAL B 669 -17.91 61.83 33.41
C VAL B 669 -19.26 61.55 34.06
N ASN B 670 -20.27 62.30 33.64
CA ASN B 670 -21.66 61.94 33.93
C ASN B 670 -22.16 60.89 32.96
N LYS B 671 -22.45 59.70 33.46
CA LYS B 671 -22.91 58.60 32.62
C LYS B 671 -24.21 58.94 31.90
N PHE B 672 -24.34 58.47 30.66
CA PHE B 672 -25.61 58.54 29.95
C PHE B 672 -26.13 57.13 29.72
N TYR B 673 -27.44 56.96 29.80
CA TYR B 673 -28.07 55.67 29.58
C TYR B 673 -28.73 55.61 28.20
N ARG B 674 -28.35 54.61 27.42
CA ARG B 674 -29.15 54.23 26.26
C ARG B 674 -30.34 53.47 26.82
N PRO B 675 -31.49 53.51 26.12
CA PRO B 675 -32.65 52.72 26.56
C PRO B 675 -32.30 51.26 26.74
N GLU B 676 -31.32 50.81 25.96
CA GLU B 676 -30.81 49.45 26.04
C GLU B 676 -30.14 49.16 27.38
N ASN B 677 -29.58 50.20 28.00
CA ASN B 677 -28.85 50.03 29.26
C ASN B 677 -29.75 50.07 30.48
N THR B 678 -30.96 50.59 30.28
CA THR B 678 -31.99 50.63 31.31
C THR B 678 -32.36 49.20 31.73
N HIS B 679 -32.92 49.04 32.93
CA HIS B 679 -33.42 47.75 33.41
C HIS B 679 -34.38 47.11 32.38
N LYS B 680 -35.02 47.95 31.57
CA LYS B 680 -35.85 47.49 30.47
C LYS B 680 -35.05 46.64 29.48
N SER B 681 -33.75 46.88 29.45
CA SER B 681 -32.80 46.14 28.60
C SER B 681 -33.08 46.30 27.11
N THR B 682 -32.70 45.30 26.33
CA THR B 682 -32.72 45.34 24.87
C THR B 682 -34.05 45.76 24.22
N PRO B 683 -35.19 45.21 24.66
CA PRO B 683 -36.43 45.58 23.96
C PRO B 683 -36.80 47.06 24.06
N ALA B 684 -36.09 47.83 24.88
CA ALA B 684 -36.33 49.26 24.98
C ALA B 684 -35.81 50.00 23.75
N SER B 685 -34.91 49.34 23.02
CA SER B 685 -34.30 49.93 21.83
C SER B 685 -35.19 49.78 20.60
N TYR B 686 -36.13 48.84 20.66
CA TYR B 686 -36.99 48.50 19.52
C TYR B 686 -37.74 49.72 18.99
N HIS B 687 -38.32 50.51 19.89
CA HIS B 687 -39.12 51.66 19.49
C HIS B 687 -38.36 52.97 19.60
N ALA B 688 -37.44 53.04 20.55
CA ALA B 688 -36.71 54.27 20.83
C ALA B 688 -35.94 54.78 19.63
N ASP B 689 -35.80 56.10 19.54
CA ASP B 689 -34.93 56.71 18.54
C ASP B 689 -33.53 56.14 18.68
N ILE B 690 -32.85 55.96 17.57
CA ILE B 690 -31.48 55.44 17.58
C ILE B 690 -30.55 56.45 18.23
N ASN B 691 -31.07 57.65 18.50
CA ASN B 691 -30.29 58.76 18.99
C ASN B 691 -30.50 59.05 20.46
N LEU B 692 -31.57 58.45 21.01
CA LEU B 692 -32.02 58.78 22.36
C LEU B 692 -31.09 58.30 23.47
N LEU B 693 -30.92 59.16 24.47
CA LEU B 693 -30.20 58.81 25.68
C LEU B 693 -31.03 59.19 26.90
N TYR B 694 -30.61 58.75 28.08
CA TYR B 694 -31.21 59.18 29.33
C TYR B 694 -30.14 59.75 30.25
N TRP B 695 -30.40 60.92 30.82
CA TRP B 695 -29.47 61.53 31.76
C TRP B 695 -29.33 60.66 33.01
N SER B 696 -28.13 60.65 33.58
CA SER B 696 -27.88 59.93 34.81
C SER B 696 -27.01 60.76 35.74
N ASP B 697 -27.17 60.54 37.05
CA ASP B 697 -26.35 61.23 38.03
C ASP B 697 -25.20 60.34 38.47
N GLU B 698 -25.11 59.16 37.85
CA GLU B 698 -23.98 58.27 38.07
C GLU B 698 -22.73 58.86 37.44
N GLU B 699 -21.58 58.65 38.07
CA GLU B 699 -20.34 59.22 37.58
C GLU B 699 -19.24 58.19 37.45
N ALA B 700 -18.22 58.51 36.66
CA ALA B 700 -17.07 57.64 36.46
C ALA B 700 -15.84 58.44 36.08
N VAL B 701 -14.67 57.91 36.41
CA VAL B 701 -13.41 58.56 36.05
C VAL B 701 -12.66 57.71 35.03
N VAL B 702 -12.38 58.29 33.87
CA VAL B 702 -11.73 57.57 32.79
C VAL B 702 -10.43 58.25 32.34
N ASP B 703 -9.61 57.49 31.63
CA ASP B 703 -8.42 58.06 31.00
C ASP B 703 -8.81 58.91 29.81
N PHE B 704 -8.13 60.04 29.62
CA PHE B 704 -8.37 60.89 28.45
C PHE B 704 -7.93 60.15 27.19
N LYS B 705 -7.00 59.21 27.36
CA LYS B 705 -6.58 58.33 26.28
C LYS B 705 -7.76 57.54 25.71
N ALA B 706 -8.71 57.19 26.58
CA ALA B 706 -9.80 56.30 26.23
C ALA B 706 -10.85 56.97 25.36
N VAL B 707 -10.87 58.30 25.34
CA VAL B 707 -11.84 59.04 24.55
C VAL B 707 -11.74 58.66 23.07
N GLN B 708 -12.88 58.46 22.42
CA GLN B 708 -12.89 58.02 21.02
C GLN B 708 -13.36 59.12 20.08
N GLY B 709 -13.83 60.23 20.65
CA GLY B 709 -14.31 61.34 19.86
C GLY B 709 -15.29 62.20 20.63
N ARG B 710 -15.71 63.30 20.02
CA ARG B 710 -16.65 64.21 20.65
C ARG B 710 -18.02 64.14 19.98
N CYS B 711 -19.06 64.18 20.81
CA CYS B 711 -20.44 64.16 20.31
C CYS B 711 -21.24 65.29 20.96
N THR B 712 -22.39 65.60 20.36
CA THR B 712 -23.28 66.60 20.95
C THR B 712 -24.44 65.92 21.66
N VAL B 713 -24.48 66.07 22.98
CA VAL B 713 -25.59 65.54 23.77
C VAL B 713 -26.38 66.71 24.35
N GLU B 714 -27.55 66.97 23.79
CA GLU B 714 -28.33 68.14 24.15
C GLU B 714 -29.70 67.78 24.73
N TYR B 715 -30.07 68.44 25.81
CA TYR B 715 -31.40 68.29 26.38
C TYR B 715 -32.44 68.72 25.35
N GLY B 716 -33.39 67.84 25.08
CA GLY B 716 -34.33 68.02 23.98
C GLY B 716 -35.16 69.29 24.00
N GLU B 717 -35.56 69.72 25.19
CA GLU B 717 -36.43 70.89 25.31
C GLU B 717 -35.70 72.20 25.04
N ASP B 718 -34.40 72.23 25.33
CA ASP B 718 -33.59 73.43 25.10
C ASP B 718 -33.42 73.71 23.62
N LEU B 719 -33.56 72.67 22.80
CA LEU B 719 -33.35 72.76 21.36
C LEU B 719 -34.23 73.82 20.69
N PRO B 720 -33.62 74.60 19.77
CA PRO B 720 -34.32 75.65 19.02
C PRO B 720 -35.11 75.09 17.84
N GLU B 721 -35.11 73.77 17.70
CA GLU B 721 -35.75 73.12 16.56
C GLU B 721 -36.23 71.72 16.93
N CYS B 722 -36.88 71.06 15.97
CA CYS B 722 -37.37 69.71 16.18
C CYS B 722 -36.23 68.73 16.42
N VAL B 723 -36.51 67.65 17.14
CA VAL B 723 -35.54 66.59 17.34
C VAL B 723 -35.11 66.04 16.00
N GLN B 724 -36.06 65.92 15.08
CA GLN B 724 -35.81 65.44 13.73
C GLN B 724 -34.80 66.33 12.98
N VAL B 725 -35.09 67.61 12.93
CA VAL B 725 -34.22 68.57 12.25
C VAL B 725 -32.86 68.63 12.92
N TYR B 726 -32.86 68.55 14.24
CA TYR B 726 -31.63 68.53 15.02
C TYR B 726 -30.79 67.30 14.69
N SER B 727 -31.42 66.13 14.76
CA SER B 727 -30.74 64.87 14.51
C SER B 727 -30.21 64.76 13.08
N MET B 728 -30.93 65.37 12.15
CA MET B 728 -30.57 65.30 10.74
C MET B 728 -29.52 66.36 10.36
N GLY B 729 -29.29 67.30 11.28
CA GLY B 729 -28.44 68.44 10.99
C GLY B 729 -26.95 68.18 10.95
N GLY B 730 -26.51 67.08 11.57
CA GLY B 730 -25.10 66.77 11.61
C GLY B 730 -24.77 65.46 12.30
N PRO B 731 -23.49 65.07 12.29
CA PRO B 731 -23.03 63.81 12.90
C PRO B 731 -22.86 63.91 14.41
N ASN B 732 -22.92 62.76 15.07
CA ASN B 732 -22.67 62.65 16.51
C ASN B 732 -23.58 63.53 17.36
N ARG B 733 -24.81 63.73 16.92
CA ARG B 733 -25.77 64.53 17.67
C ARG B 733 -26.73 63.65 18.46
N PHE B 734 -26.58 63.63 19.77
CA PHE B 734 -27.48 62.87 20.63
C PHE B 734 -28.39 63.80 21.43
N TYR B 735 -29.43 63.24 22.04
CA TYR B 735 -30.35 64.05 22.84
C TYR B 735 -31.05 63.22 23.91
N PHE B 736 -31.45 63.88 24.99
CA PHE B 736 -32.19 63.24 26.07
C PHE B 736 -33.37 64.10 26.50
N LEU B 737 -34.40 63.47 27.04
CA LEU B 737 -35.57 64.18 27.51
C LEU B 737 -35.80 63.93 28.99
N GLU B 738 -35.36 62.77 29.47
CA GLU B 738 -35.59 62.36 30.84
C GLU B 738 -34.32 61.84 31.49
N ALA B 739 -34.32 61.80 32.83
CA ALA B 739 -33.23 61.19 33.57
C ALA B 739 -33.66 59.81 34.04
N TYR B 740 -32.69 58.95 34.35
CA TYR B 740 -33.00 57.60 34.80
C TYR B 740 -32.32 57.28 36.13
N ASN B 741 -33.09 56.71 37.05
CA ASN B 741 -32.57 56.32 38.35
C ASN B 741 -32.42 54.80 38.43
N ALA B 742 -31.19 54.33 38.55
CA ALA B 742 -30.91 52.90 38.56
C ALA B 742 -31.51 52.21 39.79
N LYS B 743 -31.32 52.80 40.96
CA LYS B 743 -31.82 52.24 42.20
C LYS B 743 -33.35 52.24 42.24
N SER B 744 -33.94 53.27 41.63
CA SER B 744 -35.40 53.40 41.60
C SER B 744 -36.01 52.69 40.40
N LYS B 745 -35.17 52.43 39.39
CA LYS B 745 -35.63 51.83 38.13
C LYS B 745 -36.80 52.60 37.53
N SER B 746 -36.72 53.93 37.58
CA SER B 746 -37.77 54.78 37.07
C SER B 746 -37.21 55.99 36.34
N PHE B 747 -38.09 56.78 35.76
CA PHE B 747 -37.68 57.93 34.94
C PHE B 747 -38.24 59.24 35.49
N GLU B 748 -37.42 60.29 35.43
CA GLU B 748 -37.78 61.60 35.94
C GLU B 748 -37.36 62.69 34.96
N ASP B 749 -37.82 63.91 35.20
CA ASP B 749 -37.27 65.06 34.50
C ASP B 749 -35.83 65.24 34.95
N PRO B 750 -34.93 65.58 34.02
CA PRO B 750 -33.52 65.74 34.38
C PRO B 750 -33.32 66.98 35.26
N PRO B 751 -32.29 66.97 36.11
CA PRO B 751 -31.96 68.15 36.90
C PRO B 751 -31.57 69.32 36.00
N ASN B 752 -31.72 70.54 36.48
CA ASN B 752 -31.45 71.71 35.65
C ASN B 752 -29.96 71.97 35.47
N HIS B 753 -29.12 71.21 36.18
CA HIS B 753 -27.68 71.29 35.97
C HIS B 753 -27.28 70.30 34.88
N ALA B 754 -28.28 69.81 34.15
CA ALA B 754 -28.05 68.99 32.97
C ALA B 754 -28.44 69.77 31.72
N ARG B 755 -29.07 70.92 31.94
CA ARG B 755 -29.46 71.80 30.84
C ARG B 755 -28.30 72.75 30.51
N SER B 756 -28.36 73.33 29.31
CA SER B 756 -27.31 74.25 28.86
C SER B 756 -27.84 75.66 28.68
N LYS B 786 -24.09 76.46 2.00
CA LYS B 786 -24.80 76.15 0.77
C LYS B 786 -23.86 76.21 -0.44
N LEU B 787 -23.49 75.05 -0.95
CA LEU B 787 -22.67 74.96 -2.16
C LEU B 787 -23.51 74.41 -3.31
N PRO B 788 -23.22 74.88 -4.53
CA PRO B 788 -23.93 74.35 -5.71
C PRO B 788 -23.66 72.87 -5.90
N LYS B 789 -24.72 72.11 -6.22
CA LYS B 789 -24.59 70.66 -6.37
C LYS B 789 -23.87 70.31 -7.67
N LEU B 790 -23.15 69.19 -7.65
CA LEU B 790 -22.38 68.75 -8.80
C LEU B 790 -23.27 68.10 -9.85
N ARG B 791 -23.14 68.55 -11.10
CA ARG B 791 -23.84 67.93 -12.21
C ARG B 791 -23.26 66.53 -12.42
N THR B 792 -24.03 65.51 -12.03
CA THR B 792 -23.52 64.14 -11.96
C THR B 792 -24.02 63.25 -13.10
N LEU B 793 -23.10 62.49 -13.67
CA LEU B 793 -23.44 61.45 -14.64
C LEU B 793 -23.30 60.07 -13.99
N ASP B 794 -24.40 59.34 -13.90
CA ASP B 794 -24.39 58.00 -13.31
C ASP B 794 -24.43 56.94 -14.40
N VAL B 795 -23.28 56.33 -14.66
CA VAL B 795 -23.20 55.23 -15.62
C VAL B 795 -23.54 53.92 -14.90
N PHE B 796 -24.23 53.02 -15.58
CA PHE B 796 -24.78 51.82 -14.96
C PHE B 796 -25.59 52.24 -13.74
N SER B 797 -26.61 53.07 -13.96
CA SER B 797 -27.31 53.73 -12.87
C SER B 797 -28.21 52.79 -12.06
N GLY B 798 -28.72 51.76 -12.71
CA GLY B 798 -29.70 50.88 -12.07
C GLY B 798 -30.97 51.66 -11.80
N CYS B 799 -31.64 51.36 -10.69
CA CYS B 799 -32.83 52.12 -10.31
C CYS B 799 -32.43 53.38 -9.56
N GLY B 800 -31.14 53.50 -9.23
CA GLY B 800 -30.61 54.73 -8.69
C GLY B 800 -30.27 54.74 -7.21
N GLY B 801 -29.86 53.60 -6.68
CA GLY B 801 -29.48 53.50 -5.28
C GLY B 801 -28.32 54.42 -4.93
N LEU B 802 -27.31 54.43 -5.80
CA LEU B 802 -26.13 55.25 -5.59
C LEU B 802 -26.45 56.74 -5.73
N SER B 803 -27.22 57.09 -6.75
CA SER B 803 -27.60 58.49 -6.98
C SER B 803 -28.50 59.01 -5.87
N GLU B 804 -29.35 58.14 -5.35
CA GLU B 804 -30.28 58.51 -4.27
C GLU B 804 -29.52 58.93 -3.02
N GLY B 805 -28.52 58.14 -2.64
CA GLY B 805 -27.72 58.42 -1.47
C GLY B 805 -26.95 59.71 -1.61
N PHE B 806 -26.43 59.96 -2.80
CA PHE B 806 -25.68 61.19 -3.07
C PHE B 806 -26.60 62.41 -2.99
N HIS B 807 -27.84 62.25 -3.43
CA HIS B 807 -28.81 63.35 -3.38
C HIS B 807 -29.18 63.66 -1.93
N GLN B 808 -29.28 62.61 -1.11
CA GLN B 808 -29.54 62.77 0.31
C GLN B 808 -28.36 63.45 1.00
N ALA B 809 -27.18 63.30 0.42
CA ALA B 809 -25.96 63.92 0.96
C ALA B 809 -25.88 65.39 0.58
N GLY B 810 -26.67 65.79 -0.41
CA GLY B 810 -26.75 67.18 -0.82
C GLY B 810 -25.62 67.65 -1.72
N ILE B 811 -24.79 66.72 -2.17
CA ILE B 811 -23.64 67.06 -2.99
C ILE B 811 -23.93 66.94 -4.48
N SER B 812 -25.00 66.22 -4.81
CA SER B 812 -25.18 65.76 -6.19
C SER B 812 -26.52 66.13 -6.82
N ASP B 813 -26.51 66.25 -8.13
CA ASP B 813 -27.70 66.46 -8.93
C ASP B 813 -27.56 65.64 -10.20
N THR B 814 -28.02 64.40 -10.16
CA THR B 814 -27.84 63.47 -11.28
C THR B 814 -28.68 63.88 -12.48
N LEU B 815 -28.05 64.55 -13.43
CA LEU B 815 -28.75 65.06 -14.61
C LEU B 815 -28.70 64.08 -15.78
N TRP B 816 -27.75 63.14 -15.72
CA TRP B 816 -27.62 62.14 -16.76
C TRP B 816 -27.43 60.75 -16.17
N ALA B 817 -28.06 59.75 -16.77
CA ALA B 817 -27.95 58.38 -16.31
C ALA B 817 -27.95 57.41 -17.50
N ILE B 818 -27.06 56.44 -17.46
CA ILE B 818 -26.98 55.44 -18.52
C ILE B 818 -27.29 54.05 -17.97
N GLU B 819 -28.39 53.47 -18.46
CA GLU B 819 -28.84 52.16 -18.00
C GLU B 819 -29.43 51.37 -19.16
N MET B 820 -28.73 50.30 -19.54
CA MET B 820 -29.10 49.51 -20.72
C MET B 820 -30.39 48.71 -20.50
N TRP B 821 -30.62 48.30 -19.25
CA TRP B 821 -31.78 47.49 -18.90
C TRP B 821 -33.01 48.38 -18.66
N ASP B 822 -34.03 48.21 -19.50
CA ASP B 822 -35.18 49.10 -19.52
C ASP B 822 -35.94 49.29 -18.19
N PRO B 823 -36.27 48.20 -17.46
CA PRO B 823 -37.02 48.41 -16.23
C PRO B 823 -36.29 49.28 -15.20
N ALA B 824 -34.99 49.09 -15.07
CA ALA B 824 -34.19 49.89 -14.14
C ALA B 824 -34.11 51.34 -14.61
N ALA B 825 -33.95 51.52 -15.91
CA ALA B 825 -33.91 52.86 -16.50
C ALA B 825 -35.22 53.59 -16.28
N GLN B 826 -36.32 52.84 -16.40
CA GLN B 826 -37.66 53.40 -16.19
C GLN B 826 -37.84 53.80 -14.73
N ALA B 827 -37.34 52.96 -13.83
CA ALA B 827 -37.41 53.23 -12.40
C ALA B 827 -36.62 54.47 -12.01
N PHE B 828 -35.51 54.69 -12.70
CA PHE B 828 -34.66 55.85 -12.42
C PHE B 828 -35.38 57.14 -12.79
N ARG B 829 -36.13 57.11 -13.89
CA ARG B 829 -36.88 58.27 -14.35
C ARG B 829 -37.94 58.70 -13.35
N LEU B 830 -38.62 57.71 -12.77
CA LEU B 830 -39.71 57.97 -11.83
C LEU B 830 -39.23 58.69 -10.57
N ASN B 831 -38.00 58.41 -10.17
CA ASN B 831 -37.44 59.02 -8.97
C ASN B 831 -36.63 60.27 -9.28
N ASN B 832 -36.26 60.42 -10.55
CA ASN B 832 -35.54 61.61 -11.01
C ASN B 832 -36.20 62.22 -12.24
N PRO B 833 -37.28 63.00 -12.04
CA PRO B 833 -38.07 63.60 -13.11
C PRO B 833 -37.26 64.56 -13.98
N GLY B 834 -36.30 65.25 -13.37
CA GLY B 834 -35.50 66.23 -14.08
C GLY B 834 -34.15 65.71 -14.55
N SER B 835 -34.11 64.44 -14.93
CA SER B 835 -32.88 63.83 -15.39
C SER B 835 -33.05 63.22 -16.78
N THR B 836 -31.95 63.17 -17.54
CA THR B 836 -31.96 62.58 -18.87
C THR B 836 -31.40 61.16 -18.81
N VAL B 837 -32.30 60.18 -18.90
CA VAL B 837 -31.90 58.78 -18.79
C VAL B 837 -31.80 58.10 -20.16
N PHE B 838 -30.60 57.67 -20.51
CA PHE B 838 -30.36 57.01 -21.78
C PHE B 838 -30.45 55.49 -21.62
N THR B 839 -31.50 54.89 -22.19
CA THR B 839 -31.65 53.44 -22.16
C THR B 839 -30.81 52.82 -23.27
N GLU B 840 -29.50 52.88 -23.11
CA GLU B 840 -28.57 52.38 -24.12
C GLU B 840 -27.36 51.72 -23.47
N ASP B 841 -26.55 51.06 -24.29
CA ASP B 841 -25.25 50.58 -23.86
C ASP B 841 -24.34 51.78 -23.68
N CYS B 842 -23.53 51.77 -22.63
CA CYS B 842 -22.67 52.91 -22.31
C CYS B 842 -21.61 53.14 -23.39
N ASN B 843 -21.26 52.09 -24.11
CA ASN B 843 -20.27 52.20 -25.18
C ASN B 843 -20.79 53.01 -26.37
N ILE B 844 -22.11 53.08 -26.51
CA ILE B 844 -22.73 53.77 -27.63
C ILE B 844 -22.67 55.29 -27.49
N LEU B 845 -23.04 55.78 -26.31
CA LEU B 845 -23.11 57.22 -26.06
C LEU B 845 -21.77 57.92 -26.25
N LEU B 846 -20.74 57.42 -25.58
CA LEU B 846 -19.41 58.02 -25.65
C LEU B 846 -18.90 58.05 -27.08
N LYS B 847 -19.26 57.02 -27.85
CA LYS B 847 -18.91 56.95 -29.26
C LYS B 847 -19.50 58.13 -30.02
N LEU B 848 -20.74 58.48 -29.69
CA LEU B 848 -21.42 59.61 -30.32
C LEU B 848 -20.79 60.94 -29.90
N VAL B 849 -20.56 61.09 -28.60
CA VAL B 849 -20.01 62.33 -28.06
C VAL B 849 -18.58 62.57 -28.56
N MET B 850 -17.80 61.50 -28.65
CA MET B 850 -16.44 61.59 -29.19
C MET B 850 -16.46 61.79 -30.69
N ALA B 851 -17.64 61.67 -31.30
CA ALA B 851 -17.79 61.86 -32.74
C ALA B 851 -18.32 63.26 -33.06
N GLY B 852 -18.70 64.00 -32.02
CA GLY B 852 -19.13 65.38 -32.20
C GLY B 852 -20.64 65.58 -32.15
N GLU B 853 -21.38 64.47 -32.00
CA GLU B 853 -22.84 64.55 -31.94
C GLU B 853 -23.31 65.28 -30.68
N THR B 854 -24.51 65.83 -30.73
CA THR B 854 -25.06 66.56 -29.60
C THR B 854 -26.31 65.87 -29.05
N THR B 855 -26.96 65.08 -29.89
CA THR B 855 -28.12 64.30 -29.47
C THR B 855 -28.03 62.87 -30.00
N ASN B 856 -28.71 61.94 -29.33
CA ASN B 856 -28.85 60.58 -29.85
C ASN B 856 -29.95 60.55 -30.90
N SER B 857 -30.25 59.36 -31.42
CA SER B 857 -31.26 59.22 -32.46
C SER B 857 -32.66 59.57 -31.94
N ARG B 858 -32.85 59.43 -30.63
CA ARG B 858 -34.15 59.73 -30.02
C ARG B 858 -34.27 61.19 -29.62
N GLY B 859 -33.20 61.96 -29.87
CA GLY B 859 -33.23 63.39 -29.66
C GLY B 859 -32.85 63.87 -28.27
N GLN B 860 -32.35 62.96 -27.44
CA GLN B 860 -31.91 63.31 -26.10
C GLN B 860 -30.57 64.04 -26.13
N ARG B 861 -30.48 65.15 -25.41
CA ARG B 861 -29.26 65.97 -25.42
C ARG B 861 -28.11 65.28 -24.70
N LEU B 862 -27.05 64.98 -25.44
CA LEU B 862 -25.87 64.32 -24.88
C LEU B 862 -25.07 65.26 -24.00
N PRO B 863 -24.52 64.73 -22.89
CA PRO B 863 -23.63 65.53 -22.04
C PRO B 863 -22.29 65.79 -22.72
N GLN B 864 -21.78 67.01 -22.59
CA GLN B 864 -20.52 67.39 -23.23
C GLN B 864 -19.46 67.74 -22.20
N LYS B 865 -18.26 68.04 -22.68
CA LYS B 865 -17.17 68.49 -21.82
C LYS B 865 -17.58 69.70 -21.00
N GLY B 866 -17.43 69.61 -19.68
CA GLY B 866 -17.79 70.70 -18.80
C GLY B 866 -19.10 70.44 -18.08
N ASP B 867 -19.99 69.69 -18.72
CA ASP B 867 -21.28 69.36 -18.12
C ASP B 867 -21.10 68.45 -16.91
N VAL B 868 -20.38 67.36 -17.09
CA VAL B 868 -20.17 66.39 -16.02
C VAL B 868 -19.13 66.86 -15.01
N GLU B 869 -19.56 67.07 -13.78
CA GLU B 869 -18.67 67.48 -12.70
C GLU B 869 -18.30 66.29 -11.82
N MET B 870 -19.21 65.33 -11.73
CA MET B 870 -18.95 64.09 -11.00
C MET B 870 -19.42 62.88 -11.79
N LEU B 871 -18.58 61.85 -11.82
CA LEU B 871 -18.89 60.61 -12.54
C LEU B 871 -18.90 59.43 -11.58
N CYS B 872 -20.04 58.76 -11.48
CA CYS B 872 -20.16 57.59 -10.61
C CYS B 872 -20.77 56.41 -11.37
N GLY B 873 -20.44 55.20 -10.94
CA GLY B 873 -20.96 54.01 -11.58
C GLY B 873 -20.53 52.71 -10.94
N GLY B 874 -21.41 51.71 -10.99
CA GLY B 874 -21.10 50.39 -10.48
C GLY B 874 -21.24 49.33 -11.55
N PRO B 875 -20.22 49.18 -12.39
CA PRO B 875 -20.25 48.21 -13.49
C PRO B 875 -20.18 46.77 -12.99
N PRO B 876 -21.01 45.88 -13.55
CA PRO B 876 -20.97 44.45 -13.23
C PRO B 876 -19.61 43.84 -13.56
N CYS B 877 -19.20 42.83 -12.81
CA CYS B 877 -17.86 42.26 -12.92
C CYS B 877 -17.83 40.96 -13.71
N GLN B 878 -18.92 40.67 -14.42
CA GLN B 878 -19.14 39.36 -15.04
C GLN B 878 -18.01 38.91 -15.98
N GLY B 879 -17.33 39.85 -16.61
CA GLY B 879 -16.29 39.51 -17.56
C GLY B 879 -14.94 39.14 -16.97
N PHE B 880 -14.62 39.74 -15.82
CA PHE B 880 -13.26 39.68 -15.30
C PHE B 880 -13.17 39.24 -13.84
N SER B 881 -14.14 38.45 -13.38
CA SER B 881 -14.30 38.20 -11.94
C SER B 881 -13.60 36.95 -11.42
N GLY B 882 -12.46 36.60 -12.00
CA GLY B 882 -11.68 35.47 -11.52
C GLY B 882 -10.51 35.91 -10.65
N MET B 883 -10.08 35.04 -9.74
CA MET B 883 -8.96 35.36 -8.86
C MET B 883 -7.63 34.92 -9.46
N ASN B 884 -7.67 33.89 -10.30
CA ASN B 884 -6.47 33.42 -11.00
C ASN B 884 -5.92 34.52 -11.91
N ARG B 885 -4.61 34.49 -12.12
CA ARG B 885 -3.93 35.52 -12.90
C ARG B 885 -4.43 35.56 -14.34
N PHE B 886 -4.17 36.69 -15.01
CA PHE B 886 -4.54 36.87 -16.41
C PHE B 886 -3.84 35.89 -17.33
N ASN B 887 -4.55 35.45 -18.37
CA ASN B 887 -3.92 34.81 -19.52
C ASN B 887 -4.33 35.58 -20.77
N SER B 888 -4.04 35.03 -21.94
CA SER B 888 -4.34 35.73 -23.18
C SER B 888 -5.83 35.91 -23.39
N ARG B 889 -6.59 34.83 -23.20
CA ARG B 889 -8.04 34.87 -23.43
C ARG B 889 -8.77 35.76 -22.43
N THR B 890 -8.48 35.58 -21.15
CA THR B 890 -9.19 36.30 -20.10
C THR B 890 -8.91 37.80 -20.12
N TYR B 891 -7.71 38.19 -20.56
CA TYR B 891 -7.37 39.61 -20.60
C TYR B 891 -8.07 40.32 -21.74
N SER B 892 -8.22 39.63 -22.87
CA SER B 892 -8.90 40.20 -24.03
C SER B 892 -10.33 40.60 -23.68
N LYS B 893 -10.92 39.84 -22.76
CA LYS B 893 -12.28 40.12 -22.29
C LYS B 893 -12.28 41.30 -21.32
N PHE B 894 -11.23 41.43 -20.53
CA PHE B 894 -11.10 42.57 -19.64
C PHE B 894 -10.64 43.82 -20.40
N LYS B 895 -9.91 43.58 -21.50
CA LYS B 895 -9.41 44.64 -22.36
C LYS B 895 -10.56 45.51 -22.89
N ASN B 896 -11.72 44.87 -23.10
CA ASN B 896 -12.90 45.58 -23.57
C ASN B 896 -14.04 45.53 -22.56
N SER B 897 -13.69 45.43 -21.28
CA SER B 897 -14.68 45.34 -20.22
C SER B 897 -15.37 46.67 -19.97
N LEU B 898 -16.39 46.66 -19.12
CA LEU B 898 -17.12 47.87 -18.77
C LEU B 898 -16.29 48.78 -17.87
N VAL B 899 -15.28 48.21 -17.23
CA VAL B 899 -14.34 49.01 -16.44
C VAL B 899 -13.56 49.94 -17.35
N VAL B 900 -13.03 49.40 -18.44
CA VAL B 900 -12.30 50.19 -19.42
C VAL B 900 -13.20 51.24 -20.04
N SER B 901 -14.44 50.86 -20.31
CA SER B 901 -15.45 51.79 -20.84
C SER B 901 -15.69 52.93 -19.86
N PHE B 902 -15.79 52.59 -18.58
CA PHE B 902 -16.07 53.57 -17.54
C PHE B 902 -14.89 54.51 -17.33
N LEU B 903 -13.68 53.97 -17.44
CA LEU B 903 -12.47 54.77 -17.30
C LEU B 903 -12.34 55.77 -18.45
N SER B 904 -12.86 55.39 -19.61
CA SER B 904 -12.84 56.26 -20.78
C SER B 904 -13.79 57.45 -20.59
N TYR B 905 -14.90 57.20 -19.89
CA TYR B 905 -15.83 58.26 -19.52
C TYR B 905 -15.13 59.27 -18.61
N CYS B 906 -14.32 58.76 -17.69
CA CYS B 906 -13.59 59.60 -16.75
C CYS B 906 -12.50 60.39 -17.46
N ASP B 907 -11.82 59.73 -18.40
CA ASP B 907 -10.74 60.37 -19.14
C ASP B 907 -11.28 61.48 -20.04
N TYR B 908 -12.38 61.19 -20.73
CA TYR B 908 -12.97 62.15 -21.67
C TYR B 908 -13.53 63.38 -20.96
N TYR B 909 -14.43 63.15 -20.01
CA TYR B 909 -15.15 64.25 -19.36
C TYR B 909 -14.31 64.96 -18.31
N ARG B 910 -13.34 64.25 -17.74
CA ARG B 910 -12.50 64.78 -16.66
C ARG B 910 -13.32 65.42 -15.53
N PRO B 911 -14.15 64.63 -14.83
CA PRO B 911 -14.93 65.19 -13.74
C PRO B 911 -14.09 65.57 -12.52
N ARG B 912 -14.65 66.37 -11.63
CA ARG B 912 -13.95 66.75 -10.40
C ARG B 912 -13.77 65.54 -9.50
N PHE B 913 -14.80 64.69 -9.45
CA PHE B 913 -14.77 63.50 -8.62
C PHE B 913 -15.17 62.25 -9.40
N PHE B 914 -14.67 61.10 -8.96
CA PHE B 914 -14.89 59.84 -9.67
C PHE B 914 -15.04 58.69 -8.68
N LEU B 915 -16.17 57.99 -8.76
CA LEU B 915 -16.40 56.84 -7.89
C LEU B 915 -16.70 55.59 -8.70
N LEU B 916 -15.98 54.51 -8.40
CA LEU B 916 -16.26 53.22 -8.99
C LEU B 916 -16.61 52.24 -7.88
N GLU B 917 -17.87 51.81 -7.86
CA GLU B 917 -18.34 50.84 -6.87
C GLU B 917 -18.34 49.45 -7.49
N ASN B 918 -17.99 48.45 -6.68
CA ASN B 918 -18.02 47.07 -7.14
C ASN B 918 -18.07 46.08 -5.98
N VAL B 919 -18.08 44.79 -6.32
CA VAL B 919 -18.04 43.74 -5.31
C VAL B 919 -16.71 43.77 -4.57
N ARG B 920 -16.68 43.17 -3.39
CA ARG B 920 -15.49 43.17 -2.54
C ARG B 920 -14.26 42.61 -3.27
N ASN B 921 -14.44 41.51 -4.00
CA ASN B 921 -13.32 40.84 -4.64
C ASN B 921 -12.76 41.58 -5.86
N PHE B 922 -13.28 42.78 -6.13
CA PHE B 922 -12.74 43.61 -7.21
C PHE B 922 -11.27 43.93 -6.98
N VAL B 923 -10.88 43.99 -5.71
CA VAL B 923 -9.50 44.28 -5.34
C VAL B 923 -8.61 43.03 -5.42
N SER B 924 -9.23 41.88 -5.68
CA SER B 924 -8.50 40.62 -5.71
C SER B 924 -8.60 39.92 -7.07
N PHE B 925 -9.46 40.43 -7.94
CA PHE B 925 -9.64 39.85 -9.27
C PHE B 925 -8.34 39.79 -10.06
N LYS B 926 -8.06 38.62 -10.63
CA LYS B 926 -6.87 38.40 -11.45
C LYS B 926 -5.58 38.77 -10.71
N ARG B 927 -5.42 38.22 -9.50
CA ARG B 927 -4.26 38.52 -8.66
C ARG B 927 -4.09 40.02 -8.48
N SER B 928 -5.21 40.70 -8.24
CA SER B 928 -5.26 42.15 -7.98
C SER B 928 -4.82 43.01 -9.17
N MET B 929 -4.79 42.43 -10.36
CA MET B 929 -4.37 43.18 -11.55
C MET B 929 -5.47 44.12 -12.05
N VAL B 930 -6.72 43.74 -11.84
CA VAL B 930 -7.85 44.60 -12.25
C VAL B 930 -7.80 45.92 -11.48
N LEU B 931 -7.54 45.84 -10.18
CA LEU B 931 -7.42 47.03 -9.35
C LEU B 931 -6.18 47.83 -9.71
N LYS B 932 -5.05 47.14 -9.88
CA LYS B 932 -3.78 47.80 -10.19
C LYS B 932 -3.82 48.53 -11.52
N LEU B 933 -4.43 47.90 -12.53
CA LEU B 933 -4.57 48.54 -13.84
C LEU B 933 -5.53 49.73 -13.78
N THR B 934 -6.56 49.61 -12.94
CA THR B 934 -7.52 50.69 -12.76
C THR B 934 -6.85 51.92 -12.13
N LEU B 935 -6.08 51.69 -11.08
CA LEU B 935 -5.36 52.77 -10.41
C LEU B 935 -4.29 53.36 -11.32
N ARG B 936 -3.58 52.50 -12.04
CA ARG B 936 -2.54 52.92 -12.97
C ARG B 936 -3.13 53.82 -14.06
N CYS B 937 -4.32 53.47 -14.52
CA CYS B 937 -5.01 54.24 -15.55
C CYS B 937 -5.38 55.63 -15.03
N LEU B 938 -5.88 55.68 -13.80
CA LEU B 938 -6.25 56.95 -13.17
C LEU B 938 -5.02 57.82 -12.92
N VAL B 939 -3.92 57.20 -12.52
CA VAL B 939 -2.68 57.92 -12.26
C VAL B 939 -2.13 58.53 -13.55
N ARG B 940 -2.19 57.76 -14.64
CA ARG B 940 -1.76 58.23 -15.94
C ARG B 940 -2.56 59.45 -16.40
N MET B 941 -3.85 59.44 -16.08
CA MET B 941 -4.74 60.55 -16.43
C MET B 941 -4.43 61.79 -15.60
N GLY B 942 -3.74 61.59 -14.47
CA GLY B 942 -3.37 62.69 -13.60
C GLY B 942 -4.28 62.83 -12.40
N TYR B 943 -5.09 61.80 -12.16
CA TYR B 943 -6.04 61.82 -11.06
C TYR B 943 -5.44 61.40 -9.73
N GLN B 944 -5.85 62.09 -8.66
CA GLN B 944 -5.65 61.58 -7.32
C GLN B 944 -6.59 60.39 -7.17
N CYS B 945 -6.15 59.33 -6.48
CA CYS B 945 -6.99 58.15 -6.36
C CYS B 945 -6.65 57.27 -5.17
N THR B 946 -7.63 56.45 -4.77
CA THR B 946 -7.45 55.51 -3.68
C THR B 946 -8.56 54.46 -3.75
N PHE B 947 -8.41 53.40 -2.97
CA PHE B 947 -9.45 52.37 -2.89
C PHE B 947 -9.68 51.95 -1.45
N GLY B 948 -10.77 51.23 -1.22
CA GLY B 948 -11.11 50.76 0.11
C GLY B 948 -12.32 49.85 0.11
N VAL B 949 -12.44 49.04 1.16
CA VAL B 949 -13.57 48.13 1.30
C VAL B 949 -14.50 48.59 2.42
N LEU B 950 -15.79 48.68 2.12
CA LEU B 950 -16.78 49.13 3.10
C LEU B 950 -17.84 48.07 3.35
N GLN B 951 -18.19 47.89 4.63
CA GLN B 951 -19.27 46.99 5.01
C GLN B 951 -20.57 47.77 5.18
N ALA B 952 -21.59 47.37 4.43
CA ALA B 952 -22.86 48.07 4.41
C ALA B 952 -23.54 48.14 5.78
N GLY B 953 -23.41 47.07 6.55
CA GLY B 953 -24.03 46.99 7.86
C GLY B 953 -23.54 48.03 8.84
N GLN B 954 -22.32 48.52 8.62
CA GLN B 954 -21.72 49.52 9.49
C GLN B 954 -22.26 50.93 9.24
N TYR B 955 -23.26 51.03 8.37
CA TYR B 955 -23.81 52.33 8.01
C TYR B 955 -25.33 52.37 8.08
N GLY B 956 -25.91 51.51 8.90
CA GLY B 956 -27.34 51.56 9.19
C GLY B 956 -28.21 50.70 8.29
N VAL B 957 -27.86 49.42 8.19
CA VAL B 957 -28.62 48.49 7.36
C VAL B 957 -28.42 47.06 7.87
N ALA B 958 -29.50 46.30 7.91
CA ALA B 958 -29.48 44.93 8.42
C ALA B 958 -29.04 43.95 7.35
N GLN B 959 -27.78 44.06 6.94
CA GLN B 959 -27.27 43.24 5.85
C GLN B 959 -25.75 43.18 5.86
N THR B 960 -25.21 41.96 5.72
CA THR B 960 -23.77 41.78 5.58
C THR B 960 -23.37 41.81 4.11
N ARG B 961 -22.77 42.92 3.69
CA ARG B 961 -22.37 43.09 2.31
C ARG B 961 -21.21 44.06 2.18
N ARG B 962 -20.08 43.57 1.69
CA ARG B 962 -18.90 44.40 1.50
C ARG B 962 -18.81 44.89 0.05
N ARG B 963 -18.27 46.08 -0.13
CA ARG B 963 -18.09 46.64 -1.46
C ARG B 963 -16.70 47.23 -1.63
N ALA B 964 -16.15 47.09 -2.83
CA ALA B 964 -14.90 47.76 -3.17
C ALA B 964 -15.23 49.13 -3.76
N ILE B 965 -14.60 50.16 -3.21
CA ILE B 965 -14.85 51.52 -3.65
C ILE B 965 -13.58 52.21 -4.10
N ILE B 966 -13.52 52.60 -5.37
CA ILE B 966 -12.38 53.37 -5.87
C ILE B 966 -12.77 54.84 -5.96
N LEU B 967 -12.07 55.67 -5.20
CA LEU B 967 -12.30 57.11 -5.22
C LEU B 967 -11.25 57.81 -6.06
N ALA B 968 -11.64 58.88 -6.73
CA ALA B 968 -10.69 59.66 -7.51
C ALA B 968 -11.08 61.13 -7.56
N ALA B 969 -10.08 62.00 -7.39
CA ALA B 969 -10.30 63.44 -7.39
C ALA B 969 -9.38 64.13 -8.39
N ALA B 970 -9.92 65.12 -9.10
CA ALA B 970 -9.16 65.88 -10.08
C ALA B 970 -8.04 66.67 -9.40
N PRO B 971 -7.01 67.07 -10.17
CA PRO B 971 -6.00 67.97 -9.61
C PRO B 971 -6.60 69.33 -9.28
N GLY B 972 -6.26 69.86 -8.11
CA GLY B 972 -6.87 71.09 -7.62
C GLY B 972 -8.03 70.77 -6.69
N GLU B 973 -8.22 69.48 -6.47
CA GLU B 973 -9.30 69.00 -5.60
C GLU B 973 -8.71 68.22 -4.42
N LYS B 974 -9.53 68.01 -3.39
CA LYS B 974 -9.12 67.21 -2.25
C LYS B 974 -9.64 65.79 -2.39
N LEU B 975 -8.73 64.82 -2.31
CA LEU B 975 -9.12 63.41 -2.37
C LEU B 975 -9.84 63.01 -1.08
N PRO B 976 -11.13 62.67 -1.21
CA PRO B 976 -11.96 62.37 -0.04
C PRO B 976 -11.52 61.13 0.74
N LEU B 977 -11.85 61.13 2.03
CA LEU B 977 -11.59 59.97 2.89
C LEU B 977 -12.78 59.01 2.84
N PHE B 978 -12.57 57.79 3.30
CA PHE B 978 -13.67 56.84 3.42
C PHE B 978 -14.40 57.08 4.74
N PRO B 979 -15.74 56.94 4.73
CA PRO B 979 -16.56 57.26 5.90
C PRO B 979 -16.33 56.31 7.08
N GLU B 980 -16.35 56.86 8.29
CA GLU B 980 -16.24 56.06 9.50
C GLU B 980 -17.56 55.33 9.76
N PRO B 981 -17.46 54.06 10.22
CA PRO B 981 -18.63 53.26 10.57
C PRO B 981 -19.53 53.95 11.59
N LEU B 982 -20.81 54.12 11.23
CA LEU B 982 -21.77 54.77 12.10
C LEU B 982 -22.41 53.77 13.06
N HIS B 983 -22.41 52.50 12.67
CA HIS B 983 -23.07 51.46 13.45
C HIS B 983 -22.14 50.32 13.81
N VAL B 984 -22.24 49.84 15.04
CA VAL B 984 -21.50 48.67 15.47
C VAL B 984 -21.97 47.46 14.68
N PHE B 985 -21.04 46.55 14.41
CA PHE B 985 -21.35 45.41 13.55
C PHE B 985 -20.40 44.25 13.84
N ALA B 986 -20.81 43.03 13.50
CA ALA B 986 -20.01 41.85 13.76
C ALA B 986 -18.65 41.92 13.04
N PRO B 987 -17.56 41.75 13.81
CA PRO B 987 -16.18 41.87 13.32
C PRO B 987 -15.85 40.89 12.20
N ARG B 988 -16.49 39.72 12.23
CA ARG B 988 -16.30 38.71 11.19
C ARG B 988 -16.75 39.25 9.83
N ALA B 989 -17.69 40.19 9.86
CA ALA B 989 -18.20 40.80 8.64
C ALA B 989 -17.54 42.15 8.35
N CYS B 990 -16.50 42.47 9.12
CA CYS B 990 -15.84 43.77 8.98
C CYS B 990 -14.35 43.64 8.63
N GLN B 991 -14.02 42.64 7.84
CA GLN B 991 -12.66 42.48 7.35
C GLN B 991 -12.44 43.38 6.14
N LEU B 992 -11.95 44.59 6.39
CA LEU B 992 -11.88 45.63 5.37
C LEU B 992 -10.51 45.77 4.73
N SER B 993 -9.55 44.97 5.17
CA SER B 993 -8.18 45.07 4.67
C SER B 993 -8.02 44.38 3.32
N VAL B 994 -7.03 44.83 2.55
CA VAL B 994 -6.77 44.28 1.23
C VAL B 994 -5.29 43.91 1.08
N VAL B 995 -5.03 42.74 0.49
CA VAL B 995 -3.66 42.31 0.23
C VAL B 995 -3.34 42.34 -1.26
N VAL B 996 -2.33 43.12 -1.63
CA VAL B 996 -1.88 43.20 -3.02
C VAL B 996 -0.37 42.99 -3.11
N ASP B 997 0.03 41.91 -3.78
CA ASP B 997 1.44 41.54 -3.91
C ASP B 997 2.11 41.41 -2.54
N ASP B 998 1.40 40.75 -1.62
CA ASP B 998 1.86 40.54 -0.24
C ASP B 998 2.16 41.85 0.47
N LYS B 999 1.48 42.91 0.05
CA LYS B 999 1.49 44.18 0.77
C LYS B 999 0.08 44.44 1.29
N LYS B 1000 -0.06 44.50 2.61
CA LYS B 1000 -1.38 44.69 3.22
C LYS B 1000 -1.78 46.16 3.21
N PHE B 1001 -2.93 46.44 2.61
CA PHE B 1001 -3.41 47.82 2.53
C PHE B 1001 -4.67 48.01 3.37
N VAL B 1002 -4.87 49.24 3.82
CA VAL B 1002 -5.87 49.56 4.83
C VAL B 1002 -6.46 50.95 4.52
N SER B 1003 -7.70 51.19 4.93
CA SER B 1003 -8.30 52.51 4.70
C SER B 1003 -8.11 53.41 5.92
N ASN B 1004 -8.52 54.66 5.79
CA ASN B 1004 -8.38 55.64 6.86
C ASN B 1004 -9.26 55.34 8.08
N ILE B 1005 -10.18 54.40 7.90
CA ILE B 1005 -11.14 54.03 8.95
C ILE B 1005 -10.46 53.62 10.25
N THR B 1006 -10.80 54.29 11.33
CA THR B 1006 -10.22 54.01 12.65
C THR B 1006 -11.17 53.23 13.54
N ARG B 1007 -12.47 53.39 13.32
CA ARG B 1007 -13.47 52.65 14.07
C ARG B 1007 -13.53 51.19 13.63
N LEU B 1008 -12.86 50.32 14.38
CA LEU B 1008 -12.86 48.90 14.07
C LEU B 1008 -13.98 48.18 14.83
N SER B 1009 -15.07 47.90 14.12
CA SER B 1009 -16.25 47.21 14.65
C SER B 1009 -17.00 48.01 15.73
N SER B 1010 -16.41 49.12 16.18
CA SER B 1010 -17.05 49.98 17.17
C SER B 1010 -17.81 51.11 16.48
N GLY B 1011 -18.55 51.89 17.24
CA GLY B 1011 -19.33 52.97 16.69
C GLY B 1011 -20.33 53.58 17.67
N PRO B 1012 -20.94 54.71 17.29
CA PRO B 1012 -21.88 55.44 18.14
C PRO B 1012 -23.28 54.83 18.19
N PHE B 1013 -23.74 54.25 17.09
CA PHE B 1013 -25.11 53.73 17.02
C PHE B 1013 -25.17 52.22 17.03
N ARG B 1014 -26.28 51.68 17.53
CA ARG B 1014 -26.47 50.24 17.62
C ARG B 1014 -26.74 49.63 16.25
N THR B 1015 -26.64 48.30 16.18
CA THR B 1015 -26.86 47.58 14.93
C THR B 1015 -28.31 47.62 14.49
N ILE B 1016 -28.54 47.89 13.21
CA ILE B 1016 -29.88 47.80 12.64
C ILE B 1016 -30.20 46.33 12.35
N THR B 1017 -31.32 45.85 12.89
CA THR B 1017 -31.69 44.44 12.75
C THR B 1017 -32.82 44.25 11.76
N VAL B 1018 -33.18 42.99 11.53
CA VAL B 1018 -34.30 42.65 10.66
C VAL B 1018 -35.60 43.18 11.28
N ARG B 1019 -35.66 43.17 12.60
CA ARG B 1019 -36.81 43.70 13.32
C ARG B 1019 -36.99 45.20 13.03
N ASP B 1020 -35.90 45.95 13.10
CA ASP B 1020 -35.92 47.37 12.78
C ASP B 1020 -36.31 47.60 11.32
N THR B 1021 -36.16 46.56 10.53
CA THR B 1021 -36.27 46.66 9.07
C THR B 1021 -37.69 46.42 8.56
N MET B 1022 -38.42 45.48 9.15
CA MET B 1022 -39.69 45.04 8.57
C MET B 1022 -40.75 44.59 9.56
N SER B 1023 -40.59 44.89 10.84
CA SER B 1023 -41.53 44.43 11.85
C SER B 1023 -42.89 45.13 11.75
N ASP B 1024 -42.96 46.20 10.96
CA ASP B 1024 -44.17 47.00 10.86
C ASP B 1024 -45.03 46.61 9.67
N LEU B 1025 -44.45 45.89 8.72
CA LEU B 1025 -45.17 45.52 7.50
C LEU B 1025 -46.26 44.48 7.78
N PRO B 1026 -47.45 44.71 7.21
CA PRO B 1026 -48.60 43.81 7.37
C PRO B 1026 -48.35 42.41 6.81
N GLU B 1027 -49.07 41.43 7.35
CA GLU B 1027 -48.96 40.06 6.88
C GLU B 1027 -49.41 39.90 5.44
N VAL B 1028 -48.61 39.18 4.66
CA VAL B 1028 -49.00 38.80 3.31
C VAL B 1028 -48.71 37.32 3.11
N ARG B 1029 -49.29 36.74 2.06
CA ARG B 1029 -49.13 35.31 1.81
C ARG B 1029 -48.10 35.03 0.72
N ASN B 1030 -47.78 33.76 0.54
CA ASN B 1030 -46.94 33.31 -0.55
C ASN B 1030 -47.58 33.64 -1.89
N GLY B 1031 -46.91 34.47 -2.68
CA GLY B 1031 -47.42 34.86 -3.99
C GLY B 1031 -48.27 36.11 -3.96
N ALA B 1032 -48.13 36.91 -2.90
CA ALA B 1032 -48.84 38.18 -2.81
C ALA B 1032 -48.57 39.03 -4.04
N SER B 1033 -49.62 39.64 -4.59
CA SER B 1033 -49.50 40.38 -5.84
C SER B 1033 -50.21 41.73 -5.83
N ALA B 1034 -50.70 42.14 -4.66
CA ALA B 1034 -51.38 43.43 -4.52
C ALA B 1034 -50.36 44.57 -4.40
N LEU B 1035 -50.14 45.27 -5.51
CA LEU B 1035 -49.10 46.31 -5.58
C LEU B 1035 -49.27 47.43 -4.56
N GLU B 1036 -50.49 47.91 -4.38
CA GLU B 1036 -50.74 49.03 -3.49
C GLU B 1036 -51.68 48.64 -2.36
N ILE B 1037 -51.16 48.62 -1.13
CA ILE B 1037 -51.96 48.27 0.04
C ILE B 1037 -51.74 49.26 1.17
N SER B 1038 -52.39 49.00 2.31
CA SER B 1038 -52.27 49.86 3.48
C SER B 1038 -51.23 49.31 4.45
N TYR B 1039 -50.54 50.22 5.13
CA TYR B 1039 -49.58 49.83 6.16
C TYR B 1039 -50.28 49.15 7.33
N ASN B 1040 -51.55 49.52 7.53
CA ASN B 1040 -52.38 48.96 8.59
C ASN B 1040 -51.72 49.10 9.96
N GLY B 1041 -51.16 50.27 10.22
CA GLY B 1041 -50.47 50.53 11.46
C GLY B 1041 -49.41 51.61 11.32
N GLU B 1042 -48.85 52.02 12.45
CA GLU B 1042 -47.82 53.05 12.48
C GLU B 1042 -46.42 52.42 12.51
N PRO B 1043 -45.39 53.19 12.11
CA PRO B 1043 -44.02 52.69 12.22
C PRO B 1043 -43.66 52.29 13.64
N GLN B 1044 -42.78 51.31 13.78
CA GLN B 1044 -42.44 50.78 15.09
C GLN B 1044 -41.00 51.13 15.51
N SER B 1045 -40.09 51.11 14.55
CA SER B 1045 -38.69 51.41 14.84
C SER B 1045 -38.29 52.78 14.30
N TRP B 1046 -37.18 53.30 14.80
CA TRP B 1046 -36.59 54.52 14.29
C TRP B 1046 -36.33 54.38 12.79
N PHE B 1047 -35.82 53.21 12.42
CA PHE B 1047 -35.51 52.89 11.03
C PHE B 1047 -36.73 53.01 10.12
N GLN B 1048 -37.86 52.49 10.61
CA GLN B 1048 -39.10 52.51 9.84
C GLN B 1048 -39.70 53.91 9.76
N ARG B 1049 -39.56 54.69 10.84
CA ARG B 1049 -40.06 56.06 10.86
C ARG B 1049 -39.33 56.91 9.82
N GLN B 1050 -38.05 56.64 9.63
CA GLN B 1050 -37.24 57.39 8.69
C GLN B 1050 -37.51 57.03 7.24
N LEU B 1051 -37.79 55.75 6.99
CA LEU B 1051 -37.99 55.28 5.62
C LEU B 1051 -39.43 55.46 5.14
N ARG B 1052 -40.38 55.41 6.06
CA ARG B 1052 -41.78 55.66 5.71
C ARG B 1052 -41.95 57.12 5.27
N GLY B 1053 -41.26 58.02 5.96
CA GLY B 1053 -41.31 59.43 5.62
C GLY B 1053 -42.13 60.24 6.60
N ALA B 1054 -42.54 61.43 6.17
CA ALA B 1054 -43.34 62.32 7.00
C ALA B 1054 -44.62 62.77 6.29
N GLN B 1055 -45.22 61.85 5.51
CA GLN B 1055 -46.55 62.08 4.95
C GLN B 1055 -47.46 60.94 5.42
N TYR B 1056 -48.42 61.29 6.26
CA TYR B 1056 -49.09 60.30 7.10
C TYR B 1056 -50.45 59.85 6.57
N GLN B 1057 -50.49 59.55 5.28
CA GLN B 1057 -51.51 58.67 4.71
C GLN B 1057 -50.91 57.91 3.53
N PRO B 1058 -49.72 57.32 3.73
CA PRO B 1058 -48.98 56.83 2.57
C PRO B 1058 -49.43 55.44 2.11
N ILE B 1059 -49.08 55.11 0.87
CA ILE B 1059 -49.39 53.81 0.32
C ILE B 1059 -48.20 52.87 0.45
N LEU B 1060 -48.43 51.68 0.99
CA LEU B 1060 -47.40 50.66 1.02
C LEU B 1060 -47.29 50.00 -0.35
N ARG B 1061 -46.23 50.35 -1.06
CA ARG B 1061 -46.04 49.85 -2.42
C ARG B 1061 -45.12 48.63 -2.47
N ASP B 1062 -45.44 47.70 -3.37
CA ASP B 1062 -44.58 46.58 -3.70
C ASP B 1062 -44.26 45.67 -2.52
N HIS B 1063 -45.15 45.59 -1.54
CA HIS B 1063 -45.02 44.56 -0.50
C HIS B 1063 -45.42 43.24 -1.16
N ILE B 1064 -44.55 42.76 -2.03
CA ILE B 1064 -44.90 41.73 -2.99
C ILE B 1064 -43.85 40.62 -3.01
N CYS B 1065 -44.30 39.37 -3.13
CA CYS B 1065 -43.38 38.24 -3.07
C CYS B 1065 -43.71 37.15 -4.08
N LYS B 1066 -42.71 36.34 -4.39
CA LYS B 1066 -42.82 35.31 -5.42
C LYS B 1066 -43.84 34.23 -5.06
N ASP B 1067 -44.48 33.67 -6.08
CA ASP B 1067 -45.41 32.56 -5.89
C ASP B 1067 -44.68 31.23 -5.97
N MET B 1068 -44.11 30.81 -4.86
CA MET B 1068 -43.33 29.58 -4.80
C MET B 1068 -44.22 28.38 -5.09
N SER B 1069 -43.61 27.30 -5.59
CA SER B 1069 -44.34 26.10 -5.98
C SER B 1069 -45.01 25.43 -4.78
N ALA B 1070 -45.90 24.48 -5.06
CA ALA B 1070 -46.64 23.77 -4.03
C ALA B 1070 -45.73 23.10 -3.02
N LEU B 1071 -44.71 22.38 -3.51
CA LEU B 1071 -43.79 21.65 -2.67
C LEU B 1071 -42.98 22.59 -1.77
N VAL B 1072 -42.44 23.65 -2.37
CA VAL B 1072 -41.65 24.62 -1.64
C VAL B 1072 -42.50 25.35 -0.59
N ALA B 1073 -43.75 25.67 -0.98
CA ALA B 1073 -44.67 26.34 -0.07
C ALA B 1073 -44.96 25.47 1.15
N ALA B 1074 -45.11 24.17 0.93
CA ALA B 1074 -45.35 23.24 2.04
C ALA B 1074 -44.13 23.13 2.94
N ARG B 1075 -42.94 23.24 2.36
CA ARG B 1075 -41.71 23.18 3.12
C ARG B 1075 -41.55 24.38 4.04
N MET B 1076 -41.87 25.56 3.53
CA MET B 1076 -41.78 26.79 4.30
C MET B 1076 -42.72 26.76 5.50
N ARG B 1077 -43.90 26.17 5.30
CA ARG B 1077 -44.91 26.09 6.36
C ARG B 1077 -44.44 25.21 7.52
N HIS B 1078 -43.46 24.35 7.26
CA HIS B 1078 -43.00 23.42 8.28
C HIS B 1078 -41.60 23.75 8.79
N ILE B 1079 -41.08 24.91 8.40
CA ILE B 1079 -39.88 25.44 9.03
C ILE B 1079 -40.28 26.19 10.29
N PRO B 1080 -39.88 25.67 11.46
CA PRO B 1080 -40.25 26.26 12.75
C PRO B 1080 -39.81 27.71 12.87
N LEU B 1081 -40.41 28.45 13.80
CA LEU B 1081 -40.17 29.88 13.91
C LEU B 1081 -38.97 30.20 14.80
N ALA B 1082 -38.54 29.22 15.59
CA ALA B 1082 -37.39 29.40 16.47
C ALA B 1082 -36.15 29.77 15.66
N PRO B 1083 -35.45 30.82 16.07
CA PRO B 1083 -34.26 31.31 15.37
C PRO B 1083 -33.21 30.21 15.18
N GLY B 1084 -32.65 30.12 13.98
CA GLY B 1084 -31.67 29.09 13.66
C GLY B 1084 -32.31 27.90 12.97
N SER B 1085 -33.57 28.04 12.59
CA SER B 1085 -34.30 26.96 11.93
C SER B 1085 -34.06 26.95 10.43
N ASP B 1086 -33.74 25.77 9.90
CA ASP B 1086 -33.64 25.59 8.46
C ASP B 1086 -34.20 24.24 8.03
N TRP B 1087 -33.73 23.74 6.88
CA TRP B 1087 -34.28 22.51 6.30
C TRP B 1087 -34.11 21.30 7.20
N ARG B 1088 -33.12 21.33 8.07
CA ARG B 1088 -32.83 20.20 8.96
C ARG B 1088 -33.90 20.02 10.03
N ASP B 1089 -34.82 20.96 10.12
CA ASP B 1089 -35.92 20.89 11.08
C ASP B 1089 -37.20 20.37 10.44
N LEU B 1090 -37.14 20.12 9.13
CA LEU B 1090 -38.31 19.62 8.40
C LEU B 1090 -38.76 18.24 8.89
N PRO B 1091 -40.07 18.06 9.04
CA PRO B 1091 -40.63 16.76 9.44
C PRO B 1091 -40.77 15.80 8.26
N ASN B 1092 -40.47 14.53 8.49
CA ASN B 1092 -40.63 13.52 7.44
C ASN B 1092 -42.05 12.97 7.47
N ILE B 1093 -42.97 13.67 6.83
CA ILE B 1093 -44.38 13.32 6.89
C ILE B 1093 -45.04 13.35 5.52
N GLU B 1094 -46.18 12.66 5.41
CA GLU B 1094 -47.01 12.73 4.21
C GLU B 1094 -47.95 13.93 4.28
N VAL B 1095 -47.87 14.80 3.29
CA VAL B 1095 -48.76 15.95 3.21
C VAL B 1095 -49.28 16.14 1.80
N ARG B 1096 -50.56 16.50 1.69
CA ARG B 1096 -51.12 16.83 0.39
C ARG B 1096 -50.69 18.25 0.00
N LEU B 1097 -50.03 18.36 -1.15
CA LEU B 1097 -49.56 19.65 -1.62
C LEU B 1097 -50.67 20.42 -2.31
N SER B 1098 -50.45 21.70 -2.54
CA SER B 1098 -51.50 22.56 -3.10
C SER B 1098 -51.78 22.26 -4.56
N ASP B 1099 -50.99 21.38 -5.16
CA ASP B 1099 -51.20 21.04 -6.57
C ASP B 1099 -51.92 19.70 -6.72
N GLY B 1100 -52.46 19.19 -5.62
CA GLY B 1100 -53.24 17.96 -5.64
C GLY B 1100 -52.40 16.71 -5.40
N THR B 1101 -51.09 16.84 -5.56
CA THR B 1101 -50.19 15.70 -5.38
C THR B 1101 -49.90 15.44 -3.91
N MET B 1102 -49.47 14.22 -3.62
CA MET B 1102 -49.05 13.84 -2.27
C MET B 1102 -47.53 13.84 -2.16
N ALA B 1103 -47.01 14.50 -1.13
CA ALA B 1103 -45.59 14.43 -0.83
C ALA B 1103 -45.35 13.26 0.11
N ARG B 1104 -44.77 12.18 -0.42
CA ARG B 1104 -44.52 10.99 0.37
C ARG B 1104 -43.28 11.17 1.25
N LYS B 1105 -43.20 10.37 2.30
CA LYS B 1105 -42.08 10.42 3.23
C LYS B 1105 -40.76 10.06 2.54
N LEU B 1106 -39.68 10.68 2.99
CA LEU B 1106 -38.35 10.35 2.48
C LEU B 1106 -37.92 9.00 3.00
N ARG B 1107 -37.59 8.09 2.09
CA ARG B 1107 -37.14 6.75 2.46
C ARG B 1107 -35.63 6.68 2.59
N TYR B 1108 -35.16 6.20 3.74
CA TYR B 1108 -33.73 6.04 3.97
C TYR B 1108 -33.34 4.60 3.65
N THR B 1109 -32.38 4.45 2.73
CA THR B 1109 -32.13 3.17 2.10
C THR B 1109 -30.74 2.58 2.38
N HIS B 1110 -29.82 3.40 2.86
CA HIS B 1110 -28.46 2.94 3.10
C HIS B 1110 -27.91 3.38 4.44
N HIS B 1111 -26.86 2.70 4.89
CA HIS B 1111 -26.22 3.03 6.16
C HIS B 1111 -24.99 3.92 5.93
N ASP B 1112 -25.00 5.10 6.55
CA ASP B 1112 -23.87 6.02 6.46
C ASP B 1112 -22.99 5.88 7.68
N ARG B 1113 -21.75 5.41 7.48
CA ARG B 1113 -20.83 5.19 8.59
C ARG B 1113 -20.14 6.47 9.03
N LYS B 1114 -20.39 7.57 8.32
CA LYS B 1114 -19.84 8.86 8.72
C LYS B 1114 -20.83 9.62 9.59
N ASN B 1115 -22.08 9.16 9.61
CA ASN B 1115 -23.12 9.76 10.44
C ASN B 1115 -23.74 8.76 11.40
N GLY B 1116 -23.59 7.47 11.08
CA GLY B 1116 -24.13 6.42 11.91
C GLY B 1116 -25.63 6.26 11.75
N ARG B 1117 -26.22 5.39 12.55
CA ARG B 1117 -27.67 5.22 12.57
C ARG B 1117 -28.28 6.19 13.58
N SER B 1118 -29.58 6.37 13.53
CA SER B 1118 -30.28 7.22 14.48
C SER B 1118 -30.37 6.53 15.84
N SER B 1119 -30.81 7.25 16.85
CA SER B 1119 -30.98 6.69 18.18
C SER B 1119 -32.05 5.60 18.17
N SER B 1120 -32.96 5.68 17.22
CA SER B 1120 -34.01 4.67 17.05
C SER B 1120 -33.48 3.48 16.27
N GLY B 1121 -32.32 3.65 15.65
CA GLY B 1121 -31.70 2.58 14.88
C GLY B 1121 -32.03 2.63 13.40
N ALA B 1122 -32.47 3.79 12.94
CA ALA B 1122 -32.83 3.96 11.54
C ALA B 1122 -31.64 4.38 10.69
N LEU B 1123 -31.69 4.05 9.41
CA LEU B 1123 -30.64 4.43 8.46
C LEU B 1123 -30.67 5.94 8.23
N ARG B 1124 -29.51 6.51 7.90
CA ARG B 1124 -29.42 7.94 7.63
C ARG B 1124 -28.88 8.21 6.23
N GLY B 1125 -28.35 7.17 5.60
CA GLY B 1125 -27.90 7.26 4.23
C GLY B 1125 -29.10 7.27 3.30
N VAL B 1126 -28.97 7.95 2.17
CA VAL B 1126 -30.09 8.16 1.28
C VAL B 1126 -29.74 7.71 -0.14
N CYS B 1127 -28.44 7.52 -0.37
CA CYS B 1127 -27.96 6.94 -1.62
C CYS B 1127 -26.89 5.88 -1.32
N SER B 1128 -26.49 5.14 -2.36
CA SER B 1128 -25.50 4.09 -2.21
C SER B 1128 -24.09 4.66 -2.03
N CYS B 1129 -23.92 5.94 -2.32
CA CYS B 1129 -22.61 6.58 -2.31
C CYS B 1129 -22.12 6.88 -0.89
N VAL B 1130 -22.89 6.49 0.12
CA VAL B 1130 -22.44 6.63 1.50
C VAL B 1130 -21.50 5.48 1.85
N GLU B 1131 -21.56 4.42 1.07
CA GLU B 1131 -20.64 3.30 1.20
C GLU B 1131 -19.30 3.70 0.58
N ALA B 1132 -18.23 3.08 1.06
CA ALA B 1132 -16.88 3.44 0.62
C ALA B 1132 -16.61 3.00 -0.83
N GLY B 1133 -16.33 3.98 -1.68
CA GLY B 1133 -15.93 3.71 -3.05
C GLY B 1133 -17.02 3.14 -3.94
N LYS B 1134 -18.26 3.49 -3.66
CA LYS B 1134 -19.40 3.00 -4.44
C LYS B 1134 -20.06 4.12 -5.23
N ALA B 1135 -20.44 3.82 -6.47
CA ALA B 1135 -21.09 4.81 -7.33
C ALA B 1135 -22.51 5.09 -6.85
N CYS B 1136 -23.05 6.23 -7.28
CA CYS B 1136 -24.43 6.57 -6.94
C CYS B 1136 -25.38 5.58 -7.60
N ASP B 1137 -26.52 5.34 -6.95
CA ASP B 1137 -27.48 4.36 -7.44
C ASP B 1137 -28.77 5.04 -7.89
N PRO B 1138 -29.09 4.95 -9.19
CA PRO B 1138 -30.40 5.39 -9.66
C PRO B 1138 -31.50 4.53 -9.06
N ALA B 1139 -32.75 5.00 -9.14
CA ALA B 1139 -33.90 4.36 -8.49
C ALA B 1139 -33.76 4.36 -6.97
N ALA B 1140 -32.74 5.06 -6.47
CA ALA B 1140 -32.64 5.40 -5.06
C ALA B 1140 -33.00 6.87 -4.92
N ARG B 1141 -32.99 7.56 -6.06
CA ARG B 1141 -33.45 8.95 -6.12
C ARG B 1141 -34.91 9.03 -5.72
N GLN B 1142 -35.26 10.07 -5.00
CA GLN B 1142 -36.64 10.32 -4.61
C GLN B 1142 -36.96 11.79 -4.81
N PHE B 1143 -38.16 12.08 -5.31
CA PHE B 1143 -38.54 13.48 -5.49
C PHE B 1143 -39.96 13.74 -4.99
N ASN B 1144 -40.35 15.01 -5.02
CA ASN B 1144 -41.62 15.47 -4.47
C ASN B 1144 -41.77 15.04 -3.01
N THR B 1145 -40.71 15.23 -2.24
CA THR B 1145 -40.74 14.95 -0.81
C THR B 1145 -40.52 16.24 -0.02
N LEU B 1146 -41.07 16.31 1.18
CA LEU B 1146 -40.95 17.50 2.01
C LEU B 1146 -39.49 17.77 2.34
N ILE B 1147 -38.80 16.75 2.81
CA ILE B 1147 -37.36 16.82 2.97
C ILE B 1147 -36.70 16.53 1.62
N PRO B 1148 -36.06 17.55 1.03
CA PRO B 1148 -35.45 17.41 -0.29
C PRO B 1148 -34.38 16.33 -0.30
N TRP B 1149 -34.59 15.29 -1.11
CA TRP B 1149 -33.68 14.15 -1.19
C TRP B 1149 -32.22 14.53 -1.42
N CYS B 1150 -32.02 15.60 -2.19
CA CYS B 1150 -30.67 16.01 -2.58
C CYS B 1150 -29.86 16.58 -1.42
N LEU B 1151 -30.53 16.97 -0.34
CA LEU B 1151 -29.84 17.58 0.79
C LEU B 1151 -29.17 16.56 1.73
N PRO B 1152 -29.87 15.46 2.10
CA PRO B 1152 -29.10 14.44 2.81
C PRO B 1152 -28.12 13.72 1.87
N HIS B 1153 -28.37 13.83 0.58
CA HIS B 1153 -27.53 13.19 -0.42
C HIS B 1153 -26.13 13.80 -0.47
N THR B 1154 -26.08 15.13 -0.45
CA THR B 1154 -24.80 15.83 -0.60
C THR B 1154 -24.45 16.69 0.61
N GLY B 1155 -25.18 16.49 1.71
CA GLY B 1155 -24.99 17.29 2.91
C GLY B 1155 -23.61 17.17 3.53
N ASN B 1156 -23.09 15.96 3.58
CA ASN B 1156 -21.78 15.72 4.20
C ASN B 1156 -20.64 16.44 3.49
N ARG B 1157 -20.83 16.71 2.20
CA ARG B 1157 -19.81 17.39 1.42
C ARG B 1157 -19.90 18.92 1.52
N HIS B 1158 -20.99 19.43 2.10
CA HIS B 1158 -21.22 20.86 2.12
C HIS B 1158 -21.83 21.37 3.43
N ASN B 1159 -21.20 21.02 4.55
CA ASN B 1159 -21.60 21.54 5.87
C ASN B 1159 -23.09 21.32 6.18
N HIS B 1160 -23.62 20.19 5.74
CA HIS B 1160 -25.02 19.82 5.96
C HIS B 1160 -25.99 20.84 5.37
N TRP B 1161 -25.52 21.62 4.40
CA TRP B 1161 -26.33 22.66 3.75
C TRP B 1161 -26.98 23.58 4.78
N ALA B 1162 -26.24 23.92 5.84
CA ALA B 1162 -26.75 24.77 6.89
C ALA B 1162 -27.14 26.15 6.36
N GLY B 1163 -28.39 26.52 6.57
CA GLY B 1163 -28.88 27.81 6.10
C GLY B 1163 -29.96 27.69 5.04
N LEU B 1164 -29.91 26.62 4.25
CA LEU B 1164 -30.91 26.40 3.21
C LEU B 1164 -32.29 26.21 3.83
N TYR B 1165 -33.28 26.89 3.27
CA TYR B 1165 -34.63 26.96 3.83
C TYR B 1165 -34.62 27.54 5.23
N GLY B 1166 -33.60 28.34 5.53
CA GLY B 1166 -33.47 28.98 6.83
C GLY B 1166 -34.25 30.27 6.90
N ARG B 1167 -34.84 30.54 8.06
CA ARG B 1167 -35.56 31.78 8.27
C ARG B 1167 -34.63 32.90 8.71
N LEU B 1168 -34.95 34.12 8.33
CA LEU B 1168 -34.25 35.29 8.86
C LEU B 1168 -34.55 35.41 10.35
N GLU B 1169 -33.59 35.94 11.10
CA GLU B 1169 -33.80 36.17 12.53
C GLU B 1169 -34.12 37.64 12.79
N TRP B 1170 -35.05 37.88 13.69
CA TRP B 1170 -35.44 39.25 14.05
C TRP B 1170 -34.25 40.04 14.57
N ASP B 1171 -33.37 39.36 15.31
CA ASP B 1171 -32.16 39.99 15.85
C ASP B 1171 -31.03 39.98 14.83
N GLY B 1172 -31.28 39.36 13.67
CA GLY B 1172 -30.24 39.16 12.69
C GLY B 1172 -30.26 40.11 11.51
N PHE B 1173 -29.80 39.61 10.37
CA PHE B 1173 -29.64 40.44 9.18
C PHE B 1173 -29.75 39.61 7.90
N PHE B 1174 -29.84 40.29 6.76
CA PHE B 1174 -29.78 39.63 5.47
C PHE B 1174 -28.34 39.17 5.21
N SER B 1175 -28.19 37.94 4.72
CA SER B 1175 -26.86 37.39 4.50
C SER B 1175 -26.11 38.08 3.36
N THR B 1176 -26.87 38.68 2.45
CA THR B 1176 -26.28 39.42 1.33
C THR B 1176 -27.33 40.27 0.64
N THR B 1177 -26.97 40.84 -0.50
CA THR B 1177 -27.93 41.58 -1.33
C THR B 1177 -28.79 40.59 -2.12
N VAL B 1178 -30.08 40.57 -1.81
CA VAL B 1178 -31.00 39.63 -2.44
C VAL B 1178 -31.53 40.15 -3.77
N THR B 1179 -31.39 39.35 -4.82
CA THR B 1179 -31.84 39.74 -6.15
C THR B 1179 -32.96 38.84 -6.64
N ASN B 1180 -33.00 37.61 -6.13
CA ASN B 1180 -34.03 36.65 -6.49
C ASN B 1180 -34.08 35.54 -5.44
N PRO B 1181 -34.88 35.75 -4.39
CA PRO B 1181 -34.93 34.90 -3.19
C PRO B 1181 -35.36 33.47 -3.46
N GLU B 1182 -34.41 32.54 -3.33
CA GLU B 1182 -34.66 31.12 -3.44
C GLU B 1182 -34.11 30.39 -2.22
N PRO B 1183 -34.94 29.53 -1.61
CA PRO B 1183 -34.60 28.81 -0.37
C PRO B 1183 -33.34 27.95 -0.50
N MET B 1184 -33.10 27.40 -1.69
CA MET B 1184 -31.91 26.59 -1.92
C MET B 1184 -30.92 27.33 -2.83
N GLY B 1185 -31.03 28.65 -2.85
CA GLY B 1185 -30.17 29.48 -3.69
C GLY B 1185 -28.84 29.79 -3.06
N LYS B 1186 -28.22 30.88 -3.50
CA LYS B 1186 -26.89 31.26 -3.03
C LYS B 1186 -26.92 32.60 -2.30
N GLN B 1187 -28.12 33.10 -2.03
CA GLN B 1187 -28.27 34.42 -1.45
C GLN B 1187 -28.66 34.37 0.03
N GLY B 1188 -28.25 33.30 0.71
CA GLY B 1188 -28.47 33.17 2.13
C GLY B 1188 -29.91 32.87 2.51
N ARG B 1189 -30.27 33.15 3.75
CA ARG B 1189 -31.62 32.90 4.24
C ARG B 1189 -32.60 33.91 3.66
N VAL B 1190 -33.70 33.41 3.12
CA VAL B 1190 -34.67 34.27 2.44
C VAL B 1190 -36.11 34.02 2.89
N LEU B 1191 -36.28 33.17 3.90
CA LEU B 1191 -37.61 32.97 4.48
C LEU B 1191 -37.92 34.06 5.49
N HIS B 1192 -39.19 34.46 5.56
CA HIS B 1192 -39.63 35.43 6.56
C HIS B 1192 -39.48 34.82 7.95
N PRO B 1193 -39.14 35.65 8.94
CA PRO B 1193 -38.99 35.18 10.33
C PRO B 1193 -40.20 34.42 10.87
N GLU B 1194 -41.40 34.80 10.45
CA GLU B 1194 -42.62 34.19 10.99
C GLU B 1194 -43.57 33.69 9.90
N GLN B 1195 -43.77 34.49 8.86
CA GLN B 1195 -44.71 34.16 7.81
C GLN B 1195 -44.16 33.08 6.88
N HIS B 1196 -45.06 32.24 6.36
CA HIS B 1196 -44.67 31.09 5.56
C HIS B 1196 -44.49 31.47 4.11
N ARG B 1197 -43.50 32.31 3.85
CA ARG B 1197 -43.24 32.84 2.52
C ARG B 1197 -41.79 33.28 2.39
N VAL B 1198 -41.40 33.61 1.17
CA VAL B 1198 -40.11 34.20 0.91
C VAL B 1198 -40.23 35.72 1.05
N VAL B 1199 -39.13 36.38 1.43
CA VAL B 1199 -39.14 37.82 1.67
C VAL B 1199 -39.69 38.61 0.48
N SER B 1200 -40.37 39.71 0.77
CA SER B 1200 -41.01 40.51 -0.27
C SER B 1200 -40.05 41.53 -0.87
N VAL B 1201 -40.48 42.12 -1.99
CA VAL B 1201 -39.69 43.15 -2.65
C VAL B 1201 -39.47 44.35 -1.74
N ARG B 1202 -40.54 44.77 -1.07
CA ARG B 1202 -40.47 45.87 -0.11
C ARG B 1202 -39.50 45.54 1.02
N GLU B 1203 -39.54 44.30 1.48
CA GLU B 1203 -38.67 43.84 2.55
C GLU B 1203 -37.19 43.84 2.11
N CYS B 1204 -36.95 43.55 0.84
CA CYS B 1204 -35.60 43.61 0.30
C CYS B 1204 -35.15 45.06 0.17
N ALA B 1205 -36.07 45.92 -0.23
CA ALA B 1205 -35.79 47.36 -0.36
C ALA B 1205 -35.51 47.98 1.00
N ARG B 1206 -36.22 47.49 2.01
CA ARG B 1206 -36.01 47.93 3.38
C ARG B 1206 -34.63 47.52 3.88
N SER B 1207 -34.15 46.36 3.43
CA SER B 1207 -32.83 45.87 3.82
C SER B 1207 -31.73 46.68 3.15
N GLN B 1208 -32.07 47.34 2.05
CA GLN B 1208 -31.12 48.17 1.32
C GLN B 1208 -31.21 49.62 1.76
N GLY B 1209 -32.08 49.90 2.73
CA GLY B 1209 -32.24 51.24 3.24
C GLY B 1209 -32.95 52.17 2.27
N PHE B 1210 -33.72 51.59 1.35
CA PHE B 1210 -34.52 52.39 0.42
C PHE B 1210 -35.72 53.02 1.12
N PRO B 1211 -35.96 54.31 0.86
CA PRO B 1211 -37.19 54.95 1.34
C PRO B 1211 -38.41 54.25 0.77
N ASP B 1212 -39.47 54.14 1.55
CA ASP B 1212 -40.69 53.45 1.12
C ASP B 1212 -41.34 54.13 -0.08
N THR B 1213 -41.02 55.40 -0.29
CA THR B 1213 -41.60 56.17 -1.38
C THR B 1213 -40.80 56.02 -2.68
N TYR B 1214 -39.65 55.34 -2.60
CA TYR B 1214 -38.82 55.15 -3.78
C TYR B 1214 -39.51 54.16 -4.74
N ARG B 1215 -39.60 54.54 -6.00
CA ARG B 1215 -40.39 53.79 -6.97
C ARG B 1215 -39.59 52.74 -7.72
N LEU B 1216 -40.19 51.56 -7.87
CA LEU B 1216 -39.61 50.46 -8.63
C LEU B 1216 -40.46 50.21 -9.87
N PHE B 1217 -39.92 49.48 -10.84
CA PHE B 1217 -40.62 49.29 -12.12
C PHE B 1217 -40.47 47.89 -12.68
N GLY B 1218 -41.53 47.40 -13.34
CA GLY B 1218 -41.50 46.12 -14.01
C GLY B 1218 -42.22 45.02 -13.25
N ASN B 1219 -42.06 43.78 -13.69
CA ASN B 1219 -42.61 42.64 -12.98
C ASN B 1219 -41.85 42.43 -11.67
N ILE B 1220 -42.29 41.46 -10.88
CA ILE B 1220 -41.75 41.27 -9.54
C ILE B 1220 -40.25 40.92 -9.57
N LEU B 1221 -39.83 40.11 -10.54
CA LEU B 1221 -38.44 39.73 -10.65
C LEU B 1221 -37.59 40.91 -11.13
N ASP B 1222 -38.18 41.78 -11.94
CA ASP B 1222 -37.51 42.99 -12.37
C ASP B 1222 -37.25 43.89 -11.16
N LYS B 1223 -38.25 44.02 -10.31
CA LYS B 1223 -38.15 44.86 -9.12
C LYS B 1223 -37.18 44.27 -8.10
N HIS B 1224 -37.20 42.95 -7.96
CA HIS B 1224 -36.29 42.26 -7.05
C HIS B 1224 -34.83 42.49 -7.43
N ARG B 1225 -34.55 42.50 -8.73
CA ARG B 1225 -33.19 42.66 -9.21
C ARG B 1225 -32.71 44.11 -9.15
N GLN B 1226 -33.62 45.05 -9.41
CA GLN B 1226 -33.32 46.47 -9.25
C GLN B 1226 -32.82 46.77 -7.84
N VAL B 1227 -33.62 46.34 -6.86
CA VAL B 1227 -33.31 46.53 -5.45
C VAL B 1227 -32.00 45.86 -5.07
N GLY B 1228 -31.83 44.62 -5.50
CA GLY B 1228 -30.65 43.85 -5.17
C GLY B 1228 -29.36 44.38 -5.76
N ASN B 1229 -29.43 44.85 -7.00
CA ASN B 1229 -28.24 45.39 -7.67
C ASN B 1229 -27.79 46.72 -7.07
N ALA B 1230 -28.70 47.37 -6.36
CA ALA B 1230 -28.49 48.74 -5.92
C ALA B 1230 -27.50 48.87 -4.75
N VAL B 1231 -26.77 49.97 -4.75
CA VAL B 1231 -25.99 50.39 -3.60
C VAL B 1231 -26.95 50.98 -2.57
N PRO B 1232 -26.86 50.52 -1.31
CA PRO B 1232 -27.73 51.06 -0.27
C PRO B 1232 -27.50 52.56 -0.07
N PRO B 1233 -28.56 53.36 -0.24
CA PRO B 1233 -28.50 54.81 -0.04
C PRO B 1233 -27.85 55.27 1.28
N PRO B 1234 -28.07 54.54 2.41
CA PRO B 1234 -27.31 54.95 3.59
C PRO B 1234 -25.80 54.88 3.40
N LEU B 1235 -25.32 53.92 2.62
CA LEU B 1235 -23.89 53.80 2.35
C LEU B 1235 -23.43 54.88 1.38
N ALA B 1236 -24.22 55.11 0.34
CA ALA B 1236 -23.91 56.12 -0.65
C ALA B 1236 -23.92 57.52 -0.04
N LYS B 1237 -24.80 57.73 0.94
CA LYS B 1237 -24.87 59.02 1.63
C LYS B 1237 -23.62 59.30 2.45
N ALA B 1238 -23.16 58.28 3.18
CA ALA B 1238 -21.97 58.41 4.01
C ALA B 1238 -20.75 58.75 3.15
N ILE B 1239 -20.64 58.09 2.00
CA ILE B 1239 -19.59 58.38 1.04
C ILE B 1239 -19.78 59.79 0.48
N GLY B 1240 -21.04 60.14 0.23
CA GLY B 1240 -21.37 61.45 -0.30
C GLY B 1240 -20.99 62.59 0.63
N LEU B 1241 -21.12 62.36 1.93
CA LEU B 1241 -20.80 63.38 2.92
C LEU B 1241 -19.29 63.66 2.97
N GLU B 1242 -18.49 62.62 2.74
CA GLU B 1242 -17.04 62.77 2.70
C GLU B 1242 -16.64 63.62 1.50
N ILE B 1243 -17.42 63.54 0.44
CA ILE B 1243 -17.17 64.34 -0.76
C ILE B 1243 -17.57 65.79 -0.52
N LYS B 1244 -18.61 66.01 0.28
CA LYS B 1244 -19.05 67.35 0.62
C LYS B 1244 -17.96 68.12 1.36
N LEU B 1245 -17.25 67.43 2.24
CA LEU B 1245 -16.16 68.02 3.00
C LEU B 1245 -15.07 68.55 2.07
N CYS B 1246 -14.81 67.84 0.99
CA CYS B 1246 -13.81 68.26 0.01
C CYS B 1246 -14.29 69.45 -0.79
N MET B 1247 -15.57 69.46 -1.13
CA MET B 1247 -16.17 70.60 -1.83
C MET B 1247 -16.09 71.85 -0.96
N LEU B 1248 -16.32 71.67 0.34
CA LEU B 1248 -16.23 72.77 1.30
C LEU B 1248 -14.79 73.23 1.47
N ALA B 1249 -13.87 72.28 1.57
CA ALA B 1249 -12.46 72.58 1.76
C ALA B 1249 -11.91 73.39 0.59
N LYS B 1250 -12.29 73.02 -0.62
CA LYS B 1250 -11.84 73.73 -1.81
C LYS B 1250 -12.47 75.12 -1.89
N ALA B 1251 -13.67 75.25 -1.37
CA ALA B 1251 -14.43 76.48 -1.47
C ALA B 1251 -14.11 77.47 -0.35
N LEU B 1252 -13.64 76.95 0.78
CA LEU B 1252 -13.45 77.79 1.97
C LEU B 1252 -12.03 77.75 2.54
N THR B 1253 -11.08 77.24 1.77
CA THR B 1253 -9.70 77.18 2.22
C THR B 1253 -8.70 77.50 1.11
N ARG B 1254 -7.81 78.44 1.39
CA ARG B 1254 -6.73 78.79 0.46
C ARG B 1254 -5.38 78.42 1.07
N VAL B 1255 -4.37 78.31 0.23
CA VAL B 1255 -3.02 78.02 0.70
C VAL B 1255 -2.04 79.13 0.32
N TRP B 1256 -1.29 79.61 1.31
CA TRP B 1256 -0.27 80.63 1.06
C TRP B 1256 1.13 80.04 1.18
ZN ZN C . 11.12 -71.00 -3.90
ZN ZN D . 2.23 -2.94 2.50
ZN ZN E . -5.02 -65.26 21.70
ZN ZN F . -0.51 -64.70 7.05
ZN ZN G . 13.28 -90.90 -0.39
N SAH H . 31.49 -38.20 11.16
CA SAH H . 30.26 -37.57 10.68
CB SAH H . 29.14 -37.69 11.71
CG SAH H . 29.27 -38.84 12.68
SD SAH H . 28.07 -40.16 12.35
C SAH H . 30.49 -36.11 10.28
O SAH H . 31.51 -35.77 9.70
OXT SAH H . 29.64 -35.26 10.54
C5' SAH H . 27.34 -39.93 13.99
C4' SAH H . 28.30 -40.32 15.11
O4' SAH H . 27.72 -40.08 16.37
C3' SAH H . 28.67 -41.80 15.06
O3' SAH H . 30.03 -41.94 14.76
C2' SAH H . 28.40 -42.32 16.47
O2' SAH H . 29.53 -43.02 16.94
C1' SAH H . 28.17 -41.07 17.29
N9 SAH H . 27.19 -41.29 18.37
C8 SAH H . 26.11 -42.14 18.37
N7 SAH H . 25.49 -42.03 19.56
C5 SAH H . 26.14 -41.13 20.32
C6 SAH H . 25.93 -40.65 21.62
N6 SAH H . 24.91 -41.09 22.34
N1 SAH H . 26.80 -39.71 22.14
C2 SAH H . 27.86 -39.25 21.38
N3 SAH H . 28.06 -39.73 20.11
C4 SAH H . 27.22 -40.66 19.59
ZN ZN I . -25.29 9.24 -4.40
ZN ZN J . 12.43 65.93 6.33
ZN ZN K . -6.84 13.85 -28.41
ZN ZN L . -11.49 12.41 -14.07
ZN ZN M . -35.63 -6.21 -12.84
N SAH N . -28.01 49.60 -9.15
CA SAH N . -26.66 50.00 -8.75
CB SAH N . -25.68 49.88 -9.92
CG SAH N . -26.30 49.25 -11.16
SD SAH N . -26.18 47.46 -11.16
C SAH N . -26.64 51.41 -8.16
O SAH N . -27.63 51.87 -7.60
OXT SAH N . -25.63 52.10 -8.21
C5' SAH N . -25.36 47.51 -12.78
C4' SAH N . -26.33 47.95 -13.87
O4' SAH N . -25.62 48.25 -15.06
C3' SAH N . -27.33 46.86 -14.22
O3' SAH N . -28.63 47.30 -13.87
C2' SAH N . -27.25 46.68 -15.71
O2' SAH N . -28.53 46.74 -16.29
C1' SAH N . -26.41 47.87 -16.18
N9 SAH N . -25.57 47.53 -17.34
C8 SAH N . -24.99 46.33 -17.64
N7 SAH N . -24.31 46.47 -18.80
C5 SAH N . -24.45 47.73 -19.25
C6 SAH N . -23.97 48.40 -20.38
N6 SAH N . -23.21 47.76 -21.26
N1 SAH N . -24.29 49.72 -20.58
C2 SAH N . -25.08 50.39 -19.66
N3 SAH N . -25.55 49.72 -18.54
C4 SAH N . -25.25 48.41 -18.34
#